data_7MDT
#
_entry.id   7MDT
#
loop_
_entity.id
_entity.type
_entity.pdbx_description
1 polymer 'Surface protein gp120'
2 polymer 'Transmembrane protein gp41'
3 polymer 'Rh4O9.8 monoclonal antibody Light Chain'
4 polymer 'Rh4O9.8 monoclonal antibody Heavy Chain'
5 branched 2-acetamido-2-deoxy-beta-D-glucopyranose-(1-4)-2-acetamido-2-deoxy-beta-D-glucopyranose
6 branched beta-D-mannopyranose-(1-4)-2-acetamido-2-deoxy-beta-D-glucopyranose-(1-4)-2-acetamido-2-deoxy-beta-D-glucopyranose
7 branched alpha-D-mannopyranose-(1-3)-beta-D-mannopyranose-(1-4)-2-acetamido-2-deoxy-beta-D-glucopyranose-(1-4)-2-acetamido-2-deoxy-beta-D-glucopyranose
8 non-polymer 2-acetamido-2-deoxy-beta-D-glucopyranose
#
loop_
_entity_poly.entity_id
_entity_poly.type
_entity_poly.pdbx_seq_one_letter_code
_entity_poly.pdbx_strand_id
1 'polypeptide(L)'
;MKRGLCCVLLLCGAVFVSPSQEIHARFRRGARAENLWVTVYYGVPVWKDAETTLFCASDAKAYETKKHNVWATHCCVPTD
PNPQEIHLENVTEEFNMWKNNMVEQMHTDIISLWDQSLKPCVKLTPLCVTLQCTNVTNNITDDMRGELKNCSFNMTTELR
DKKQKVYSLFYRLDVVQINENQGNRSNNSNKEYRLINCNTSAITQACPKVSFEPIPIHYCAPAGFAILKCKDKKFNGTGP
CPSVSTVQCTHGIKPVVSTQLLLNGSLAEEEVMIRSENITNNAKNILVQFNTPVQINCTRPNNNTRKSIRIGPGQWFYAT
GDIIGDIRQAHCNVSKATWNETLGKVVKQLRKHFGNNTIIRFANSSGGDLEVTTHSFNCGGEFFYCNTSGLFNSTWISNT
SVQGSNSTGSNDSITLPCRIKQIINMWQRIGQAMYAPPIQGVIRCVSNITGLILTRDGGSTNSTTETFRPGGGDMRDNWR
SELYKYKVVKIEPLGVAPTRCKRRVVGRRRRRR
;
A,C,E
2 'polypeptide(L)'
;AVGIGAVFLGFLGAAGSTMGAASMTLTVQARNLLSGIVQQQSNLLRAPECQQHLLKLTVWGIKQLQARVLAVERYLRDQQ
LLGIWGCSGKLICCTNVPWNSSWSNRNLSEIWDNMTWLQWDKEISNYTQIIYGLLEESQNQQEKNEQDLLALD
;
B,D,F
3 'polypeptide(L)'
;QAGLTQPPSASEAAGKSVTISCSGSSANIGSTSVSWYQQLPGTAPKLLIYYNDQRASGVSDRFSGSKSGTSASLAISGLQ
TEDEADYYCAAWDDNLSGRIFGGGTRLTVL
;
L
4 'polypeptide(L)'
;EVQLQESGGGLAQPGGSLRLTCEASGFTFGRDDMAWVRQALGKGLEWVSSISNSGNTIYYADPVKGRFSISRDNAKNSLS
LQMNSLKIEDTAVYFCTRTLGDYYLDWGQGVQVTVSS
;
H
#
loop_
_chem_comp.id
_chem_comp.type
_chem_comp.name
_chem_comp.formula
BMA D-saccharide, beta linking beta-D-mannopyranose 'C6 H12 O6'
MAN D-saccharide, alpha linking alpha-D-mannopyranose 'C6 H12 O6'
NAG D-saccharide, beta linking 2-acetamido-2-deoxy-beta-D-glucopyranose 'C8 H15 N O6'
#
# COMPACT_ATOMS: atom_id res chain seq x y z
N ASN A 35 -60.81 0.16 8.08
CA ASN A 35 -59.75 -0.26 7.19
C ASN A 35 -58.42 0.30 7.71
N LEU A 36 -57.31 -0.40 7.40
CA LEU A 36 -55.95 -0.01 7.76
C LEU A 36 -55.20 0.26 6.49
N TRP A 37 -54.23 1.16 6.58
CA TRP A 37 -53.38 1.55 5.47
C TRP A 37 -51.92 1.42 5.81
N VAL A 38 -51.10 1.29 4.80
CA VAL A 38 -49.67 1.19 4.98
C VAL A 38 -49.08 2.52 5.42
N THR A 39 -48.29 2.51 6.49
CA THR A 39 -47.56 3.68 6.92
C THR A 39 -46.09 3.38 6.92
N VAL A 40 -45.35 4.30 6.34
CA VAL A 40 -43.93 4.18 6.18
C VAL A 40 -43.21 4.87 7.31
N TYR A 41 -42.28 4.17 7.93
CA TYR A 41 -41.51 4.75 9.02
C TYR A 41 -40.04 4.72 8.71
N TYR A 42 -39.37 5.83 8.92
CA TYR A 42 -37.94 5.88 8.68
C TYR A 42 -37.21 6.18 9.96
N GLY A 43 -36.25 5.33 10.29
CA GLY A 43 -35.52 5.44 11.54
C GLY A 43 -35.91 4.29 12.45
N VAL A 44 -36.34 3.20 11.86
CA VAL A 44 -36.75 2.03 12.58
C VAL A 44 -35.52 1.28 13.14
N PRO A 45 -35.44 0.96 14.44
CA PRO A 45 -34.30 0.33 15.08
C PRO A 45 -34.15 -1.17 14.84
N VAL A 46 -33.88 -1.54 13.61
CA VAL A 46 -33.67 -2.96 13.29
C VAL A 46 -32.38 -3.18 12.56
N TRP A 47 -31.91 -4.43 12.55
CA TRP A 47 -30.67 -4.78 11.90
C TRP A 47 -30.57 -6.20 11.39
N LYS A 48 -29.59 -6.40 10.53
CA LYS A 48 -29.23 -7.70 9.96
C LYS A 48 -27.78 -8.06 10.19
N ASP A 49 -27.45 -9.36 10.17
CA ASP A 49 -26.04 -9.74 10.27
C ASP A 49 -25.32 -9.17 9.06
N ALA A 50 -24.11 -8.64 9.24
CA ALA A 50 -23.43 -8.12 8.06
C ALA A 50 -21.94 -8.09 8.18
N GLU A 51 -21.27 -8.02 7.04
CA GLU A 51 -19.83 -7.87 7.05
C GLU A 51 -19.49 -6.56 6.38
N THR A 52 -18.50 -5.88 6.92
CA THR A 52 -18.02 -4.64 6.36
C THR A 52 -16.64 -4.41 6.87
N THR A 53 -15.87 -3.61 6.17
CA THR A 53 -14.55 -3.29 6.65
C THR A 53 -14.66 -2.37 7.85
N LEU A 54 -13.97 -2.69 8.93
CA LEU A 54 -13.96 -1.84 10.11
C LEU A 54 -12.75 -0.97 10.05
N PHE A 55 -12.76 0.17 10.72
CA PHE A 55 -11.56 0.97 10.69
C PHE A 55 -10.91 0.88 12.05
N CYS A 56 -9.59 1.11 12.12
CA CYS A 56 -8.82 1.07 13.36
C CYS A 56 -8.63 2.46 13.93
N ALA A 57 -8.64 2.53 15.25
CA ALA A 57 -8.37 3.75 15.98
C ALA A 57 -7.58 3.42 17.23
N SER A 58 -6.80 4.38 17.72
CA SER A 58 -6.01 4.14 18.93
C SER A 58 -5.71 5.44 19.69
N ASP A 59 -5.23 5.31 20.95
CA ASP A 59 -4.84 6.44 21.82
C ASP A 59 -3.37 6.80 21.54
N LYS A 67 6.91 8.56 17.83
CA LYS A 67 7.51 7.24 17.90
C LYS A 67 7.54 6.66 16.48
N HIS A 68 8.13 5.45 16.30
CA HIS A 68 8.29 4.77 15.01
C HIS A 68 7.50 3.47 14.96
N ASN A 69 6.53 3.36 15.84
CA ASN A 69 5.70 2.17 15.95
C ASN A 69 4.72 2.02 14.80
N VAL A 70 4.60 0.81 14.29
CA VAL A 70 3.73 0.55 13.14
C VAL A 70 2.26 0.65 13.47
N TRP A 71 1.87 0.26 14.68
CA TRP A 71 0.48 0.27 15.05
C TRP A 71 0.07 1.68 15.28
N ALA A 72 0.97 2.45 15.88
CA ALA A 72 0.69 3.85 16.17
C ALA A 72 0.53 4.65 14.89
N THR A 73 1.36 4.34 13.91
CA THR A 73 1.30 5.03 12.63
C THR A 73 0.05 4.64 11.89
N HIS A 74 -0.27 3.36 11.87
CA HIS A 74 -1.45 2.90 11.16
C HIS A 74 -2.79 3.34 11.72
N CYS A 75 -3.02 3.15 13.05
CA CYS A 75 -4.28 3.45 13.72
C CYS A 75 -4.19 4.91 14.19
N CYS A 76 -4.07 5.78 13.19
CA CYS A 76 -3.87 7.21 13.35
C CYS A 76 -5.13 7.94 13.74
N VAL A 77 -6.24 7.27 13.59
CA VAL A 77 -7.52 7.80 13.92
C VAL A 77 -7.59 7.82 15.43
N PRO A 78 -7.95 8.94 16.08
CA PRO A 78 -8.06 9.06 17.52
C PRO A 78 -9.08 8.09 18.04
N THR A 79 -8.87 7.62 19.25
CA THR A 79 -9.81 6.70 19.86
C THR A 79 -10.93 7.49 20.42
N ASP A 80 -11.92 6.79 20.90
CA ASP A 80 -13.09 7.43 21.45
C ASP A 80 -12.79 7.86 22.89
N PRO A 81 -12.72 9.17 23.21
CA PRO A 81 -12.41 9.68 24.53
C PRO A 81 -13.54 9.40 25.51
N ASN A 82 -14.71 9.03 24.98
CA ASN A 82 -15.87 8.78 25.78
C ASN A 82 -16.63 7.58 25.21
N PRO A 83 -16.17 6.35 25.48
CA PRO A 83 -16.62 5.11 24.86
C PRO A 83 -17.94 4.67 25.43
N GLN A 84 -18.98 5.40 25.09
CA GLN A 84 -20.30 5.12 25.59
C GLN A 84 -20.82 3.80 25.11
N GLU A 85 -21.49 3.11 26.01
CA GLU A 85 -22.07 1.82 25.76
C GLU A 85 -23.55 1.87 26.05
N ILE A 86 -24.35 1.39 25.12
CA ILE A 86 -25.78 1.44 25.29
C ILE A 86 -26.39 0.10 25.62
N HIS A 87 -26.93 -0.04 26.81
CA HIS A 87 -27.51 -1.33 27.15
C HIS A 87 -28.79 -1.52 26.38
N LEU A 88 -28.99 -2.69 25.78
CA LEU A 88 -30.25 -2.86 25.09
C LEU A 88 -31.18 -3.69 25.93
N GLU A 89 -32.19 -3.07 26.47
CA GLU A 89 -33.07 -3.84 27.31
C GLU A 89 -33.88 -4.76 26.40
N ASN A 90 -34.17 -6.00 26.86
CA ASN A 90 -34.99 -7.02 26.21
C ASN A 90 -34.55 -7.41 24.78
N VAL A 91 -33.23 -7.48 24.52
CA VAL A 91 -32.67 -7.90 23.22
C VAL A 91 -31.84 -9.13 23.36
N THR A 92 -32.20 -10.15 22.63
CA THR A 92 -31.45 -11.39 22.63
C THR A 92 -30.88 -11.53 21.26
N GLU A 93 -29.60 -11.82 21.19
CA GLU A 93 -28.94 -11.93 19.90
C GLU A 93 -28.08 -13.18 19.84
N GLU A 94 -27.86 -13.71 18.64
CA GLU A 94 -27.03 -14.89 18.47
C GLU A 94 -25.61 -14.57 17.99
N PHE A 95 -24.65 -15.08 18.73
CA PHE A 95 -23.24 -14.86 18.45
C PHE A 95 -22.57 -16.17 18.09
N ASN A 96 -21.54 -16.14 17.26
CA ASN A 96 -20.78 -17.33 16.93
C ASN A 96 -19.34 -16.98 16.67
N MET A 97 -18.48 -17.18 17.63
CA MET A 97 -17.11 -16.74 17.50
C MET A 97 -16.33 -17.49 16.45
N TRP A 98 -16.78 -18.65 16.04
CA TRP A 98 -15.99 -19.44 15.13
C TRP A 98 -16.24 -19.03 13.70
N LYS A 99 -17.24 -18.17 13.51
CA LYS A 99 -17.64 -17.67 12.21
C LYS A 99 -17.56 -16.15 12.23
N ASN A 100 -16.86 -15.60 13.20
CA ASN A 100 -16.79 -14.17 13.35
C ASN A 100 -15.73 -13.55 12.49
N ASN A 101 -16.13 -12.89 11.41
CA ASN A 101 -15.22 -12.38 10.41
C ASN A 101 -14.35 -11.24 10.89
N MET A 102 -14.59 -10.75 12.10
CA MET A 102 -13.75 -9.70 12.61
C MET A 102 -12.34 -10.23 12.79
N VAL A 103 -12.21 -11.54 13.06
CA VAL A 103 -10.89 -12.07 13.27
C VAL A 103 -10.20 -12.19 11.94
N GLU A 104 -10.94 -12.45 10.87
CA GLU A 104 -10.32 -12.60 9.57
C GLU A 104 -9.83 -11.24 9.13
N GLN A 105 -10.59 -10.19 9.44
CA GLN A 105 -10.08 -8.89 9.06
C GLN A 105 -8.83 -8.60 9.83
N MET A 106 -8.82 -8.86 11.13
CA MET A 106 -7.63 -8.54 11.88
C MET A 106 -6.43 -9.27 11.33
N HIS A 107 -6.59 -10.52 10.96
CA HIS A 107 -5.50 -11.29 10.43
C HIS A 107 -4.99 -10.69 9.13
N THR A 108 -5.89 -10.38 8.22
CA THR A 108 -5.44 -9.84 6.94
C THR A 108 -4.78 -8.48 7.10
N ASP A 109 -5.34 -7.61 7.95
CA ASP A 109 -4.75 -6.29 8.11
C ASP A 109 -3.39 -6.35 8.76
N ILE A 110 -3.18 -7.27 9.70
CA ILE A 110 -1.88 -7.38 10.32
C ILE A 110 -0.84 -7.81 9.32
N ILE A 111 -1.18 -8.78 8.48
CA ILE A 111 -0.20 -9.20 7.49
C ILE A 111 0.13 -8.04 6.58
N SER A 112 -0.89 -7.32 6.13
CA SER A 112 -0.62 -6.21 5.24
C SER A 112 0.26 -5.15 5.87
N LEU A 113 0.01 -4.80 7.13
CA LEU A 113 0.81 -3.79 7.77
C LEU A 113 2.25 -4.25 7.88
N TRP A 114 2.43 -5.50 8.24
CA TRP A 114 3.74 -6.08 8.39
C TRP A 114 4.51 -5.93 7.08
N ASP A 115 3.89 -6.32 5.96
CA ASP A 115 4.58 -6.24 4.69
C ASP A 115 4.89 -4.83 4.27
N GLN A 116 4.01 -3.88 4.55
CA GLN A 116 4.31 -2.50 4.17
C GLN A 116 5.47 -1.96 4.97
N SER A 117 5.64 -2.44 6.19
CA SER A 117 6.73 -1.98 7.03
C SER A 117 8.07 -2.48 6.53
N LEU A 118 8.10 -3.71 6.00
CA LEU A 118 9.35 -4.29 5.50
C LEU A 118 9.64 -3.92 4.06
N LYS A 119 8.61 -3.60 3.29
CA LYS A 119 8.75 -3.28 1.89
C LYS A 119 9.93 -2.35 1.51
N PRO A 120 10.16 -1.19 2.17
CA PRO A 120 11.24 -0.28 1.84
C PRO A 120 12.64 -0.54 2.45
N CYS A 121 12.86 -1.68 3.17
CA CYS A 121 14.10 -1.97 3.88
C CYS A 121 15.10 -2.69 2.97
N VAL A 122 16.37 -2.63 3.33
CA VAL A 122 17.43 -3.26 2.52
C VAL A 122 17.28 -4.76 2.38
N LYS A 123 17.49 -5.25 1.16
CA LYS A 123 17.39 -6.67 0.88
C LYS A 123 18.77 -7.28 1.00
N LEU A 124 18.89 -8.31 1.80
CA LEU A 124 20.18 -8.90 2.07
C LEU A 124 20.49 -10.03 1.12
N THR A 125 20.57 -9.70 -0.15
CA THR A 125 20.91 -10.71 -1.11
C THR A 125 22.42 -10.85 -1.28
N PRO A 126 23.26 -9.80 -1.07
CA PRO A 126 24.71 -9.86 -1.14
C PRO A 126 25.26 -10.74 -0.04
N LEU A 127 24.41 -11.04 0.94
CA LEU A 127 24.77 -11.88 2.07
C LEU A 127 24.67 -13.39 1.81
N CYS A 128 23.97 -13.85 0.73
CA CYS A 128 23.82 -15.28 0.46
C CYS A 128 25.07 -15.78 -0.27
N VAL A 129 26.09 -16.02 0.53
CA VAL A 129 27.44 -16.38 0.12
C VAL A 129 27.93 -17.59 0.86
N THR A 130 29.04 -18.16 0.42
CA THR A 130 29.59 -19.24 1.22
C THR A 130 30.23 -18.61 2.42
N LEU A 131 29.89 -19.12 3.59
CA LEU A 131 30.43 -18.65 4.84
C LEU A 131 31.47 -19.64 5.32
N GLN A 132 32.53 -19.15 5.96
CA GLN A 132 33.51 -20.04 6.58
C GLN A 132 33.35 -19.91 8.09
N CYS A 133 32.81 -20.95 8.76
CA CYS A 133 32.40 -20.85 10.16
C CYS A 133 33.12 -21.84 11.08
N THR A 134 33.38 -21.34 12.27
CA THR A 134 33.90 -22.08 13.40
C THR A 134 32.99 -21.75 14.57
N ASN A 135 33.09 -22.48 15.69
CA ASN A 135 32.29 -22.24 16.91
C ASN A 135 32.81 -21.04 17.69
N VAL A 136 31.91 -20.36 18.45
CA VAL A 136 32.29 -19.32 19.41
C VAL A 136 32.74 -20.04 20.65
N THR A 137 33.94 -19.77 21.10
CA THR A 137 34.54 -20.46 22.24
C THR A 137 35.12 -19.59 23.34
N ASN A 138 34.77 -18.31 23.47
CA ASN A 138 35.47 -17.56 24.51
C ASN A 138 35.05 -17.86 25.95
N ASN A 139 33.76 -17.70 26.27
CA ASN A 139 33.18 -17.96 27.59
C ASN A 139 31.80 -18.62 27.43
N ILE A 140 31.80 -19.86 26.91
CA ILE A 140 30.60 -20.65 26.62
C ILE A 140 30.25 -21.53 27.78
N THR A 141 29.03 -21.42 28.29
CA THR A 141 28.70 -22.36 29.34
C THR A 141 28.38 -23.63 28.62
N ASP A 142 28.37 -24.75 29.29
CA ASP A 142 28.19 -25.98 28.54
C ASP A 142 26.84 -26.25 27.91
N ASP A 143 25.79 -25.55 28.28
CA ASP A 143 24.52 -25.82 27.62
C ASP A 143 24.40 -25.05 26.31
N MET A 144 25.32 -24.12 26.07
CA MET A 144 25.35 -23.29 24.86
C MET A 144 26.34 -23.74 23.83
N ARG A 145 27.04 -24.80 24.11
CA ARG A 145 28.07 -25.17 23.19
C ARG A 145 27.52 -25.62 21.88
N GLY A 146 28.04 -25.02 20.82
CA GLY A 146 27.62 -25.37 19.49
C GLY A 146 26.44 -24.56 18.99
N GLU A 147 25.83 -23.74 19.86
CA GLU A 147 24.67 -22.95 19.46
C GLU A 147 25.01 -21.68 18.73
N LEU A 148 26.16 -21.10 19.02
CA LEU A 148 26.50 -19.84 18.43
C LEU A 148 27.74 -20.00 17.57
N LYS A 149 27.65 -19.59 16.30
CA LYS A 149 28.77 -19.73 15.37
C LYS A 149 29.36 -18.39 14.92
N ASN A 150 30.67 -18.39 14.65
CA ASN A 150 31.49 -17.28 14.16
C ASN A 150 31.82 -17.47 12.67
N CYS A 151 31.15 -16.70 11.78
CA CYS A 151 31.24 -16.86 10.31
C CYS A 151 31.89 -15.69 9.58
N SER A 152 32.87 -16.02 8.74
CA SER A 152 33.58 -15.03 7.93
C SER A 152 33.12 -15.10 6.49
N PHE A 153 33.08 -13.95 5.82
CA PHE A 153 32.72 -13.90 4.41
C PHE A 153 33.19 -12.65 3.64
N ASN A 154 33.21 -12.72 2.28
CA ASN A 154 33.58 -11.64 1.36
C ASN A 154 32.33 -10.88 0.88
N MET A 155 32.13 -9.65 1.37
CA MET A 155 30.97 -8.80 1.07
C MET A 155 31.35 -7.51 0.35
N THR A 156 30.46 -7.06 -0.53
CA THR A 156 30.62 -5.84 -1.33
C THR A 156 30.73 -4.59 -0.48
N THR A 157 31.65 -3.69 -0.84
CA THR A 157 31.85 -2.44 -0.12
C THR A 157 31.12 -1.31 -0.85
N GLU A 158 31.49 -0.05 -0.58
CA GLU A 158 30.80 1.07 -1.20
C GLU A 158 30.90 0.99 -2.71
N LEU A 159 32.06 0.56 -3.20
CA LEU A 159 32.30 0.47 -4.62
C LEU A 159 32.07 -0.95 -5.05
N ARG A 160 31.55 -1.16 -6.24
CA ARG A 160 31.31 -2.54 -6.66
C ARG A 160 32.58 -3.27 -7.08
N ASP A 161 33.68 -2.55 -7.14
CA ASP A 161 34.96 -3.11 -7.48
C ASP A 161 35.67 -3.73 -6.29
N LYS A 162 35.19 -3.50 -5.07
CA LYS A 162 35.94 -3.98 -3.94
C LYS A 162 35.14 -4.85 -3.02
N LYS A 163 35.82 -5.84 -2.47
CA LYS A 163 35.25 -6.74 -1.48
C LYS A 163 35.96 -6.53 -0.17
N GLN A 164 35.28 -6.84 0.92
CA GLN A 164 35.89 -6.78 2.22
C GLN A 164 35.62 -8.04 2.98
N LYS A 165 36.54 -8.40 3.86
CA LYS A 165 36.32 -9.56 4.69
C LYS A 165 35.76 -9.14 6.01
N VAL A 166 34.59 -9.65 6.30
CA VAL A 166 33.90 -9.31 7.52
C VAL A 166 33.48 -10.55 8.22
N TYR A 167 33.12 -10.42 9.48
CA TYR A 167 32.58 -11.56 10.17
C TYR A 167 31.47 -11.15 11.07
N SER A 168 30.62 -12.11 11.35
CA SER A 168 29.49 -11.92 12.23
C SER A 168 29.11 -13.21 12.91
N LEU A 169 28.31 -13.09 13.95
CA LEU A 169 27.87 -14.29 14.61
C LEU A 169 26.45 -14.62 14.20
N PHE A 170 26.16 -15.90 14.12
CA PHE A 170 24.82 -16.40 13.79
C PHE A 170 24.40 -17.48 14.74
N TYR A 171 23.11 -17.68 14.91
CA TYR A 171 22.71 -18.80 15.74
C TYR A 171 22.67 -20.00 14.86
N ARG A 172 22.89 -21.16 15.44
CA ARG A 172 22.86 -22.41 14.70
C ARG A 172 21.63 -22.56 13.83
N LEU A 173 20.48 -22.12 14.29
CA LEU A 173 19.24 -22.30 13.54
C LEU A 173 19.11 -21.43 12.29
N ASP A 174 20.02 -20.50 12.11
CA ASP A 174 20.02 -19.59 10.99
C ASP A 174 20.90 -20.09 9.86
N VAL A 175 21.78 -21.05 10.15
CA VAL A 175 22.81 -21.47 9.22
C VAL A 175 22.87 -22.98 8.99
N VAL A 176 23.02 -23.41 7.75
CA VAL A 176 23.14 -24.83 7.47
C VAL A 176 24.43 -25.12 6.78
N GLN A 177 24.87 -26.36 6.89
CA GLN A 177 26.13 -26.76 6.29
C GLN A 177 25.99 -27.06 4.82
N ILE A 178 26.98 -26.66 4.03
CA ILE A 178 26.99 -26.95 2.59
C ILE A 178 27.73 -28.25 2.26
N ASN A 179 28.97 -28.42 2.81
CA ASN A 179 29.88 -29.56 2.54
C ASN A 179 30.28 -29.59 1.07
N LYS A 191 33.62 -26.91 7.21
CA LYS A 191 33.53 -25.51 7.66
C LYS A 191 32.79 -24.57 6.66
N GLU A 192 32.25 -25.09 5.54
CA GLU A 192 31.50 -24.31 4.53
C GLU A 192 30.01 -24.40 4.77
N TYR A 193 29.43 -23.23 5.07
CA TYR A 193 28.03 -22.99 5.45
C TYR A 193 27.31 -21.92 4.63
N ARG A 194 25.99 -21.96 4.63
CA ARG A 194 25.16 -20.93 3.99
C ARG A 194 23.95 -20.57 4.83
N LEU A 195 23.36 -19.40 4.59
CA LEU A 195 22.18 -19.10 5.38
C LEU A 195 21.08 -20.05 5.01
N ILE A 196 20.31 -20.43 5.99
CA ILE A 196 19.24 -21.41 5.87
C ILE A 196 18.14 -21.13 4.87
N ASN A 197 17.89 -19.88 4.51
CA ASN A 197 16.85 -19.62 3.51
C ASN A 197 17.33 -19.31 2.07
N CYS A 198 18.62 -19.51 1.73
CA CYS A 198 19.16 -19.24 0.39
C CYS A 198 18.48 -19.97 -0.77
N ASN A 199 17.97 -21.17 -0.59
CA ASN A 199 17.40 -21.79 -1.78
C ASN A 199 15.86 -21.64 -1.90
N THR A 200 15.18 -20.91 -0.96
CA THR A 200 13.71 -20.72 -1.00
C THR A 200 13.24 -19.29 -1.02
N SER A 201 13.99 -18.38 -0.42
CA SER A 201 13.44 -17.05 -0.30
C SER A 201 14.43 -15.92 -0.25
N ALA A 202 13.93 -14.74 -0.54
CA ALA A 202 14.75 -13.57 -0.40
C ALA A 202 14.79 -13.23 1.06
N ILE A 203 15.88 -12.65 1.53
CA ILE A 203 15.91 -12.24 2.92
C ILE A 203 15.93 -10.73 3.01
N THR A 204 14.97 -10.17 3.71
CA THR A 204 14.84 -8.73 3.86
C THR A 204 15.16 -8.35 5.28
N GLN A 205 16.01 -7.37 5.48
CA GLN A 205 16.34 -6.97 6.84
C GLN A 205 15.25 -6.11 7.38
N ALA A 206 14.80 -6.36 8.57
CA ALA A 206 13.82 -5.45 9.10
C ALA A 206 14.55 -4.19 9.45
N CYS A 207 13.94 -3.01 9.24
CA CYS A 207 14.52 -1.72 9.59
C CYS A 207 14.61 -1.61 11.13
N PRO A 208 15.78 -1.25 11.68
CA PRO A 208 16.07 -1.18 13.11
C PRO A 208 15.26 -0.13 13.83
N LYS A 209 14.71 0.81 13.09
CA LYS A 209 13.94 1.87 13.68
C LYS A 209 12.48 1.54 13.77
N VAL A 210 12.04 0.47 13.15
CA VAL A 210 10.62 0.20 13.15
C VAL A 210 10.22 -0.65 14.33
N SER A 211 9.27 -0.16 15.09
CA SER A 211 8.83 -0.90 16.24
C SER A 211 7.53 -1.64 16.03
N PHE A 212 7.55 -2.90 16.37
CA PHE A 212 6.39 -3.73 16.24
C PHE A 212 5.75 -4.01 17.58
N GLU A 213 6.23 -3.32 18.61
CA GLU A 213 5.71 -3.55 19.95
C GLU A 213 4.20 -3.41 19.92
N PRO A 214 3.42 -4.38 20.35
CA PRO A 214 1.99 -4.31 20.35
C PRO A 214 1.46 -3.14 21.14
N ILE A 215 0.52 -2.43 20.55
CA ILE A 215 -0.18 -1.30 21.15
C ILE A 215 -1.63 -1.65 21.06
N PRO A 216 -2.44 -1.52 22.11
CA PRO A 216 -3.84 -1.84 22.04
C PRO A 216 -4.49 -1.06 20.93
N ILE A 217 -5.33 -1.71 20.15
CA ILE A 217 -6.04 -1.02 19.09
C ILE A 217 -7.51 -1.27 19.26
N HIS A 218 -8.33 -0.42 18.68
CA HIS A 218 -9.76 -0.60 18.76
C HIS A 218 -10.37 -0.69 17.38
N TYR A 219 -11.32 -1.59 17.16
CA TYR A 219 -11.99 -1.62 15.87
C TYR A 219 -13.28 -0.84 16.00
N CYS A 220 -13.60 0.00 14.99
CA CYS A 220 -14.78 0.87 15.01
C CYS A 220 -15.65 0.68 13.76
N ALA A 221 -16.95 0.73 13.97
CA ALA A 221 -17.88 0.57 12.86
C ALA A 221 -17.92 1.80 11.96
N PRO A 222 -18.10 1.65 10.64
CA PRO A 222 -18.35 2.71 9.68
C PRO A 222 -19.78 3.16 9.85
N ALA A 223 -20.10 4.36 9.42
CA ALA A 223 -21.48 4.81 9.55
C ALA A 223 -22.43 3.88 8.85
N GLY A 224 -23.54 3.60 9.53
CA GLY A 224 -24.60 2.73 9.01
C GLY A 224 -24.51 1.33 9.60
N PHE A 225 -23.42 1.07 10.29
CA PHE A 225 -23.12 -0.18 10.96
C PHE A 225 -22.94 0.03 12.44
N ALA A 226 -23.03 -1.05 13.19
CA ALA A 226 -22.84 -0.98 14.62
C ALA A 226 -22.23 -2.25 15.14
N ILE A 227 -21.58 -2.19 16.31
CA ILE A 227 -21.02 -3.40 16.87
C ILE A 227 -21.78 -3.79 18.12
N LEU A 228 -22.27 -5.01 18.16
CA LEU A 228 -22.97 -5.45 19.34
C LEU A 228 -22.01 -6.25 20.17
N LYS A 229 -22.08 -6.07 21.46
CA LYS A 229 -21.22 -6.78 22.39
C LYS A 229 -22.06 -7.70 23.27
N CYS A 230 -21.56 -8.93 23.55
CA CYS A 230 -22.17 -9.89 24.45
C CYS A 230 -21.62 -9.69 25.86
N LYS A 231 -22.50 -9.44 26.81
CA LYS A 231 -22.12 -9.21 28.19
C LYS A 231 -22.51 -10.37 29.08
N ASP A 232 -22.85 -11.48 28.49
CA ASP A 232 -23.28 -12.59 29.29
C ASP A 232 -22.07 -13.32 29.84
N LYS A 233 -21.85 -13.18 31.12
CA LYS A 233 -20.68 -13.79 31.72
C LYS A 233 -20.89 -15.27 31.57
N LYS A 234 -19.83 -15.97 31.28
CA LYS A 234 -19.81 -17.41 31.05
C LYS A 234 -20.43 -17.81 29.71
N PHE A 235 -20.50 -16.87 28.78
CA PHE A 235 -20.86 -17.19 27.41
C PHE A 235 -19.78 -18.12 26.83
N ASN A 236 -20.22 -19.23 26.17
CA ASN A 236 -19.36 -20.29 25.64
C ASN A 236 -18.88 -20.09 24.19
N GLY A 237 -19.19 -18.94 23.56
CA GLY A 237 -18.81 -18.59 22.19
C GLY A 237 -19.88 -18.79 21.13
N THR A 238 -20.92 -19.57 21.41
CA THR A 238 -21.97 -19.76 20.41
C THR A 238 -23.37 -19.64 20.99
N GLY A 239 -24.35 -19.54 20.11
CA GLY A 239 -25.74 -19.49 20.52
C GLY A 239 -26.17 -18.12 21.03
N PRO A 240 -27.40 -18.03 21.55
CA PRO A 240 -28.02 -16.82 22.06
C PRO A 240 -27.26 -16.26 23.25
N CYS A 241 -27.24 -14.93 23.34
CA CYS A 241 -26.67 -14.11 24.40
C CYS A 241 -27.81 -13.17 24.85
N PRO A 242 -28.37 -13.37 26.05
CA PRO A 242 -29.50 -12.65 26.61
C PRO A 242 -29.23 -11.22 27.05
N SER A 243 -27.98 -10.82 27.09
CA SER A 243 -27.68 -9.47 27.54
C SER A 243 -26.63 -8.87 26.66
N VAL A 244 -27.04 -7.90 25.85
CA VAL A 244 -26.15 -7.29 24.89
C VAL A 244 -26.19 -5.78 24.97
N SER A 245 -25.17 -5.16 24.39
CA SER A 245 -25.10 -3.72 24.32
C SER A 245 -24.52 -3.24 23.01
N THR A 246 -24.79 -2.00 22.68
CA THR A 246 -24.26 -1.44 21.44
C THR A 246 -23.12 -0.50 21.70
N VAL A 247 -22.04 -0.70 20.95
CA VAL A 247 -20.89 0.18 21.07
C VAL A 247 -20.46 0.67 19.71
N GLN A 248 -19.71 1.76 19.71
CA GLN A 248 -19.13 2.24 18.46
C GLN A 248 -17.79 1.56 18.12
N CYS A 249 -16.95 1.31 19.16
CA CYS A 249 -15.62 0.74 19.06
C CYS A 249 -15.48 -0.38 20.08
N THR A 250 -14.63 -1.34 19.77
CA THR A 250 -14.32 -2.46 20.66
C THR A 250 -13.37 -1.97 21.70
N HIS A 251 -13.14 -2.78 22.72
CA HIS A 251 -12.16 -2.43 23.73
C HIS A 251 -10.82 -2.59 23.08
N GLY A 252 -9.75 -2.19 23.77
CA GLY A 252 -8.45 -2.33 23.14
C GLY A 252 -8.03 -3.77 23.12
N ILE A 253 -7.45 -4.19 22.01
CA ILE A 253 -6.88 -5.52 21.83
C ILE A 253 -5.44 -5.41 21.44
N LYS A 254 -4.55 -6.12 22.12
CA LYS A 254 -3.17 -6.04 21.72
C LYS A 254 -2.92 -7.06 20.62
N PRO A 255 -2.35 -6.68 19.48
CA PRO A 255 -2.06 -7.56 18.34
C PRO A 255 -0.82 -8.39 18.59
N VAL A 256 -0.93 -9.26 19.56
CA VAL A 256 0.12 -10.16 20.01
C VAL A 256 0.11 -11.44 19.21
N VAL A 257 1.29 -11.98 18.92
CA VAL A 257 1.38 -13.26 18.24
C VAL A 257 2.12 -14.27 19.09
N SER A 258 1.54 -15.44 19.29
CA SER A 258 2.16 -16.50 20.06
C SER A 258 1.63 -17.84 19.58
N THR A 259 2.32 -18.94 19.88
CA THR A 259 1.81 -20.25 19.44
C THR A 259 1.26 -21.25 20.44
N GLN A 260 1.60 -21.21 21.71
CA GLN A 260 1.08 -22.24 22.61
C GLN A 260 0.41 -21.62 23.78
N LEU A 261 1.08 -20.68 24.41
CA LEU A 261 0.47 -20.00 25.51
C LEU A 261 -0.05 -18.71 24.92
N LEU A 262 -1.19 -18.23 25.38
CA LEU A 262 -1.74 -16.99 24.91
C LEU A 262 -1.25 -15.91 25.84
N LEU A 263 -0.58 -14.89 25.31
CA LEU A 263 -0.02 -13.87 26.18
C LEU A 263 -0.74 -12.52 26.10
N ASN A 264 -0.80 -11.82 27.24
CA ASN A 264 -1.27 -10.44 27.45
C ASN A 264 -2.71 -10.19 26.93
N GLY A 265 -3.63 -11.16 27.08
CA GLY A 265 -5.03 -11.03 26.69
C GLY A 265 -5.86 -10.62 27.88
N SER A 266 -7.16 -10.69 27.72
CA SER A 266 -8.04 -10.34 28.80
C SER A 266 -8.27 -11.56 29.64
N LEU A 267 -8.75 -11.36 30.85
CA LEU A 267 -9.05 -12.46 31.73
C LEU A 267 -10.52 -12.73 31.80
N ALA A 268 -10.85 -13.97 32.09
CA ALA A 268 -12.24 -14.38 32.27
C ALA A 268 -12.79 -13.68 33.49
N GLU A 269 -14.05 -13.29 33.45
CA GLU A 269 -14.66 -12.57 34.56
C GLU A 269 -14.80 -13.33 35.86
N GLU A 270 -15.13 -14.61 35.82
CA GLU A 270 -15.34 -15.32 37.08
C GLU A 270 -14.56 -16.62 37.24
N GLU A 271 -14.62 -17.48 36.23
CA GLU A 271 -14.03 -18.80 36.31
C GLU A 271 -13.40 -19.16 35.01
N VAL A 272 -12.50 -20.11 35.03
CA VAL A 272 -11.84 -20.47 33.81
C VAL A 272 -12.84 -20.94 32.78
N MET A 273 -12.73 -20.38 31.60
CA MET A 273 -13.64 -20.73 30.53
C MET A 273 -13.02 -21.60 29.50
N ILE A 274 -13.74 -22.60 29.07
CA ILE A 274 -13.24 -23.45 28.02
C ILE A 274 -14.16 -23.37 26.84
N ARG A 275 -13.60 -23.03 25.68
CA ARG A 275 -14.40 -22.86 24.49
C ARG A 275 -13.83 -23.63 23.33
N SER A 276 -14.68 -24.21 22.51
CA SER A 276 -14.24 -24.93 21.32
C SER A 276 -15.31 -24.93 20.28
N GLU A 277 -14.94 -24.94 19.02
CA GLU A 277 -15.94 -24.99 17.97
C GLU A 277 -16.85 -26.22 18.03
N ASN A 278 -16.26 -27.41 18.28
CA ASN A 278 -16.94 -28.71 18.32
C ASN A 278 -16.90 -29.39 19.70
N ILE A 279 -15.79 -29.25 20.48
CA ILE A 279 -15.51 -29.91 21.78
C ILE A 279 -15.23 -31.41 21.63
N THR A 280 -16.18 -32.14 21.04
CA THR A 280 -16.01 -33.59 20.94
C THR A 280 -15.21 -34.07 19.74
N ASN A 281 -15.07 -33.26 18.72
CA ASN A 281 -14.26 -33.65 17.57
C ASN A 281 -12.80 -33.34 17.87
N ASN A 282 -11.97 -34.36 17.94
CA ASN A 282 -10.58 -34.22 18.34
C ASN A 282 -9.72 -33.48 17.34
N ALA A 283 -10.27 -33.16 16.18
CA ALA A 283 -9.53 -32.42 15.18
C ALA A 283 -9.55 -30.92 15.47
N LYS A 284 -10.37 -30.48 16.43
CA LYS A 284 -10.51 -29.08 16.74
C LYS A 284 -9.68 -28.65 17.93
N ASN A 285 -9.37 -27.37 18.00
CA ASN A 285 -8.62 -26.84 19.13
C ASN A 285 -9.56 -26.49 20.26
N ILE A 286 -9.01 -26.45 21.46
CA ILE A 286 -9.68 -26.03 22.66
C ILE A 286 -9.01 -24.78 23.20
N LEU A 287 -9.76 -23.72 23.38
CA LEU A 287 -9.14 -22.52 23.90
C LEU A 287 -9.50 -22.39 25.35
N VAL A 288 -8.51 -22.11 26.16
CA VAL A 288 -8.75 -21.98 27.57
C VAL A 288 -8.44 -20.58 28.03
N GLN A 289 -9.40 -19.93 28.66
CA GLN A 289 -9.19 -18.58 29.16
C GLN A 289 -9.09 -18.56 30.68
N PHE A 290 -7.97 -18.10 31.19
CA PHE A 290 -7.79 -18.10 32.63
C PHE A 290 -8.53 -16.93 33.25
N ASN A 291 -8.96 -17.06 34.51
CA ASN A 291 -9.58 -15.94 35.21
C ASN A 291 -8.57 -15.19 36.08
N THR A 292 -7.33 -15.65 36.05
CA THR A 292 -6.21 -15.07 36.76
C THR A 292 -5.02 -15.18 35.83
N PRO A 293 -4.07 -14.26 35.81
CA PRO A 293 -2.88 -14.34 35.01
C PRO A 293 -1.87 -15.26 35.65
N VAL A 294 -0.99 -15.84 34.85
CA VAL A 294 0.18 -16.49 35.39
C VAL A 294 1.36 -15.65 34.97
N GLN A 295 2.15 -15.16 35.89
CA GLN A 295 3.23 -14.30 35.45
C GLN A 295 4.41 -15.11 34.97
N ILE A 296 4.93 -14.75 33.82
CA ILE A 296 6.10 -15.37 33.22
C ILE A 296 7.20 -14.30 32.92
N ASN A 297 8.43 -14.54 33.42
CA ASN A 297 9.61 -13.68 33.27
C ASN A 297 10.62 -14.32 32.31
N CYS A 298 10.83 -13.74 31.11
CA CYS A 298 11.73 -14.29 30.08
C CYS A 298 12.96 -13.42 29.88
N THR A 299 14.05 -14.08 29.55
CA THR A 299 15.28 -13.36 29.28
C THR A 299 16.20 -13.96 28.26
N ARG A 300 16.99 -13.09 27.69
CA ARG A 300 18.06 -13.43 26.78
C ARG A 300 19.29 -12.79 27.43
N PRO A 301 19.89 -13.47 28.40
CA PRO A 301 20.86 -12.97 29.35
C PRO A 301 22.26 -12.84 28.83
N ASN A 302 22.43 -12.06 27.79
CA ASN A 302 23.75 -11.86 27.19
C ASN A 302 23.97 -10.36 27.01
N ASN A 303 25.13 -9.96 26.47
CA ASN A 303 25.51 -8.58 26.21
C ASN A 303 25.96 -8.46 24.75
N ASN A 304 24.98 -8.24 23.82
CA ASN A 304 25.25 -8.19 22.38
C ASN A 304 25.75 -6.87 21.91
N THR A 305 26.64 -6.95 20.94
CA THR A 305 27.21 -5.81 20.29
C THR A 305 26.63 -5.73 18.90
N ARG A 306 26.16 -4.58 18.51
CA ARG A 306 25.67 -4.48 17.16
C ARG A 306 26.73 -3.78 16.35
N LYS A 307 26.98 -4.23 15.14
CA LYS A 307 27.95 -3.58 14.30
C LYS A 307 27.33 -3.30 12.95
N SER A 308 27.71 -2.20 12.34
CA SER A 308 27.13 -1.87 11.07
C SER A 308 28.12 -2.00 9.94
N ILE A 309 27.70 -2.68 8.89
CA ILE A 309 28.51 -2.89 7.70
C ILE A 309 27.88 -2.26 6.47
N ARG A 310 28.61 -1.43 5.72
CA ARG A 310 27.99 -0.97 4.50
C ARG A 310 28.08 -2.10 3.53
N ILE A 311 26.99 -2.40 2.86
CA ILE A 311 27.00 -3.46 1.87
C ILE A 311 26.77 -2.86 0.51
N GLY A 312 26.51 -1.56 0.51
CA GLY A 312 26.26 -0.83 -0.71
C GLY A 312 26.08 0.66 -0.42
N PRO A 313 25.61 1.44 -1.38
CA PRO A 313 25.51 2.88 -1.34
C PRO A 313 24.42 3.38 -0.42
N GLY A 314 24.73 3.40 0.87
CA GLY A 314 23.76 3.79 1.90
C GLY A 314 22.97 2.58 2.36
N GLN A 315 23.45 1.42 1.98
CA GLN A 315 22.79 0.18 2.32
C GLN A 315 23.51 -0.45 3.48
N TRP A 316 22.87 -0.51 4.63
CA TRP A 316 23.54 -1.03 5.80
C TRP A 316 22.97 -2.33 6.31
N PHE A 317 23.89 -3.22 6.67
CA PHE A 317 23.60 -4.50 7.27
C PHE A 317 23.96 -4.50 8.73
N TYR A 318 23.05 -4.98 9.56
CA TYR A 318 23.33 -5.01 10.97
C TYR A 318 23.67 -6.40 11.40
N ALA A 319 24.90 -6.55 11.84
CA ALA A 319 25.45 -7.82 12.20
C ALA A 319 25.61 -7.95 13.70
N THR A 320 25.62 -9.20 14.15
CA THR A 320 25.88 -9.48 15.55
C THR A 320 27.37 -9.60 15.77
N GLY A 321 27.90 -8.80 16.68
CA GLY A 321 29.33 -8.80 16.99
C GLY A 321 29.62 -9.56 18.25
N ASP A 322 30.79 -9.34 18.82
CA ASP A 322 31.20 -10.08 20.00
C ASP A 322 30.33 -9.86 21.23
N ILE A 323 30.17 -10.93 21.99
CA ILE A 323 29.44 -10.89 23.22
C ILE A 323 30.38 -10.58 24.35
N ILE A 324 29.98 -9.65 25.17
CA ILE A 324 30.78 -9.27 26.31
C ILE A 324 30.28 -10.01 27.51
N GLY A 325 31.18 -10.70 28.22
CA GLY A 325 30.76 -11.48 29.35
C GLY A 325 30.41 -12.88 28.91
N ASP A 326 29.84 -13.64 29.81
CA ASP A 326 29.54 -15.03 29.55
C ASP A 326 28.45 -15.20 28.53
N ILE A 327 28.49 -16.31 27.82
CA ILE A 327 27.45 -16.66 26.89
C ILE A 327 26.55 -17.71 27.49
N ARG A 328 25.30 -17.32 27.70
CA ARG A 328 24.32 -18.14 28.40
C ARG A 328 23.03 -18.36 27.65
N GLN A 329 22.35 -19.44 28.01
CA GLN A 329 21.08 -19.81 27.39
C GLN A 329 19.89 -18.99 27.84
N ALA A 330 19.04 -18.64 26.86
CA ALA A 330 17.79 -17.92 27.09
C ALA A 330 16.83 -18.81 27.84
N HIS A 331 16.01 -18.22 28.67
CA HIS A 331 15.07 -19.01 29.47
C HIS A 331 13.87 -18.22 29.98
N CYS A 332 12.79 -18.94 30.42
CA CYS A 332 11.59 -18.34 31.03
C CYS A 332 11.22 -18.95 32.39
N ASN A 333 10.96 -18.07 33.33
CA ASN A 333 10.59 -18.37 34.70
C ASN A 333 9.07 -18.25 34.90
N VAL A 334 8.43 -19.38 35.22
CA VAL A 334 7.00 -19.53 35.47
C VAL A 334 6.92 -19.96 36.92
N SER A 335 6.16 -19.25 37.73
CA SER A 335 6.08 -19.63 39.13
C SER A 335 5.52 -21.02 39.24
N LYS A 336 6.18 -21.89 39.99
CA LYS A 336 5.70 -23.25 40.03
C LYS A 336 4.37 -23.41 40.71
N ALA A 337 4.18 -22.74 41.84
CA ALA A 337 2.93 -22.91 42.55
C ALA A 337 1.77 -22.34 41.77
N THR A 338 1.99 -21.19 41.12
CA THR A 338 0.92 -20.56 40.39
C THR A 338 0.51 -21.43 39.25
N TRP A 339 1.50 -21.97 38.52
CA TRP A 339 1.16 -22.82 37.41
C TRP A 339 0.35 -24.02 37.86
N ASN A 340 0.73 -24.70 38.99
CA ASN A 340 0.00 -25.86 39.50
C ASN A 340 -1.46 -25.52 39.84
N GLU A 341 -1.73 -24.33 40.45
CA GLU A 341 -3.10 -23.90 40.78
C GLU A 341 -3.94 -23.57 39.56
N THR A 342 -3.36 -22.90 38.55
CA THR A 342 -4.21 -22.56 37.43
C THR A 342 -4.41 -23.76 36.55
N LEU A 343 -3.48 -24.70 36.58
CA LEU A 343 -3.68 -25.88 35.79
C LEU A 343 -4.78 -26.66 36.45
N GLY A 344 -4.80 -26.71 37.79
CA GLY A 344 -5.83 -27.44 38.49
C GLY A 344 -7.21 -26.87 38.16
N LYS A 345 -7.33 -25.55 38.07
CA LYS A 345 -8.61 -24.94 37.71
C LYS A 345 -9.05 -25.36 36.31
N VAL A 346 -8.10 -25.46 35.38
CA VAL A 346 -8.42 -25.88 34.03
C VAL A 346 -8.95 -27.28 34.04
N VAL A 347 -8.33 -28.17 34.81
CA VAL A 347 -8.77 -29.54 34.86
C VAL A 347 -10.17 -29.62 35.43
N LYS A 348 -10.45 -28.88 36.49
CA LYS A 348 -11.77 -28.93 37.08
C LYS A 348 -12.83 -28.61 36.04
N GLN A 349 -12.57 -27.61 35.20
CA GLN A 349 -13.52 -27.25 34.17
C GLN A 349 -13.50 -28.21 33.00
N LEU A 350 -12.36 -28.78 32.65
CA LEU A 350 -12.32 -29.71 31.51
C LEU A 350 -13.22 -30.87 31.79
N ARG A 351 -13.23 -31.35 33.04
CA ARG A 351 -14.02 -32.51 33.42
C ARG A 351 -15.50 -32.36 33.11
N LYS A 352 -16.03 -31.15 33.02
CA LYS A 352 -17.45 -31.02 32.74
C LYS A 352 -17.83 -31.71 31.43
N HIS A 353 -16.90 -31.79 30.46
CA HIS A 353 -17.18 -32.41 29.19
C HIS A 353 -16.55 -33.79 29.02
N PHE A 354 -15.78 -34.25 30.02
CA PHE A 354 -15.04 -35.50 29.86
C PHE A 354 -15.35 -36.57 30.91
N GLY A 355 -15.92 -36.16 32.05
CA GLY A 355 -16.25 -37.06 33.16
C GLY A 355 -15.48 -36.75 34.45
N ASN A 356 -16.20 -36.82 35.60
CA ASN A 356 -15.71 -36.53 36.96
C ASN A 356 -14.67 -37.55 37.46
N ASN A 357 -14.63 -38.78 36.89
CA ASN A 357 -13.71 -39.87 37.22
C ASN A 357 -12.79 -40.18 36.06
N THR A 358 -12.70 -39.25 35.10
CA THR A 358 -11.84 -39.43 33.94
C THR A 358 -10.48 -38.86 34.27
N ILE A 359 -9.44 -39.58 33.93
CA ILE A 359 -8.10 -39.11 34.21
C ILE A 359 -7.67 -38.08 33.19
N ILE A 360 -7.19 -36.94 33.66
CA ILE A 360 -6.71 -35.94 32.73
C ILE A 360 -5.23 -35.77 32.82
N ARG A 361 -4.57 -36.04 31.72
CA ARG A 361 -3.13 -35.98 31.67
C ARG A 361 -2.68 -34.92 30.70
N PHE A 362 -1.62 -34.25 31.05
CA PHE A 362 -1.02 -33.29 30.17
C PHE A 362 0.30 -33.82 29.73
N ALA A 363 0.61 -33.55 28.49
CA ALA A 363 1.83 -34.00 27.86
C ALA A 363 2.33 -32.91 26.92
N ASN A 364 3.60 -32.98 26.49
CA ASN A 364 4.20 -32.02 25.57
C ASN A 364 3.73 -32.30 24.13
N SER A 365 4.14 -31.43 23.18
CA SER A 365 3.75 -31.50 21.77
C SER A 365 4.38 -32.69 21.08
N SER A 366 3.82 -33.06 19.93
CA SER A 366 4.28 -34.24 19.20
C SER A 366 5.60 -34.09 18.46
N GLY A 367 6.00 -32.88 18.14
CA GLY A 367 7.25 -32.68 17.41
C GLY A 367 7.00 -32.19 16.00
N GLY A 368 8.05 -31.68 15.39
CA GLY A 368 7.95 -31.10 14.06
C GLY A 368 8.64 -29.76 14.10
N ASP A 369 8.37 -28.91 13.11
CA ASP A 369 9.03 -27.62 13.05
C ASP A 369 8.70 -26.82 14.30
N LEU A 370 9.66 -26.02 14.74
CA LEU A 370 9.58 -25.23 15.95
C LEU A 370 8.40 -24.30 15.96
N GLU A 371 7.91 -23.87 14.80
CA GLU A 371 6.78 -22.95 14.82
C GLU A 371 5.56 -23.55 15.50
N VAL A 372 5.38 -24.87 15.45
CA VAL A 372 4.23 -25.47 16.09
C VAL A 372 4.65 -26.14 17.37
N THR A 373 5.79 -26.84 17.33
CA THR A 373 6.32 -27.63 18.41
C THR A 373 6.58 -26.87 19.68
N THR A 374 7.15 -25.67 19.59
CA THR A 374 7.50 -24.86 20.74
C THR A 374 6.66 -23.63 20.90
N HIS A 375 6.85 -22.96 22.02
CA HIS A 375 6.14 -21.72 22.27
C HIS A 375 6.91 -20.58 21.68
N SER A 376 6.38 -20.05 20.59
CA SER A 376 7.01 -18.97 19.87
C SER A 376 6.57 -17.71 20.51
N PHE A 377 7.55 -16.92 20.81
CA PHE A 377 7.42 -15.69 21.53
C PHE A 377 8.24 -14.54 20.96
N ASN A 378 7.59 -13.43 20.69
CA ASN A 378 8.25 -12.27 20.12
C ASN A 378 8.33 -11.16 21.15
N CYS A 379 9.53 -10.86 21.70
CA CYS A 379 9.67 -9.88 22.76
C CYS A 379 11.07 -9.26 22.79
N GLY A 380 11.08 -7.94 22.90
CA GLY A 380 12.32 -7.19 23.02
C GLY A 380 12.96 -7.00 21.66
N GLY A 381 12.28 -7.47 20.63
CA GLY A 381 12.76 -7.45 19.27
C GLY A 381 13.39 -8.77 18.86
N GLU A 382 13.48 -9.74 19.77
CA GLU A 382 14.07 -11.04 19.44
C GLU A 382 13.01 -12.12 19.33
N PHE A 383 13.33 -13.16 18.58
CA PHE A 383 12.41 -14.28 18.42
C PHE A 383 12.83 -15.51 19.19
N PHE A 384 12.00 -15.89 20.14
CA PHE A 384 12.24 -16.99 21.04
C PHE A 384 11.41 -18.20 20.68
N TYR A 385 12.00 -19.36 20.86
CA TYR A 385 11.35 -20.64 20.70
C TYR A 385 11.56 -21.47 21.98
N CYS A 386 10.60 -21.42 22.92
CA CYS A 386 10.71 -21.99 24.27
C CYS A 386 10.20 -23.42 24.32
N ASN A 387 11.00 -24.29 24.92
CA ASN A 387 10.77 -25.73 24.97
C ASN A 387 9.37 -26.10 25.48
N THR A 388 8.89 -25.45 26.56
CA THR A 388 7.54 -25.59 27.17
C THR A 388 7.20 -26.94 27.81
N SER A 389 8.04 -27.98 27.69
CA SER A 389 7.59 -29.28 28.18
C SER A 389 7.46 -29.36 29.68
N GLY A 390 8.13 -28.46 30.39
CA GLY A 390 8.09 -28.45 31.84
C GLY A 390 6.75 -27.97 32.37
N LEU A 391 5.91 -27.43 31.50
CA LEU A 391 4.61 -26.97 31.92
C LEU A 391 3.53 -28.02 31.69
N PHE A 392 3.79 -29.04 30.88
CA PHE A 392 2.75 -30.00 30.53
C PHE A 392 3.21 -31.43 30.74
N ASN A 393 3.45 -31.79 32.01
CA ASN A 393 3.91 -33.10 32.45
C ASN A 393 3.27 -33.41 33.80
N SER A 394 1.98 -33.81 33.79
CA SER A 394 1.21 -34.07 35.03
C SER A 394 0.03 -34.96 34.80
N THR A 395 -0.42 -35.61 35.87
CA THR A 395 -1.64 -36.38 35.82
C THR A 395 -2.56 -35.92 36.93
N TRP A 396 -3.79 -35.58 36.58
CA TRP A 396 -4.74 -35.12 37.56
C TRP A 396 -5.88 -36.11 37.76
N ILE A 397 -6.22 -36.37 39.06
CA ILE A 397 -7.30 -37.29 39.47
C ILE A 397 -7.94 -36.71 40.73
N ASP A 412 9.05 -21.57 44.43
CA ASP A 412 9.99 -22.19 43.50
C ASP A 412 9.58 -21.87 42.04
N SER A 413 10.35 -22.35 41.03
CA SER A 413 10.13 -22.05 39.59
C SER A 413 10.42 -23.22 38.66
N ILE A 414 9.90 -23.08 37.44
CA ILE A 414 10.04 -24.10 36.41
C ILE A 414 11.28 -23.97 35.48
N THR A 415 11.66 -22.76 35.11
CA THR A 415 12.80 -22.41 34.25
C THR A 415 12.91 -23.18 32.95
N LEU A 416 12.09 -22.79 31.99
CA LEU A 416 12.05 -23.40 30.68
C LEU A 416 13.19 -22.87 29.82
N PRO A 417 13.99 -23.69 29.15
CA PRO A 417 15.04 -23.26 28.26
C PRO A 417 14.39 -22.76 27.00
N CYS A 418 15.02 -21.77 26.31
CA CYS A 418 14.56 -21.20 25.05
C CYS A 418 15.70 -21.05 24.04
N ARG A 419 15.37 -21.13 22.76
CA ARG A 419 16.33 -20.93 21.70
C ARG A 419 16.04 -19.64 20.95
N ILE A 420 17.07 -19.03 20.40
CA ILE A 420 16.91 -17.79 19.64
C ILE A 420 17.21 -17.96 18.18
N LYS A 421 16.34 -17.43 17.32
CA LYS A 421 16.52 -17.54 15.88
C LYS A 421 16.42 -16.16 15.24
N GLN A 422 17.23 -15.84 14.21
CA GLN A 422 17.20 -14.52 13.58
C GLN A 422 16.51 -14.49 12.21
N ILE A 423 16.57 -15.58 11.45
CA ILE A 423 15.91 -15.52 10.15
C ILE A 423 14.55 -16.18 10.28
N ILE A 424 13.51 -15.39 10.18
CA ILE A 424 12.16 -15.82 10.48
C ILE A 424 11.18 -15.83 9.32
N ASN A 425 10.57 -16.98 9.05
CA ASN A 425 9.52 -17.04 8.04
C ASN A 425 8.23 -16.87 8.82
N MET A 426 7.91 -15.63 9.19
CA MET A 426 6.84 -15.43 10.16
C MET A 426 5.45 -15.83 9.74
N TRP A 427 5.06 -15.42 8.58
CA TRP A 427 3.73 -15.72 8.12
C TRP A 427 3.90 -16.98 7.34
N GLN A 428 2.88 -17.83 7.28
CA GLN A 428 3.10 -19.11 6.61
C GLN A 428 3.06 -19.00 5.12
N ARG A 429 4.16 -18.49 4.60
CA ARG A 429 4.41 -18.19 3.21
C ARG A 429 5.80 -18.71 2.89
N ILE A 430 6.09 -18.93 1.63
CA ILE A 430 7.42 -19.39 1.26
C ILE A 430 8.37 -18.34 0.71
N GLY A 431 7.90 -17.46 -0.16
CA GLY A 431 8.77 -16.53 -0.89
C GLY A 431 9.62 -15.52 -0.13
N GLN A 432 9.19 -15.04 1.04
CA GLN A 432 9.99 -14.04 1.73
C GLN A 432 10.30 -14.36 3.18
N ALA A 433 11.55 -14.12 3.56
CA ALA A 433 12.03 -14.30 4.92
C ALA A 433 12.44 -12.98 5.52
N MET A 434 12.26 -12.81 6.81
CA MET A 434 12.70 -11.58 7.43
C MET A 434 13.90 -11.80 8.33
N TYR A 435 14.86 -10.90 8.28
CA TYR A 435 16.01 -10.98 9.15
C TYR A 435 15.94 -9.98 10.27
N ALA A 436 15.92 -10.48 11.48
CA ALA A 436 15.83 -9.61 12.61
C ALA A 436 17.22 -9.13 12.99
N PRO A 437 17.49 -7.83 13.05
CA PRO A 437 18.77 -7.33 13.38
C PRO A 437 18.88 -7.64 14.83
N PRO A 438 20.06 -7.79 15.40
CA PRO A 438 20.28 -8.05 16.79
C PRO A 438 19.92 -6.89 17.65
N ILE A 439 19.50 -7.18 18.86
CA ILE A 439 19.22 -6.13 19.80
C ILE A 439 20.39 -5.99 20.73
N GLN A 440 20.93 -4.78 20.79
CA GLN A 440 22.09 -4.47 21.61
C GLN A 440 21.81 -4.58 23.09
N GLY A 441 22.76 -5.12 23.84
CA GLY A 441 22.58 -5.25 25.28
C GLY A 441 21.88 -6.54 25.68
N VAL A 442 21.12 -6.46 26.78
CA VAL A 442 20.48 -7.59 27.44
C VAL A 442 18.96 -7.41 27.48
N ILE A 443 18.22 -8.49 27.26
CA ILE A 443 16.76 -8.38 27.25
C ILE A 443 16.00 -9.05 28.38
N ARG A 444 15.09 -8.29 28.99
CA ARG A 444 14.18 -8.80 30.01
C ARG A 444 12.75 -8.50 29.58
N CYS A 445 11.85 -9.50 29.72
CA CYS A 445 10.42 -9.42 29.39
C CYS A 445 9.57 -9.95 30.53
N VAL A 446 8.50 -9.23 30.86
CA VAL A 446 7.55 -9.73 31.83
C VAL A 446 6.19 -9.70 31.21
N SER A 447 5.51 -10.83 31.21
CA SER A 447 4.21 -10.90 30.58
C SER A 447 3.25 -11.81 31.32
N ASN A 448 1.93 -11.72 31.01
CA ASN A 448 0.87 -12.54 31.60
C ASN A 448 0.43 -13.65 30.65
N ILE A 449 0.30 -14.89 31.17
CA ILE A 449 -0.28 -16.01 30.42
C ILE A 449 -1.74 -15.94 30.76
N THR A 450 -2.56 -15.68 29.76
CA THR A 450 -3.97 -15.46 29.96
C THR A 450 -4.79 -16.58 29.39
N GLY A 451 -4.13 -17.56 28.80
CA GLY A 451 -4.83 -18.69 28.23
C GLY A 451 -3.93 -19.68 27.54
N LEU A 452 -4.53 -20.77 27.07
CA LEU A 452 -3.81 -21.86 26.43
C LEU A 452 -4.45 -22.29 25.12
N ILE A 453 -3.67 -22.81 24.16
CA ILE A 453 -4.31 -23.46 23.03
C ILE A 453 -4.02 -24.95 23.11
N LEU A 454 -5.02 -25.71 23.51
CA LEU A 454 -4.83 -27.14 23.71
C LEU A 454 -5.48 -27.97 22.64
N THR A 455 -4.91 -29.12 22.40
CA THR A 455 -5.53 -30.07 21.52
C THR A 455 -5.69 -31.35 22.29
N ARG A 456 -6.61 -32.19 21.85
CA ARG A 456 -6.79 -33.44 22.53
C ARG A 456 -6.35 -34.59 21.67
N ASP A 457 -5.60 -35.47 22.28
CA ASP A 457 -5.09 -36.65 21.65
C ASP A 457 -6.07 -37.79 21.88
N GLY A 458 -6.84 -38.09 20.85
CA GLY A 458 -7.89 -39.11 20.94
C GLY A 458 -8.96 -38.70 21.93
N GLY A 459 -9.24 -39.60 22.87
CA GLY A 459 -10.26 -39.36 23.88
C GLY A 459 -10.39 -40.55 24.82
N SER A 460 -11.32 -40.41 25.78
CA SER A 460 -11.59 -41.37 26.86
C SER A 460 -12.36 -42.58 26.44
N THR A 461 -12.89 -42.56 25.21
CA THR A 461 -13.76 -43.57 24.64
C THR A 461 -13.58 -44.98 25.25
N ASN A 462 -12.38 -45.61 25.13
CA ASN A 462 -12.11 -46.96 25.63
C ASN A 462 -10.90 -47.02 26.61
N SER A 463 -10.57 -45.89 27.29
CA SER A 463 -9.43 -45.76 28.22
C SER A 463 -9.74 -45.11 29.57
N THR A 464 -10.79 -44.30 29.62
CA THR A 464 -11.13 -43.45 30.77
C THR A 464 -9.94 -42.53 31.14
N THR A 465 -9.10 -42.22 30.14
CA THR A 465 -7.97 -41.30 30.25
C THR A 465 -7.88 -40.43 28.99
N GLU A 466 -7.65 -39.14 29.16
CA GLU A 466 -7.43 -38.28 28.00
C GLU A 466 -6.15 -37.50 28.13
N THR A 467 -5.49 -37.28 26.99
CA THR A 467 -4.26 -36.50 27.00
C THR A 467 -4.40 -35.21 26.23
N PHE A 468 -4.02 -34.14 26.90
CA PHE A 468 -4.07 -32.82 26.29
C PHE A 468 -2.66 -32.37 26.04
N ARG A 469 -2.46 -31.71 24.91
CA ARG A 469 -1.15 -31.24 24.54
C ARG A 469 -1.24 -29.77 24.13
N PRO A 470 -0.17 -28.98 24.26
CA PRO A 470 -0.09 -27.61 23.82
C PRO A 470 0.13 -27.56 22.33
N GLY A 471 -0.86 -28.01 21.59
CA GLY A 471 -0.79 -28.11 20.15
C GLY A 471 -0.66 -26.81 19.36
N GLY A 472 -1.26 -25.71 19.84
CA GLY A 472 -1.17 -24.47 19.07
C GLY A 472 -1.72 -24.65 17.64
N GLY A 473 -1.00 -24.12 16.64
CA GLY A 473 -1.37 -24.31 15.22
C GLY A 473 -2.14 -23.25 14.40
N ASP A 474 -2.68 -22.18 15.00
CA ASP A 474 -3.43 -21.19 14.18
C ASP A 474 -3.20 -19.78 14.69
N MET A 475 -2.64 -18.91 13.87
CA MET A 475 -2.29 -17.59 14.38
C MET A 475 -3.54 -16.83 14.84
N ARG A 476 -4.68 -17.12 14.23
CA ARG A 476 -5.94 -16.45 14.52
C ARG A 476 -6.48 -16.77 15.88
N ASP A 477 -6.03 -17.86 16.48
CA ASP A 477 -6.57 -18.25 17.77
C ASP A 477 -6.15 -17.29 18.85
N ASN A 478 -5.12 -16.48 18.61
CA ASN A 478 -4.73 -15.56 19.62
C ASN A 478 -5.54 -14.28 19.56
N TRP A 479 -6.44 -14.17 18.58
CA TRP A 479 -7.25 -12.97 18.43
C TRP A 479 -8.72 -13.28 18.59
N ARG A 480 -9.16 -14.48 18.19
CA ARG A 480 -10.59 -14.74 18.30
C ARG A 480 -10.97 -14.83 19.77
N SER A 481 -9.98 -15.07 20.61
CA SER A 481 -10.12 -15.18 22.04
C SER A 481 -10.48 -13.84 22.68
N GLU A 482 -10.28 -12.75 21.93
CA GLU A 482 -10.63 -11.42 22.40
C GLU A 482 -11.88 -10.92 21.66
N LEU A 483 -12.03 -11.35 20.41
CA LEU A 483 -13.12 -10.89 19.58
C LEU A 483 -14.42 -11.69 19.71
N TYR A 484 -14.42 -12.78 20.45
CA TYR A 484 -15.62 -13.61 20.62
C TYR A 484 -16.85 -12.86 21.14
N LYS A 485 -16.65 -11.74 21.81
CA LYS A 485 -17.79 -11.01 22.34
C LYS A 485 -18.40 -10.04 21.36
N TYR A 486 -17.79 -9.84 20.20
CA TYR A 486 -18.31 -8.82 19.31
C TYR A 486 -18.91 -9.33 18.01
N LYS A 487 -19.98 -8.66 17.59
CA LYS A 487 -20.64 -8.96 16.32
C LYS A 487 -20.90 -7.69 15.51
N VAL A 488 -20.74 -7.77 14.20
CA VAL A 488 -21.04 -6.61 13.36
C VAL A 488 -22.40 -6.72 12.71
N VAL A 489 -23.20 -5.67 12.87
CA VAL A 489 -24.51 -5.67 12.26
C VAL A 489 -24.72 -4.45 11.40
N LYS A 490 -25.65 -4.56 10.47
CA LYS A 490 -26.03 -3.49 9.56
C LYS A 490 -27.36 -2.93 9.95
N ILE A 491 -27.46 -1.62 9.99
CA ILE A 491 -28.71 -0.98 10.37
C ILE A 491 -29.57 -0.75 9.15
N GLU A 492 -30.84 -1.16 9.24
CA GLU A 492 -31.79 -1.01 8.14
C GLU A 492 -33.03 -0.23 8.57
N PRO A 493 -32.99 1.10 8.53
CA PRO A 493 -33.94 2.03 9.10
C PRO A 493 -35.29 2.15 8.42
N LEU A 494 -35.47 1.59 7.23
CA LEU A 494 -36.72 1.81 6.56
C LEU A 494 -37.65 0.62 6.68
N GLY A 495 -38.92 0.87 7.01
CA GLY A 495 -39.87 -0.23 7.06
C GLY A 495 -41.32 0.24 7.11
N VAL A 496 -42.24 -0.71 7.05
CA VAL A 496 -43.65 -0.38 7.01
C VAL A 496 -44.45 -1.16 8.03
N ALA A 497 -45.63 -0.64 8.39
CA ALA A 497 -46.57 -1.32 9.28
C ALA A 497 -47.97 -0.73 9.03
N PRO A 498 -49.09 -1.45 9.27
CA PRO A 498 -50.44 -0.94 9.14
C PRO A 498 -50.80 0.02 10.24
N THR A 499 -51.54 1.07 9.90
CA THR A 499 -52.06 2.00 10.88
C THR A 499 -53.48 2.42 10.60
N ARG A 500 -54.13 2.99 11.60
CA ARG A 500 -55.48 3.50 11.38
C ARG A 500 -55.47 4.97 10.91
N CYS A 501 -54.95 5.24 9.70
CA CYS A 501 -54.95 6.58 9.07
C CYS A 501 -54.85 6.45 7.57
N LYS A 502 -55.13 7.52 6.86
CA LYS A 502 -54.92 7.52 5.43
C LYS A 502 -54.42 8.87 4.98
N ARG A 503 -53.59 8.87 3.96
CA ARG A 503 -53.15 10.12 3.38
C ARG A 503 -54.35 10.83 2.82
N ARG A 504 -54.48 12.11 3.08
CA ARG A 504 -55.60 12.85 2.52
C ARG A 504 -55.13 13.67 1.33
N VAL A 505 -55.55 13.27 0.13
CA VAL A 505 -55.17 13.86 -1.16
C VAL A 505 -56.20 14.93 -1.51
N LEU B 9 -31.82 8.50 24.97
CA LEU B 9 -31.96 7.08 25.29
C LEU B 9 -30.72 6.27 24.80
N GLY B 10 -30.27 6.54 23.55
CA GLY B 10 -29.13 5.90 22.87
C GLY B 10 -29.51 5.44 21.47
N PHE B 11 -28.50 5.24 20.63
CA PHE B 11 -28.67 4.87 19.24
C PHE B 11 -29.59 3.68 18.99
N LEU B 12 -29.45 2.57 19.66
CA LEU B 12 -30.42 1.49 19.44
C LEU B 12 -31.18 1.22 20.70
N GLY B 13 -31.29 2.22 21.55
CA GLY B 13 -31.91 2.06 22.85
C GLY B 13 -33.34 1.55 22.84
N ALA B 14 -34.08 1.87 21.80
CA ALA B 14 -35.47 1.46 21.68
C ALA B 14 -35.63 0.08 21.09
N ALA B 15 -34.55 -0.64 20.81
CA ALA B 15 -34.69 -1.93 20.16
C ALA B 15 -35.61 -2.89 20.92
N GLY B 16 -35.63 -2.85 22.24
CA GLY B 16 -36.49 -3.75 23.01
C GLY B 16 -37.85 -3.15 23.37
N SER B 17 -38.13 -1.97 22.87
CA SER B 17 -39.38 -1.31 23.17
C SER B 17 -40.37 -1.81 22.17
N THR B 18 -41.64 -1.68 22.45
CA THR B 18 -42.57 -2.17 21.47
C THR B 18 -42.66 -1.22 20.28
N MET B 19 -43.27 -1.68 19.22
CA MET B 19 -43.30 -0.90 18.00
C MET B 19 -43.85 0.48 18.17
N GLY B 20 -44.92 0.64 18.92
CA GLY B 20 -45.49 1.93 19.15
C GLY B 20 -44.54 2.83 19.91
N ALA B 21 -44.01 2.33 21.01
CA ALA B 21 -43.12 3.12 21.85
C ALA B 21 -41.87 3.58 21.11
N ALA B 22 -41.37 2.72 20.24
CA ALA B 22 -40.15 2.98 19.50
C ALA B 22 -40.33 4.01 18.41
N SER B 23 -41.56 4.41 18.11
CA SER B 23 -41.77 5.38 17.06
C SER B 23 -41.32 6.74 17.52
N MET B 24 -41.05 6.89 18.81
CA MET B 24 -40.64 8.16 19.34
C MET B 24 -39.13 8.41 19.24
N THR B 25 -38.37 7.45 18.71
CA THR B 25 -36.92 7.61 18.60
C THR B 25 -36.44 7.60 17.17
N LEU B 26 -37.32 7.86 16.22
CA LEU B 26 -36.91 7.74 14.83
C LEU B 26 -35.76 8.69 14.46
N THR B 27 -35.65 9.84 15.12
CA THR B 27 -34.54 10.73 14.81
C THR B 27 -33.25 10.27 15.42
N VAL B 28 -33.32 9.43 16.44
CA VAL B 28 -32.14 8.95 17.11
C VAL B 28 -31.44 8.01 16.18
N GLN B 29 -32.21 7.16 15.52
CA GLN B 29 -31.56 6.27 14.60
C GLN B 29 -31.21 6.98 13.29
N ALA B 30 -32.09 7.83 12.76
CA ALA B 30 -31.79 8.48 11.49
C ALA B 30 -30.57 9.38 11.52
N ARG B 31 -30.35 10.10 12.62
CA ARG B 31 -29.27 11.06 12.67
C ARG B 31 -27.90 10.42 12.80
N ASN B 32 -27.84 9.12 13.07
CA ASN B 32 -26.56 8.45 13.21
C ASN B 32 -26.14 7.73 11.95
N LEU B 33 -26.90 7.92 10.88
CA LEU B 33 -26.57 7.35 9.60
C LEU B 33 -25.80 8.46 8.95
N LEU B 34 -25.00 8.17 7.94
CA LEU B 34 -24.30 9.26 7.27
C LEU B 34 -23.42 10.11 8.24
N SER B 35 -22.80 9.49 9.26
CA SER B 35 -21.95 10.17 10.25
C SER B 35 -20.55 10.42 9.67
N THR B 58 -0.79 3.15 0.49
CA THR B 58 -2.04 3.67 -0.04
C THR B 58 -3.23 2.67 -0.01
N VAL B 59 -3.03 1.45 0.57
CA VAL B 59 -4.03 0.37 0.68
C VAL B 59 -5.25 0.80 1.44
N TRP B 60 -5.03 1.56 2.49
CA TRP B 60 -6.11 1.98 3.32
C TRP B 60 -6.72 3.27 2.81
N GLY B 61 -6.14 3.83 1.75
CA GLY B 61 -6.69 5.00 1.13
C GLY B 61 -7.94 4.48 0.46
N ILE B 62 -7.76 3.37 -0.24
CA ILE B 62 -8.90 2.77 -0.91
C ILE B 62 -9.85 2.20 0.11
N LYS B 63 -9.38 1.46 1.11
CA LYS B 63 -10.38 0.91 2.02
C LYS B 63 -11.23 2.00 2.69
N GLN B 64 -10.62 3.12 3.09
CA GLN B 64 -11.42 4.13 3.74
C GLN B 64 -12.38 4.78 2.75
N LEU B 65 -11.93 5.04 1.52
CA LEU B 65 -12.84 5.65 0.58
C LEU B 65 -13.98 4.74 0.26
N GLN B 66 -13.76 3.44 0.19
CA GLN B 66 -14.85 2.56 -0.11
C GLN B 66 -15.88 2.61 1.00
N ALA B 67 -15.44 2.65 2.25
CA ALA B 67 -16.38 2.71 3.35
C ALA B 67 -17.21 3.98 3.31
N ARG B 68 -16.59 5.10 2.94
CA ARG B 68 -17.29 6.37 2.91
C ARG B 68 -18.28 6.43 1.77
N VAL B 69 -17.90 5.91 0.61
CA VAL B 69 -18.78 5.92 -0.52
C VAL B 69 -19.95 5.04 -0.23
N LEU B 70 -19.73 3.87 0.38
CA LEU B 70 -20.83 3.00 0.69
C LEU B 70 -21.81 3.65 1.62
N ALA B 71 -21.34 4.32 2.67
CA ALA B 71 -22.31 4.93 3.56
C ALA B 71 -23.20 5.90 2.81
N VAL B 72 -22.61 6.65 1.88
CA VAL B 72 -23.38 7.60 1.10
C VAL B 72 -24.36 6.92 0.16
N GLU B 73 -23.93 5.90 -0.56
CA GLU B 73 -24.84 5.28 -1.49
C GLU B 73 -26.00 4.64 -0.77
N ARG B 74 -25.77 4.04 0.39
CA ARG B 74 -26.88 3.41 1.08
C ARG B 74 -27.87 4.45 1.55
N TYR B 75 -27.36 5.57 2.06
CA TYR B 75 -28.23 6.64 2.52
C TYR B 75 -29.11 7.12 1.39
N LEU B 76 -28.51 7.38 0.24
CA LEU B 76 -29.30 7.90 -0.84
C LEU B 76 -30.31 6.93 -1.37
N ARG B 77 -30.02 5.63 -1.42
CA ARG B 77 -31.06 4.75 -1.93
C ARG B 77 -32.31 4.82 -1.04
N ASP B 78 -32.14 4.92 0.28
CA ASP B 78 -33.33 5.01 1.11
C ASP B 78 -34.06 6.34 0.87
N GLN B 79 -33.31 7.40 0.68
CA GLN B 79 -33.97 8.67 0.45
C GLN B 79 -34.70 8.66 -0.88
N GLN B 80 -34.16 8.00 -1.89
CA GLN B 80 -34.83 7.97 -3.16
C GLN B 80 -36.16 7.26 -3.05
N LEU B 81 -36.24 6.16 -2.29
CA LEU B 81 -37.52 5.49 -2.18
C LEU B 81 -38.53 6.35 -1.49
N LEU B 82 -38.12 7.09 -0.46
CA LEU B 82 -39.08 7.94 0.20
C LEU B 82 -39.56 9.00 -0.77
N GLY B 83 -38.66 9.48 -1.63
CA GLY B 83 -39.03 10.45 -2.64
C GLY B 83 -40.09 9.90 -3.58
N ILE B 84 -39.86 8.72 -4.11
CA ILE B 84 -40.78 8.12 -5.05
C ILE B 84 -42.15 7.88 -4.47
N TRP B 85 -42.23 7.44 -3.23
CA TRP B 85 -43.51 7.14 -2.59
C TRP B 85 -44.23 8.40 -2.09
N GLY B 86 -43.60 9.56 -2.22
CA GLY B 86 -44.16 10.82 -1.70
C GLY B 86 -44.00 11.06 -0.18
N CYS B 87 -42.97 10.44 0.44
CA CYS B 87 -42.65 10.48 1.86
C CYS B 87 -41.38 11.29 2.13
N SER B 88 -40.92 12.04 1.14
CA SER B 88 -39.70 12.77 1.33
C SER B 88 -39.83 13.79 2.42
N GLY B 89 -38.80 13.88 3.24
CA GLY B 89 -38.76 14.88 4.28
C GLY B 89 -39.50 14.49 5.54
N LYS B 90 -40.04 13.28 5.59
CA LYS B 90 -40.79 12.89 6.77
C LYS B 90 -40.27 11.63 7.42
N LEU B 91 -40.41 11.56 8.73
CA LEU B 91 -40.04 10.35 9.45
C LEU B 91 -41.22 9.41 9.47
N ILE B 92 -42.42 9.96 9.65
CA ILE B 92 -43.63 9.17 9.65
C ILE B 92 -44.49 9.61 8.46
N CYS B 93 -44.75 8.69 7.50
CA CYS B 93 -45.50 8.98 6.28
C CYS B 93 -46.71 8.07 6.13
N CYS B 94 -47.88 8.68 6.25
CA CYS B 94 -49.11 7.94 6.14
C CYS B 94 -49.50 7.98 4.65
N THR B 95 -49.69 6.81 4.03
CA THR B 95 -49.97 6.74 2.59
C THR B 95 -51.41 6.32 2.38
N ASN B 96 -51.83 6.16 1.13
CA ASN B 96 -53.20 5.75 0.85
C ASN B 96 -53.31 4.34 0.25
N VAL B 97 -52.28 3.52 0.43
CA VAL B 97 -52.36 2.14 -0.03
C VAL B 97 -52.91 1.30 1.10
N PRO B 98 -54.01 0.56 0.91
CA PRO B 98 -54.67 -0.23 1.94
C PRO B 98 -53.82 -1.40 2.34
N TRP B 99 -53.96 -1.83 3.58
CA TRP B 99 -53.25 -2.98 4.09
C TRP B 99 -53.95 -4.25 3.68
N ASN B 100 -53.21 -5.18 3.15
CA ASN B 100 -53.74 -6.46 2.74
C ASN B 100 -53.52 -7.48 3.86
N SER B 101 -54.59 -8.04 4.37
CA SER B 101 -54.53 -8.98 5.48
C SER B 101 -53.75 -10.24 5.14
N SER B 102 -53.52 -10.48 3.85
CA SER B 102 -52.76 -11.63 3.42
C SER B 102 -51.28 -11.44 3.74
N TRP B 103 -50.87 -10.19 3.97
CA TRP B 103 -49.48 -9.91 4.31
C TRP B 103 -49.36 -10.19 5.79
N SER B 104 -50.37 -9.73 6.50
CA SER B 104 -50.47 -9.94 7.94
C SER B 104 -51.88 -9.74 8.43
N ASN B 105 -52.34 -10.69 9.23
CA ASN B 105 -53.66 -10.64 9.84
C ASN B 105 -53.61 -10.48 11.34
N ARG B 106 -52.52 -9.94 11.85
CA ARG B 106 -52.38 -9.71 13.28
C ARG B 106 -53.28 -8.57 13.70
N ASN B 107 -53.74 -8.59 14.93
CA ASN B 107 -54.60 -7.53 15.44
C ASN B 107 -53.82 -6.24 15.51
N LEU B 108 -54.47 -5.12 15.24
CA LEU B 108 -53.76 -3.87 15.30
C LEU B 108 -53.11 -3.65 16.67
N SER B 109 -53.73 -4.11 17.76
CA SER B 109 -53.17 -3.91 19.09
C SER B 109 -51.98 -4.81 19.34
N GLU B 110 -51.87 -5.88 18.56
CA GLU B 110 -50.80 -6.85 18.66
C GLU B 110 -49.61 -6.38 17.88
N ILE B 111 -49.86 -5.55 16.88
CA ILE B 111 -48.78 -5.03 16.10
C ILE B 111 -48.21 -3.80 16.78
N TRP B 112 -49.05 -2.87 17.20
CA TRP B 112 -48.45 -1.70 17.78
C TRP B 112 -47.98 -1.84 19.20
N ASP B 113 -48.48 -2.79 19.97
CA ASP B 113 -47.90 -2.95 21.26
C ASP B 113 -47.67 -4.42 21.45
N ASN B 114 -47.10 -4.81 22.56
CA ASN B 114 -46.83 -6.22 22.81
C ASN B 114 -46.04 -6.90 21.67
N MET B 115 -45.10 -6.19 21.03
CA MET B 115 -44.30 -6.71 19.92
C MET B 115 -43.21 -5.69 19.58
N THR B 116 -42.05 -6.15 19.11
CA THR B 116 -40.98 -5.20 18.71
C THR B 116 -40.75 -5.16 17.21
N TRP B 117 -40.00 -4.13 16.75
CA TRP B 117 -39.72 -3.96 15.32
C TRP B 117 -38.85 -5.07 14.78
N LEU B 118 -38.02 -5.64 15.64
CA LEU B 118 -37.16 -6.74 15.24
C LEU B 118 -37.98 -7.98 14.90
N GLN B 119 -39.15 -8.14 15.52
CA GLN B 119 -39.95 -9.31 15.25
C GLN B 119 -40.81 -9.07 14.03
N TRP B 120 -41.34 -7.85 13.94
CA TRP B 120 -42.21 -7.46 12.85
C TRP B 120 -41.49 -7.60 11.54
N ASP B 121 -40.24 -7.19 11.53
CA ASP B 121 -39.43 -7.23 10.35
C ASP B 121 -39.31 -8.65 9.78
N LYS B 122 -39.38 -9.69 10.60
CA LYS B 122 -39.27 -10.99 10.00
C LYS B 122 -40.61 -11.42 9.46
N GLU B 123 -41.68 -11.11 10.20
CA GLU B 123 -43.00 -11.57 9.80
C GLU B 123 -43.46 -11.00 8.46
N ILE B 124 -43.10 -9.77 8.19
CA ILE B 124 -43.54 -9.09 7.00
C ILE B 124 -42.46 -9.12 5.92
N SER B 125 -41.40 -9.86 6.14
CA SER B 125 -40.28 -9.87 5.23
C SER B 125 -40.64 -10.26 3.82
N ASN B 126 -41.50 -11.25 3.69
CA ASN B 126 -41.82 -11.80 2.39
C ASN B 126 -42.72 -10.90 1.56
N TYR B 127 -43.22 -9.82 2.14
CA TYR B 127 -44.11 -8.96 1.41
C TYR B 127 -43.48 -7.60 1.15
N THR B 128 -42.20 -7.45 1.47
CA THR B 128 -41.58 -6.14 1.34
C THR B 128 -41.59 -5.62 -0.08
N GLN B 129 -41.26 -6.47 -1.03
CA GLN B 129 -41.19 -5.99 -2.40
C GLN B 129 -42.55 -5.59 -2.93
N ILE B 130 -43.58 -6.32 -2.51
CA ILE B 130 -44.92 -6.06 -2.97
C ILE B 130 -45.39 -4.72 -2.48
N ILE B 131 -45.16 -4.47 -1.21
CA ILE B 131 -45.62 -3.24 -0.63
C ILE B 131 -44.93 -2.08 -1.28
N TYR B 132 -43.62 -2.18 -1.49
CA TYR B 132 -42.94 -1.07 -2.10
C TYR B 132 -43.48 -0.79 -3.48
N GLY B 133 -43.75 -1.82 -4.27
CA GLY B 133 -44.28 -1.61 -5.60
C GLY B 133 -45.63 -0.89 -5.58
N LEU B 134 -46.49 -1.27 -4.64
CA LEU B 134 -47.79 -0.62 -4.56
C LEU B 134 -47.68 0.84 -4.18
N LEU B 135 -46.75 1.16 -3.29
CA LEU B 135 -46.61 2.54 -2.88
C LEU B 135 -46.19 3.39 -4.06
N GLU B 136 -45.31 2.87 -4.90
CA GLU B 136 -44.89 3.57 -6.10
C GLU B 136 -46.04 3.80 -7.07
N GLU B 137 -46.88 2.78 -7.27
CA GLU B 137 -47.98 2.94 -8.20
C GLU B 137 -48.93 4.01 -7.73
N SER B 138 -49.19 4.04 -6.43
CA SER B 138 -50.09 5.02 -5.90
C SER B 138 -49.59 6.42 -6.10
N GLN B 139 -48.29 6.66 -5.85
CA GLN B 139 -47.83 8.03 -6.01
C GLN B 139 -47.91 8.47 -7.44
N ASN B 140 -47.65 7.58 -8.40
CA ASN B 140 -47.75 8.07 -9.77
C ASN B 140 -49.17 8.53 -10.09
N GLN B 141 -50.17 7.81 -9.58
CA GLN B 141 -51.53 8.23 -9.84
C GLN B 141 -51.83 9.52 -9.11
N GLN B 142 -51.33 9.67 -7.90
CA GLN B 142 -51.57 10.88 -7.14
C GLN B 142 -51.01 12.08 -7.84
N GLU B 143 -49.82 11.99 -8.40
CA GLU B 143 -49.28 13.17 -9.05
C GLU B 143 -50.10 13.56 -10.25
N LYS B 144 -50.57 12.59 -11.02
CA LYS B 144 -51.36 12.97 -12.18
C LYS B 144 -52.62 13.66 -11.72
N ASN B 145 -53.25 13.16 -10.67
CA ASN B 145 -54.48 13.78 -10.25
C ASN B 145 -54.24 15.20 -9.79
N GLU B 146 -53.14 15.45 -9.10
CA GLU B 146 -52.86 16.80 -8.64
C GLU B 146 -52.58 17.73 -9.80
N GLN B 147 -51.87 17.26 -10.82
CA GLN B 147 -51.59 18.11 -11.97
C GLN B 147 -52.89 18.49 -12.66
N ASP B 148 -53.81 17.55 -12.77
CA ASP B 148 -55.07 17.87 -13.42
C ASP B 148 -55.90 18.83 -12.58
N LEU B 149 -55.86 18.71 -11.26
CA LEU B 149 -56.61 19.64 -10.44
C LEU B 149 -56.04 21.05 -10.53
N LEU B 150 -54.72 21.18 -10.60
CA LEU B 150 -54.11 22.49 -10.73
C LEU B 150 -54.45 23.10 -12.07
N ALA B 151 -54.59 22.25 -13.09
CA ALA B 151 -54.99 22.69 -14.42
C ALA B 151 -56.40 23.33 -14.50
N LEU B 152 -57.37 22.81 -13.70
CA LEU B 152 -58.78 23.25 -13.67
C LEU B 152 -59.05 24.45 -12.73
N GLN C 1 47.75 -42.15 28.77
CA GLN C 1 48.13 -41.51 27.53
C GLN C 1 47.26 -40.26 27.27
N ALA C 2 47.92 -39.09 27.16
CA ALA C 2 47.31 -37.78 26.87
C ALA C 2 46.89 -37.66 25.40
N GLY C 3 45.76 -36.96 25.14
CA GLY C 3 45.35 -36.68 23.76
C GLY C 3 46.32 -35.73 23.10
N LEU C 4 46.83 -34.79 23.89
CA LEU C 4 47.79 -33.79 23.44
C LEU C 4 49.15 -34.24 23.88
N THR C 5 50.20 -33.83 23.17
CA THR C 5 51.53 -34.21 23.62
C THR C 5 52.38 -32.99 23.85
N GLN C 6 53.43 -33.15 24.64
CA GLN C 6 54.36 -32.06 24.94
C GLN C 6 55.63 -32.70 25.46
N PRO C 7 56.80 -32.03 25.47
CA PRO C 7 58.06 -32.55 25.98
C PRO C 7 57.95 -32.87 27.47
N PRO C 8 58.56 -33.94 27.98
CA PRO C 8 58.62 -34.24 29.39
C PRO C 8 59.42 -33.26 30.24
N SER C 9 60.32 -32.48 29.63
CA SER C 9 61.16 -31.57 30.41
C SER C 9 61.62 -30.35 29.67
N ALA C 10 61.69 -29.23 30.39
CA ALA C 10 62.20 -27.97 29.88
C ALA C 10 63.25 -27.42 30.80
N SER C 11 63.92 -28.28 31.58
CA SER C 11 64.94 -27.82 32.53
C SER C 11 66.29 -27.57 31.86
N GLU C 12 66.29 -26.64 30.93
CA GLU C 12 67.46 -26.26 30.15
C GLU C 12 67.77 -24.78 30.25
N ALA C 13 67.24 -24.11 31.26
CA ALA C 13 67.45 -22.68 31.33
C ALA C 13 67.46 -22.08 32.71
N ALA C 14 68.09 -20.92 32.75
CA ALA C 14 68.19 -19.96 33.84
C ALA C 14 68.53 -18.69 33.09
N GLY C 15 68.36 -17.51 33.68
CA GLY C 15 68.74 -16.34 32.89
C GLY C 15 67.59 -15.64 32.16
N LYS C 16 66.36 -15.84 32.66
CA LYS C 16 65.12 -15.22 32.18
C LYS C 16 64.55 -15.58 30.80
N SER C 17 64.78 -16.80 30.29
CA SER C 17 64.09 -17.19 29.06
C SER C 17 63.99 -18.71 28.81
N VAL C 18 62.75 -19.23 28.82
CA VAL C 18 62.52 -20.65 28.49
C VAL C 18 61.22 -20.76 27.72
N THR C 19 61.15 -21.68 26.77
CA THR C 19 59.88 -21.90 26.08
C THR C 19 59.43 -23.34 26.25
N ILE C 20 58.16 -23.46 26.61
CA ILE C 20 57.46 -24.72 26.80
C ILE C 20 56.39 -24.79 25.74
N SER C 21 56.30 -25.89 25.03
CA SER C 21 55.31 -25.95 23.99
C SER C 21 54.62 -27.31 23.96
N CYS C 22 53.48 -27.39 23.24
CA CYS C 22 52.68 -28.61 23.07
C CYS C 22 51.98 -28.61 21.72
N SER C 23 51.47 -29.76 21.34
CA SER C 23 50.75 -29.84 20.08
C SER C 23 49.68 -30.90 20.04
N GLY C 24 48.74 -30.70 19.12
CA GLY C 24 47.64 -31.60 18.90
C GLY C 24 47.32 -31.71 17.42
N SER C 25 46.05 -31.59 17.14
CA SER C 25 45.50 -31.71 15.80
C SER C 25 44.39 -30.71 15.61
N SER C 26 43.78 -30.75 14.43
CA SER C 26 42.70 -29.86 14.06
C SER C 26 41.43 -30.14 14.83
N ALA C 27 41.35 -31.29 15.50
CA ALA C 27 40.17 -31.65 16.27
C ALA C 27 40.22 -31.03 17.66
N ASN C 28 41.34 -30.37 17.98
CA ASN C 28 41.55 -29.82 19.28
C ASN C 28 42.14 -28.40 19.23
N ILE C 29 43.46 -28.28 19.31
CA ILE C 29 44.13 -26.98 19.33
C ILE C 29 43.82 -26.19 18.09
N GLY C 30 43.77 -26.85 16.96
CA GLY C 30 43.47 -26.13 15.74
C GLY C 30 42.09 -25.47 15.73
N SER C 31 41.08 -26.06 16.39
CA SER C 31 39.73 -25.48 16.34
C SER C 31 39.33 -24.66 17.55
N THR C 32 39.96 -24.86 18.70
CA THR C 32 39.58 -24.08 19.88
C THR C 32 40.78 -23.49 20.62
N SER C 33 40.52 -22.80 21.71
CA SER C 33 41.54 -22.17 22.52
C SER C 33 42.37 -23.11 23.35
N VAL C 34 43.48 -22.58 23.84
CA VAL C 34 44.42 -23.28 24.70
C VAL C 34 44.67 -22.59 26.03
N SER C 35 44.70 -23.36 27.09
CA SER C 35 44.99 -22.84 28.42
C SER C 35 46.22 -23.51 29.00
N TRP C 36 46.88 -22.83 29.95
CA TRP C 36 48.04 -23.41 30.63
C TRP C 36 47.89 -23.38 32.14
N TYR C 37 48.37 -24.45 32.78
CA TYR C 37 48.33 -24.60 34.23
C TYR C 37 49.68 -24.87 34.85
N GLN C 38 49.87 -24.35 36.05
CA GLN C 38 51.09 -24.53 36.83
C GLN C 38 50.88 -25.34 38.09
N GLN C 39 51.54 -26.50 38.18
CA GLN C 39 51.37 -27.33 39.37
C GLN C 39 52.64 -27.50 40.17
N LEU C 40 52.58 -27.11 41.44
CA LEU C 40 53.72 -27.29 42.30
C LEU C 40 53.50 -28.65 42.92
N PRO C 41 54.53 -29.42 43.25
CA PRO C 41 54.37 -30.71 43.86
C PRO C 41 53.57 -30.56 45.14
N GLY C 42 52.65 -31.48 45.35
CA GLY C 42 51.84 -31.48 46.56
C GLY C 42 50.53 -30.71 46.49
N THR C 43 50.28 -29.95 45.43
CA THR C 43 49.02 -29.21 45.41
C THR C 43 48.24 -29.28 44.11
N ALA C 44 47.08 -28.64 44.13
CA ALA C 44 46.19 -28.55 42.98
C ALA C 44 46.82 -27.58 41.97
N PRO C 45 46.63 -27.74 40.67
CA PRO C 45 47.08 -26.83 39.63
C PRO C 45 46.47 -25.43 39.73
N LYS C 46 47.27 -24.42 39.35
CA LYS C 46 46.84 -23.03 39.26
C LYS C 46 46.69 -22.61 37.80
N LEU C 47 45.67 -21.81 37.48
CA LEU C 47 45.53 -21.33 36.12
C LEU C 47 46.48 -20.19 35.83
N LEU C 48 47.21 -20.28 34.74
CA LEU C 48 48.10 -19.20 34.35
C LEU C 48 47.54 -18.41 33.21
N ILE C 49 47.27 -19.13 32.13
CA ILE C 49 46.84 -18.53 30.88
C ILE C 49 45.58 -19.16 30.35
N TYR C 50 44.65 -18.35 29.92
CA TYR C 50 43.44 -18.89 29.35
C TYR C 50 43.10 -18.20 28.07
N TYR C 51 42.32 -18.87 27.25
CA TYR C 51 41.90 -18.32 25.98
C TYR C 51 43.09 -17.85 25.17
N ASN C 52 44.09 -18.73 25.05
CA ASN C 52 45.33 -18.58 24.31
C ASN C 52 46.38 -17.69 24.95
N ASP C 53 46.02 -16.46 25.26
CA ASP C 53 47.00 -15.53 25.81
C ASP C 53 46.55 -14.57 26.91
N GLN C 54 45.44 -14.84 27.59
CA GLN C 54 45.03 -13.91 28.62
C GLN C 54 45.58 -14.35 29.95
N ARG C 55 46.06 -13.42 30.75
CA ARG C 55 46.58 -13.81 32.04
C ARG C 55 45.47 -13.98 33.04
N ALA C 56 45.56 -15.02 33.84
CA ALA C 56 44.64 -15.24 34.92
C ALA C 56 44.93 -14.20 35.97
N SER C 57 43.93 -13.80 36.73
CA SER C 57 44.20 -12.81 37.74
C SER C 57 45.24 -13.35 38.70
N GLY C 58 46.18 -12.49 39.07
CA GLY C 58 47.24 -12.87 39.99
C GLY C 58 48.50 -13.35 39.27
N VAL C 59 48.44 -13.46 37.96
CA VAL C 59 49.57 -13.90 37.18
C VAL C 59 50.35 -12.71 36.64
N SER C 60 51.64 -12.74 36.88
CA SER C 60 52.57 -11.70 36.50
C SER C 60 52.99 -11.72 35.04
N ASP C 61 53.67 -10.63 34.64
CA ASP C 61 54.15 -10.38 33.29
C ASP C 61 55.25 -11.34 32.85
N ARG C 62 55.72 -12.13 33.80
CA ARG C 62 56.73 -13.15 33.57
C ARG C 62 56.15 -14.22 32.65
N PHE C 63 54.83 -14.34 32.61
CA PHE C 63 54.22 -15.36 31.79
C PHE C 63 53.52 -14.78 30.57
N SER C 64 53.68 -15.47 29.45
CA SER C 64 52.97 -15.15 28.22
C SER C 64 52.75 -16.39 27.39
N GLY C 65 52.23 -16.22 26.19
CA GLY C 65 51.97 -17.38 25.33
C GLY C 65 51.24 -17.02 24.05
N SER C 66 51.12 -18.00 23.18
CA SER C 66 50.46 -17.84 21.90
C SER C 66 50.00 -19.16 21.30
N LYS C 67 49.19 -19.07 20.24
CA LYS C 67 48.71 -20.25 19.53
C LYS C 67 48.81 -20.06 18.02
N SER C 68 49.17 -21.12 17.31
CA SER C 68 49.24 -21.08 15.85
C SER C 68 49.03 -22.47 15.27
N GLY C 69 48.34 -22.56 14.14
CA GLY C 69 48.20 -23.89 13.55
C GLY C 69 47.49 -24.83 14.50
N THR C 70 48.13 -25.94 14.80
CA THR C 70 47.64 -26.99 15.68
C THR C 70 48.56 -27.17 16.87
N SER C 71 49.32 -26.12 17.18
CA SER C 71 50.26 -26.13 18.30
C SER C 71 50.24 -24.82 19.08
N ALA C 72 50.85 -24.85 20.27
CA ALA C 72 50.84 -23.67 21.12
C ALA C 72 52.04 -23.62 22.05
N SER C 73 52.31 -22.43 22.58
CA SER C 73 53.40 -22.31 23.53
C SER C 73 53.21 -21.32 24.66
N LEU C 74 53.94 -21.63 25.73
CA LEU C 74 54.07 -20.90 26.97
C LEU C 74 55.45 -20.27 27.06
N ALA C 75 55.48 -18.96 27.26
CA ALA C 75 56.75 -18.27 27.33
C ALA C 75 57.01 -17.78 28.73
N ILE C 76 58.17 -18.14 29.29
CA ILE C 76 58.45 -17.67 30.64
C ILE C 76 59.71 -16.80 30.62
N SER C 77 59.58 -15.56 31.13
CA SER C 77 60.66 -14.57 31.19
C SER C 77 61.15 -14.29 32.62
N GLY C 78 60.72 -15.11 33.54
CA GLY C 78 61.07 -15.03 34.96
C GLY C 78 62.28 -15.93 35.22
N LEU C 79 61.99 -17.21 35.45
CA LEU C 79 62.97 -18.26 35.69
C LEU C 79 63.75 -18.01 36.94
N GLN C 80 63.03 -17.56 37.93
CA GLN C 80 63.57 -17.41 39.24
C GLN C 80 63.34 -18.78 39.76
N THR C 81 63.99 -19.23 40.80
CA THR C 81 63.74 -20.60 41.26
C THR C 81 62.34 -20.80 41.83
N GLU C 82 61.57 -19.72 41.90
CA GLU C 82 60.17 -19.72 42.26
C GLU C 82 59.34 -20.41 41.16
N ASP C 83 59.77 -20.28 39.89
CA ASP C 83 59.05 -20.83 38.74
C ASP C 83 59.46 -22.27 38.48
N GLU C 84 59.30 -23.09 39.49
CA GLU C 84 59.63 -24.49 39.43
C GLU C 84 58.35 -25.27 39.52
N ALA C 85 57.95 -25.86 38.41
CA ALA C 85 56.65 -26.49 38.34
C ALA C 85 56.48 -27.41 37.16
N ASP C 86 55.44 -28.23 37.22
CA ASP C 86 55.04 -29.02 36.08
C ASP C 86 54.01 -28.20 35.32
N TYR C 87 54.31 -27.89 34.08
CA TYR C 87 53.39 -27.07 33.32
C TYR C 87 52.60 -27.91 32.35
N TYR C 88 51.31 -27.64 32.26
CA TYR C 88 50.46 -28.40 31.36
C TYR C 88 49.70 -27.51 30.42
N CYS C 89 49.44 -27.97 29.16
CA CYS C 89 48.50 -27.26 28.28
C CYS C 89 47.22 -28.07 28.26
N ALA C 90 46.13 -27.40 27.99
CA ALA C 90 44.86 -28.06 27.85
C ALA C 90 43.97 -27.37 26.87
N ALA C 91 43.04 -28.11 26.31
CA ALA C 91 42.10 -27.53 25.38
C ALA C 91 40.85 -28.37 25.26
N TRP C 92 39.75 -27.75 24.86
CA TRP C 92 38.57 -28.50 24.55
C TRP C 92 38.76 -29.33 23.31
N ASP C 93 38.37 -30.60 23.38
CA ASP C 93 38.46 -31.49 22.26
C ASP C 93 37.07 -31.73 21.75
N ASP C 94 36.91 -31.72 20.44
CA ASP C 94 35.59 -31.93 19.89
C ASP C 94 35.17 -33.36 19.69
N ASN C 95 36.09 -34.31 19.55
CA ASN C 95 35.62 -35.66 19.33
C ASN C 95 35.37 -36.26 20.68
N LEU C 96 36.26 -35.94 21.61
CA LEU C 96 36.08 -36.37 22.96
C LEU C 96 35.57 -35.16 23.68
N SER C 97 34.28 -35.11 23.94
CA SER C 97 33.71 -33.88 24.42
C SER C 97 34.10 -33.55 25.83
N GLY C 98 35.18 -32.81 25.95
CA GLY C 98 35.74 -32.44 27.25
C GLY C 98 37.00 -31.58 27.14
N ARG C 99 37.49 -31.11 28.27
CA ARG C 99 38.69 -30.28 28.36
C ARG C 99 39.88 -31.13 28.75
N ILE C 100 40.75 -31.43 27.80
CA ILE C 100 41.79 -32.42 28.09
C ILE C 100 43.16 -31.84 28.16
N PHE C 101 44.08 -32.58 28.77
CA PHE C 101 45.42 -32.09 29.04
C PHE C 101 46.50 -32.90 28.35
N GLY C 102 47.66 -32.26 28.15
CA GLY C 102 48.84 -32.93 27.65
C GLY C 102 49.57 -33.65 28.78
N GLY C 103 50.72 -34.28 28.47
CA GLY C 103 51.45 -35.05 29.48
C GLY C 103 52.02 -34.26 30.67
N GLY C 104 52.43 -33.04 30.40
CA GLY C 104 53.03 -32.16 31.39
C GLY C 104 54.54 -32.06 31.20
N THR C 105 55.07 -30.85 31.27
CA THR C 105 56.50 -30.60 31.08
C THR C 105 57.11 -30.19 32.39
N ARG C 106 58.17 -30.85 32.84
CA ARG C 106 58.75 -30.45 34.11
C ARG C 106 59.85 -29.41 33.95
N LEU C 107 59.65 -28.25 34.58
CA LEU C 107 60.62 -27.18 34.51
C LEU C 107 61.28 -26.88 35.84
N THR C 108 62.60 -27.03 35.86
CA THR C 108 63.43 -26.72 37.00
C THR C 108 64.39 -25.64 36.55
N VAL C 109 64.49 -24.59 37.32
CA VAL C 109 65.39 -23.51 36.99
C VAL C 109 66.83 -23.86 37.37
N LEU C 110 67.78 -23.68 36.42
CA LEU C 110 69.21 -23.98 36.58
C LEU C 110 69.88 -22.88 37.39
N GLU D 1 35.06 -19.23 46.10
CA GLU D 1 36.40 -19.17 46.67
C GLU D 1 37.01 -20.57 46.86
N VAL D 2 36.25 -21.49 47.53
CA VAL D 2 36.69 -22.86 47.85
C VAL D 2 35.71 -23.95 47.49
N GLN D 3 36.26 -25.14 47.32
CA GLN D 3 35.53 -26.38 47.07
C GLN D 3 35.34 -27.18 48.33
N LEU D 4 36.37 -27.21 49.17
CA LEU D 4 36.31 -27.98 50.40
C LEU D 4 35.86 -29.37 50.04
N GLN D 5 36.58 -29.97 49.11
CA GLN D 5 36.20 -31.27 48.64
C GLN D 5 36.11 -32.11 49.91
N GLU D 6 35.04 -32.91 50.01
CA GLU D 6 34.67 -33.58 51.25
C GLU D 6 35.30 -34.89 51.65
N SER D 7 36.26 -35.38 50.90
CA SER D 7 36.89 -36.66 51.24
C SER D 7 35.90 -37.81 51.38
N GLY D 8 35.05 -37.97 50.38
CA GLY D 8 34.05 -39.03 50.32
C GLY D 8 34.66 -40.31 49.75
N GLY D 9 35.94 -40.24 49.45
CA GLY D 9 36.71 -41.32 48.90
C GLY D 9 37.33 -42.06 50.05
N GLY D 10 38.38 -42.78 49.77
CA GLY D 10 38.99 -43.61 50.79
C GLY D 10 39.49 -44.86 50.13
N LEU D 11 39.67 -45.90 50.91
CA LEU D 11 40.14 -47.16 50.40
C LEU D 11 38.98 -48.06 50.04
N ALA D 12 39.05 -48.62 48.85
CA ALA D 12 38.06 -49.55 48.37
C ALA D 12 38.75 -50.75 47.76
N GLN D 13 38.10 -51.89 47.81
CA GLN D 13 38.65 -53.03 47.13
C GLN D 13 38.11 -53.03 45.71
N PRO D 14 38.80 -53.62 44.73
CA PRO D 14 38.34 -53.70 43.38
C PRO D 14 36.96 -54.29 43.34
N GLY D 15 36.11 -53.68 42.55
CA GLY D 15 34.73 -54.08 42.38
C GLY D 15 33.77 -53.30 43.29
N GLY D 16 34.31 -52.56 44.25
CA GLY D 16 33.48 -51.81 45.18
C GLY D 16 33.19 -50.41 44.66
N SER D 17 32.68 -49.54 45.54
CA SER D 17 32.32 -48.20 45.10
C SER D 17 32.56 -47.17 46.17
N LEU D 18 32.74 -45.94 45.71
CA LEU D 18 32.95 -44.75 46.55
C LEU D 18 32.19 -43.56 46.00
N ARG D 19 31.67 -42.71 46.87
CA ARG D 19 31.02 -41.50 46.39
C ARG D 19 31.76 -40.25 46.80
N LEU D 20 32.24 -39.50 45.83
CA LEU D 20 32.97 -38.30 46.18
C LEU D 20 31.99 -37.18 46.19
N THR D 21 32.19 -36.24 47.08
CA THR D 21 31.34 -35.09 47.15
C THR D 21 32.22 -33.83 47.24
N CYS D 22 31.64 -32.65 46.89
CA CYS D 22 32.28 -31.35 46.85
C CYS D 22 31.29 -30.25 47.25
N GLU D 23 31.74 -29.29 48.06
CA GLU D 23 30.92 -28.19 48.53
C GLU D 23 31.27 -26.94 47.77
N ALA D 24 30.59 -25.87 48.08
CA ALA D 24 30.93 -24.62 47.47
C ALA D 24 30.70 -23.49 48.44
N SER D 25 31.65 -22.58 48.45
CA SER D 25 31.52 -21.37 49.24
C SER D 25 32.18 -20.21 48.54
N GLY D 26 31.45 -19.08 48.48
CA GLY D 26 31.91 -17.84 47.82
C GLY D 26 31.61 -17.90 46.33
N PHE D 27 30.93 -18.96 45.98
CA PHE D 27 30.55 -19.33 44.65
C PHE D 27 29.05 -19.51 44.47
N THR D 28 28.46 -18.81 43.50
CA THR D 28 27.06 -19.02 43.28
C THR D 28 26.99 -20.29 42.49
N PHE D 29 26.86 -21.37 43.21
CA PHE D 29 26.96 -22.72 42.71
C PHE D 29 26.08 -22.96 41.52
N GLY D 30 24.86 -22.47 41.58
CA GLY D 30 23.88 -22.72 40.54
C GLY D 30 24.18 -22.07 39.18
N ARG D 31 25.17 -21.19 39.10
CA ARG D 31 25.48 -20.54 37.83
C ARG D 31 26.58 -21.15 36.98
N ASP D 32 27.60 -21.74 37.58
CA ASP D 32 28.72 -22.21 36.76
C ASP D 32 28.75 -23.69 36.60
N ASP D 33 29.43 -24.16 35.56
CA ASP D 33 29.50 -25.57 35.35
C ASP D 33 30.59 -26.14 36.23
N MET D 34 30.73 -27.46 36.21
CA MET D 34 31.78 -28.10 37.00
C MET D 34 32.31 -29.38 36.38
N ALA D 35 33.48 -29.81 36.85
CA ALA D 35 34.10 -31.03 36.33
C ALA D 35 35.03 -31.70 37.32
N TRP D 36 35.33 -32.98 37.05
CA TRP D 36 36.31 -33.72 37.82
C TRP D 36 37.52 -34.02 36.99
N VAL D 37 38.68 -33.82 37.60
CA VAL D 37 39.98 -34.12 37.01
C VAL D 37 40.75 -35.10 37.88
N ARG D 38 41.27 -36.12 37.27
CA ARG D 38 41.99 -37.15 37.98
C ARG D 38 43.49 -37.12 37.76
N GLN D 39 44.26 -37.30 38.82
CA GLN D 39 45.70 -37.38 38.64
C GLN D 39 46.32 -38.58 39.32
N ALA D 40 46.82 -39.51 38.53
CA ALA D 40 47.43 -40.70 39.11
C ALA D 40 48.72 -40.26 39.75
N LEU D 41 49.19 -40.97 40.75
CA LEU D 41 50.41 -40.51 41.35
C LEU D 41 51.54 -40.65 40.35
N GLY D 42 52.32 -39.58 40.19
CA GLY D 42 53.46 -39.57 39.28
C GLY D 42 53.09 -39.28 37.83
N LYS D 43 51.82 -39.05 37.55
CA LYS D 43 51.34 -38.83 36.20
C LYS D 43 50.75 -37.43 36.00
N GLY D 44 50.40 -37.11 34.75
CA GLY D 44 49.80 -35.83 34.45
C GLY D 44 48.31 -35.87 34.74
N LEU D 45 47.62 -34.80 34.39
CA LEU D 45 46.19 -34.64 34.68
C LEU D 45 45.31 -35.20 33.59
N GLU D 46 44.17 -35.76 33.94
CA GLU D 46 43.22 -36.14 32.89
C GLU D 46 41.79 -35.84 33.28
N TRP D 47 41.00 -35.55 32.28
CA TRP D 47 39.59 -35.28 32.50
C TRP D 47 38.82 -36.55 32.76
N VAL D 48 37.91 -36.52 33.72
CA VAL D 48 37.09 -37.68 34.02
C VAL D 48 35.68 -37.48 33.55
N SER D 49 35.09 -36.39 33.98
CA SER D 49 33.70 -36.10 33.62
C SER D 49 33.35 -34.65 33.83
N SER D 50 32.22 -34.24 33.28
CA SER D 50 31.72 -32.89 33.49
C SER D 50 30.20 -32.80 33.45
N ILE D 51 29.70 -31.79 34.13
CA ILE D 51 28.28 -31.48 34.19
C ILE D 51 28.02 -29.98 34.08
N SER D 52 27.01 -29.60 33.31
CA SER D 52 26.64 -28.19 33.18
C SER D 52 25.90 -27.66 34.40
N ASN D 53 25.79 -26.34 34.52
CA ASN D 53 25.11 -25.77 35.69
C ASN D 53 23.63 -26.10 35.78
N SER D 54 22.97 -26.38 34.66
CA SER D 54 21.56 -26.73 34.72
C SER D 54 21.35 -28.18 35.09
N GLY D 55 22.42 -28.97 34.99
CA GLY D 55 22.37 -30.39 35.25
C GLY D 55 21.92 -31.20 34.04
N ASN D 56 21.63 -30.52 32.93
CA ASN D 56 21.13 -31.19 31.75
C ASN D 56 22.18 -31.75 30.81
N THR D 57 23.36 -31.15 30.76
CA THR D 57 24.37 -31.63 29.84
C THR D 57 25.49 -32.33 30.58
N ILE D 58 25.68 -33.62 30.28
CA ILE D 58 26.69 -34.43 30.93
C ILE D 58 27.59 -35.19 29.98
N TYR D 59 28.89 -35.12 30.21
CA TYR D 59 29.85 -35.85 29.38
C TYR D 59 30.79 -36.67 30.25
N TYR D 60 31.25 -37.82 29.72
CA TYR D 60 32.22 -38.65 30.42
C TYR D 60 33.39 -39.01 29.55
N ALA D 61 34.55 -39.18 30.15
CA ALA D 61 35.72 -39.66 29.47
C ALA D 61 35.56 -41.14 29.18
N ASP D 62 36.07 -41.59 28.06
CA ASP D 62 35.98 -43.00 27.69
C ASP D 62 36.24 -44.06 28.78
N PRO D 63 37.34 -44.03 29.55
CA PRO D 63 37.67 -45.05 30.53
C PRO D 63 36.71 -45.18 31.69
N VAL D 64 35.81 -44.22 31.90
CA VAL D 64 34.88 -44.30 33.00
C VAL D 64 33.43 -44.38 32.52
N LYS D 65 33.23 -44.55 31.22
CA LYS D 65 31.86 -44.62 30.75
C LYS D 65 31.18 -45.84 31.30
N GLY D 66 29.91 -45.70 31.66
CA GLY D 66 29.11 -46.78 32.20
C GLY D 66 29.26 -46.89 33.72
N ARG D 67 30.50 -46.99 34.16
CA ARG D 67 30.85 -47.12 35.55
C ARG D 67 30.63 -45.86 36.43
N PHE D 68 30.90 -44.68 35.90
CA PHE D 68 30.76 -43.49 36.75
C PHE D 68 29.51 -42.69 36.45
N SER D 69 28.99 -42.04 37.49
CA SER D 69 27.83 -41.16 37.33
C SER D 69 27.94 -39.84 38.11
N ILE D 70 27.76 -38.73 37.42
CA ILE D 70 27.91 -37.39 38.01
C ILE D 70 26.57 -36.69 38.15
N SER D 71 26.39 -35.97 39.26
CA SER D 71 25.17 -35.21 39.50
C SER D 71 25.40 -33.98 40.39
N ARG D 72 24.45 -33.06 40.37
CA ARG D 72 24.49 -31.84 41.19
C ARG D 72 23.17 -31.61 41.90
N ASP D 73 23.25 -31.02 43.09
CA ASP D 73 22.05 -30.70 43.85
C ASP D 73 21.43 -29.35 43.52
N ASN D 74 22.27 -28.34 43.51
CA ASN D 74 21.96 -26.92 43.31
C ASN D 74 21.15 -26.21 44.40
N ALA D 75 20.89 -26.86 45.53
CA ALA D 75 20.23 -26.17 46.64
C ALA D 75 21.16 -26.11 47.83
N LYS D 76 21.92 -27.18 47.97
CA LYS D 76 22.86 -27.36 49.07
C LYS D 76 24.25 -26.91 48.69
N ASN D 77 24.38 -26.36 47.49
CA ASN D 77 25.64 -25.91 46.95
C ASN D 77 26.66 -27.00 46.95
N SER D 78 26.25 -28.18 46.49
CA SER D 78 27.13 -29.31 46.42
C SER D 78 26.92 -30.15 45.17
N LEU D 79 28.01 -30.83 44.83
CA LEU D 79 28.26 -31.71 43.69
C LEU D 79 28.74 -33.10 44.12
N SER D 80 28.37 -34.13 43.36
CA SER D 80 28.88 -35.46 43.68
C SER D 80 29.15 -36.37 42.48
N LEU D 81 29.98 -37.38 42.73
CA LEU D 81 30.33 -38.42 41.76
C LEU D 81 30.25 -39.81 42.35
N GLN D 82 29.45 -40.67 41.75
CA GLN D 82 29.34 -42.03 42.23
C GLN D 82 30.19 -42.92 41.36
N MET D 83 31.20 -43.54 41.94
CA MET D 83 32.09 -44.36 41.16
C MET D 83 31.84 -45.83 41.44
N ASN D 84 31.29 -46.56 40.48
CA ASN D 84 31.01 -47.97 40.65
C ASN D 84 32.07 -48.84 40.01
N SER D 85 32.16 -50.09 40.45
CA SER D 85 33.07 -51.05 39.83
C SER D 85 34.48 -50.51 39.72
N LEU D 86 35.01 -50.05 40.84
CA LEU D 86 36.35 -49.48 40.92
C LEU D 86 37.43 -50.48 40.59
N LYS D 87 38.44 -50.02 39.87
CA LYS D 87 39.60 -50.81 39.47
C LYS D 87 40.88 -50.28 40.07
N ILE D 88 41.94 -51.07 40.00
CA ILE D 88 43.24 -50.66 40.52
C ILE D 88 43.70 -49.41 39.81
N GLU D 89 43.44 -49.34 38.52
CA GLU D 89 43.81 -48.26 37.63
C GLU D 89 43.17 -46.91 37.99
N ASP D 90 42.16 -46.91 38.84
CA ASP D 90 41.48 -45.69 39.21
C ASP D 90 42.13 -45.04 40.44
N THR D 91 43.23 -45.62 40.94
CA THR D 91 43.88 -44.98 42.07
C THR D 91 44.45 -43.67 41.60
N ALA D 92 44.07 -42.60 42.29
CA ALA D 92 44.46 -41.26 41.90
C ALA D 92 44.02 -40.23 42.90
N VAL D 93 44.51 -39.02 42.77
CA VAL D 93 43.91 -37.95 43.53
C VAL D 93 42.85 -37.33 42.64
N TYR D 94 41.64 -37.21 43.15
CA TYR D 94 40.55 -36.64 42.40
C TYR D 94 40.38 -35.20 42.78
N PHE D 95 40.27 -34.33 41.80
CA PHE D 95 40.08 -32.93 42.08
C PHE D 95 38.75 -32.39 41.60
N CYS D 96 38.10 -31.61 42.47
CA CYS D 96 36.86 -30.87 42.20
C CYS D 96 37.24 -29.50 41.61
N THR D 97 36.63 -29.17 40.48
CA THR D 97 36.91 -27.88 39.88
C THR D 97 35.73 -27.20 39.18
N ARG D 98 35.76 -25.85 39.21
CA ARG D 98 34.78 -24.95 38.57
C ARG D 98 35.30 -24.56 37.20
N THR D 99 34.44 -24.65 36.18
CA THR D 99 34.88 -24.37 34.84
C THR D 99 34.05 -23.35 34.07
N LEU D 100 34.67 -22.85 33.02
CA LEU D 100 34.12 -21.97 32.02
C LEU D 100 34.43 -22.56 30.69
N GLY D 101 33.80 -22.05 29.66
CA GLY D 101 34.07 -22.64 28.37
C GLY D 101 35.55 -22.70 28.07
N ASP D 102 35.96 -23.89 27.74
CA ASP D 102 37.27 -24.34 27.37
C ASP D 102 38.41 -24.16 28.36
N TYR D 103 38.13 -23.93 29.63
CA TYR D 103 39.20 -23.93 30.62
C TYR D 103 38.73 -24.21 32.04
N TYR D 104 39.64 -24.70 32.85
CA TYR D 104 39.37 -24.93 34.24
C TYR D 104 39.80 -23.68 34.92
N LEU D 105 39.03 -23.21 35.89
CA LEU D 105 39.39 -21.98 36.56
C LEU D 105 39.70 -22.15 38.05
N ASP D 106 38.76 -22.67 38.81
CA ASP D 106 39.01 -22.79 40.25
C ASP D 106 39.18 -24.23 40.67
N TRP D 107 40.37 -24.56 41.08
CA TRP D 107 40.70 -25.92 41.50
C TRP D 107 40.92 -25.91 42.98
N GLY D 108 40.65 -27.02 43.66
CA GLY D 108 41.11 -27.00 45.04
C GLY D 108 41.13 -28.33 45.75
N GLN D 109 41.80 -28.34 46.90
CA GLN D 109 41.95 -29.51 47.74
C GLN D 109 42.44 -30.73 46.97
N GLY D 110 41.57 -31.71 46.85
CA GLY D 110 41.84 -32.98 46.21
C GLY D 110 41.72 -34.13 47.22
N VAL D 111 41.20 -35.25 46.76
CA VAL D 111 40.96 -36.45 47.57
C VAL D 111 41.64 -37.69 47.06
N GLN D 112 42.37 -38.35 47.92
CA GLN D 112 43.02 -39.57 47.52
C GLN D 112 42.07 -40.74 47.54
N VAL D 113 42.00 -41.42 46.41
CA VAL D 113 41.20 -42.60 46.24
C VAL D 113 42.11 -43.75 45.91
N THR D 114 42.04 -44.79 46.73
CA THR D 114 42.91 -45.92 46.50
C THR D 114 42.12 -47.19 46.33
N VAL D 115 42.45 -47.92 45.29
CA VAL D 115 41.79 -49.17 45.08
C VAL D 115 42.88 -50.22 45.19
N SER D 116 42.70 -51.13 46.13
CA SER D 116 43.71 -52.15 46.38
C SER D 116 43.10 -53.31 47.18
N SER D 117 43.83 -54.44 47.31
CA SER D 117 43.46 -55.63 48.07
C SER D 117 43.04 -55.28 49.52
N ASN E 35 -43.92 37.80 20.63
CA ASN E 35 -42.94 36.73 20.69
C ASN E 35 -42.28 36.59 19.32
N LEU E 36 -41.04 36.05 19.31
CA LEU E 36 -40.24 35.75 18.13
C LEU E 36 -40.02 34.28 18.07
N TRP E 37 -39.83 33.76 16.87
CA TRP E 37 -39.58 32.35 16.60
C TRP E 37 -38.34 32.15 15.77
N VAL E 38 -37.80 30.97 15.87
CA VAL E 38 -36.63 30.60 15.11
C VAL E 38 -36.96 30.39 13.65
N THR E 39 -36.14 30.96 12.77
CA THR E 39 -36.25 30.70 11.34
C THR E 39 -34.92 30.20 10.85
N VAL E 40 -35.00 29.12 10.09
CA VAL E 40 -33.83 28.46 9.57
C VAL E 40 -33.52 28.92 8.16
N TYR E 41 -32.29 29.33 7.92
CA TYR E 41 -31.90 29.80 6.61
C TYR E 41 -30.79 28.98 6.02
N TYR E 42 -30.97 28.61 4.76
CA TYR E 42 -29.94 27.87 4.07
C TYR E 42 -29.42 28.66 2.90
N GLY E 43 -28.11 28.82 2.87
CA GLY E 43 -27.45 29.62 1.84
C GLY E 43 -26.92 30.90 2.48
N VAL E 44 -26.69 30.86 3.76
CA VAL E 44 -26.18 31.99 4.48
C VAL E 44 -24.71 32.24 4.11
N PRO E 45 -24.31 33.46 3.68
CA PRO E 45 -22.98 33.80 3.23
C PRO E 45 -21.93 33.98 4.31
N VAL E 46 -21.62 32.91 5.03
CA VAL E 46 -20.60 32.96 6.06
C VAL E 46 -19.55 31.88 5.89
N TRP E 47 -18.41 32.07 6.54
CA TRP E 47 -17.33 31.12 6.46
C TRP E 47 -16.44 31.09 7.68
N LYS E 48 -15.68 30.02 7.78
CA LYS E 48 -14.71 29.84 8.85
C LYS E 48 -13.34 29.50 8.27
N ASP E 49 -12.27 29.78 8.99
CA ASP E 49 -10.94 29.44 8.50
C ASP E 49 -10.84 27.94 8.29
N ALA E 50 -10.17 27.50 7.22
CA ALA E 50 -10.07 26.06 7.04
C ALA E 50 -8.88 25.60 6.26
N GLU E 51 -8.51 24.34 6.47
CA GLU E 51 -7.44 23.73 5.71
C GLU E 51 -7.98 22.60 4.85
N THR E 52 -7.77 22.70 3.55
CA THR E 52 -8.21 21.65 2.67
C THR E 52 -7.16 21.43 1.61
N THR E 53 -7.42 20.48 0.74
CA THR E 53 -6.50 20.23 -0.35
C THR E 53 -6.95 21.00 -1.56
N LEU E 54 -6.07 21.78 -2.14
CA LEU E 54 -6.40 22.56 -3.32
C LEU E 54 -5.95 21.79 -4.53
N PHE E 55 -6.55 22.03 -5.68
CA PHE E 55 -6.07 21.27 -6.83
C PHE E 55 -5.29 22.17 -7.80
N CYS E 56 -4.41 21.53 -8.59
CA CYS E 56 -3.53 22.10 -9.61
C CYS E 56 -4.34 22.36 -10.88
N ALA E 57 -4.19 23.54 -11.45
CA ALA E 57 -4.85 23.84 -12.72
C ALA E 57 -3.92 24.73 -13.57
N SER E 58 -4.04 24.68 -14.89
CA SER E 58 -3.10 25.44 -15.73
C SER E 58 -3.67 25.86 -17.10
N ASP E 59 -2.92 26.73 -17.84
CA ASP E 59 -3.24 27.27 -19.18
C ASP E 59 -3.74 26.17 -20.14
N HIS E 68 7.31 16.80 -22.80
CA HIS E 68 6.73 16.23 -21.59
C HIS E 68 7.19 17.04 -20.34
N ASN E 69 6.47 18.14 -20.04
CA ASN E 69 6.69 19.01 -18.89
C ASN E 69 5.85 18.51 -17.72
N VAL E 70 6.52 18.20 -16.63
CA VAL E 70 5.87 17.57 -15.47
C VAL E 70 4.78 18.45 -14.87
N TRP E 71 4.87 19.74 -15.05
CA TRP E 71 3.91 20.65 -14.49
C TRP E 71 2.58 20.62 -15.22
N ALA E 72 2.63 20.35 -16.53
CA ALA E 72 1.42 20.32 -17.30
C ALA E 72 0.72 19.01 -17.01
N THR E 73 1.55 17.98 -16.83
CA THR E 73 1.09 16.64 -16.53
C THR E 73 0.42 16.60 -15.18
N HIS E 74 1.01 17.28 -14.20
CA HIS E 74 0.41 17.27 -12.89
C HIS E 74 -0.99 17.88 -12.88
N CYS E 75 -1.19 19.08 -13.50
CA CYS E 75 -2.48 19.75 -13.48
C CYS E 75 -3.57 19.07 -14.33
N CYS E 76 -3.36 18.96 -15.65
CA CYS E 76 -4.39 18.39 -16.54
C CYS E 76 -5.81 19.00 -16.44
N VAL E 77 -5.92 20.22 -15.93
CA VAL E 77 -7.18 20.94 -15.83
C VAL E 77 -7.07 22.31 -16.43
N PRO E 78 -7.62 22.57 -17.61
CA PRO E 78 -7.56 23.85 -18.24
C PRO E 78 -8.19 24.88 -17.34
N THR E 79 -7.56 26.03 -17.21
CA THR E 79 -8.13 27.07 -16.40
C THR E 79 -7.94 28.42 -17.05
N ASP E 80 -8.28 29.44 -16.30
CA ASP E 80 -8.33 30.83 -16.69
C ASP E 80 -9.39 31.07 -17.77
N PRO E 81 -10.63 30.54 -17.64
CA PRO E 81 -11.72 30.73 -18.57
C PRO E 81 -12.35 32.06 -18.29
N ASN E 82 -11.61 33.14 -18.46
CA ASN E 82 -12.13 34.44 -18.07
C ASN E 82 -12.67 34.32 -16.64
N PRO E 83 -11.79 34.04 -15.65
CA PRO E 83 -12.12 33.69 -14.29
C PRO E 83 -12.73 34.87 -13.61
N GLN E 84 -13.55 34.59 -12.61
CA GLN E 84 -14.23 35.65 -11.91
C GLN E 84 -13.56 36.05 -10.64
N GLU E 85 -13.84 37.27 -10.24
CA GLU E 85 -13.40 37.81 -8.98
C GLU E 85 -14.53 38.63 -8.42
N ILE E 86 -14.93 38.33 -7.21
CA ILE E 86 -16.03 39.06 -6.62
C ILE E 86 -15.58 39.95 -5.49
N HIS E 87 -15.67 41.25 -5.69
CA HIS E 87 -15.20 42.15 -4.65
C HIS E 87 -16.14 42.07 -3.48
N LEU E 88 -15.63 42.02 -2.26
CA LEU E 88 -16.56 41.98 -1.16
C LEU E 88 -16.65 43.32 -0.47
N GLU E 89 -17.75 43.99 -0.63
CA GLU E 89 -17.84 45.29 -0.01
C GLU E 89 -17.99 45.10 1.49
N ASN E 90 -17.36 45.98 2.30
CA ASN E 90 -17.42 46.05 3.77
C ASN E 90 -17.03 44.74 4.48
N VAL E 91 -16.01 44.00 3.99
CA VAL E 91 -15.51 42.76 4.59
C VAL E 91 -14.06 42.88 4.99
N THR E 92 -13.77 42.64 6.25
CA THR E 92 -12.40 42.70 6.73
C THR E 92 -12.02 41.33 7.24
N GLU E 93 -10.91 40.83 6.74
CA GLU E 93 -10.41 39.50 7.11
C GLU E 93 -9.02 39.54 7.65
N GLU E 94 -8.70 38.61 8.53
CA GLU E 94 -7.33 38.52 9.03
C GLU E 94 -6.53 37.48 8.27
N PHE E 95 -5.38 37.90 7.77
CA PHE E 95 -4.47 37.07 6.99
C PHE E 95 -3.17 36.87 7.74
N ASN E 96 -2.52 35.74 7.54
CA ASN E 96 -1.22 35.49 8.16
C ASN E 96 -0.34 34.65 7.24
N MET E 97 0.57 35.28 6.54
CA MET E 97 1.38 34.62 5.54
C MET E 97 2.38 33.62 6.10
N TRP E 98 2.60 33.67 7.40
CA TRP E 98 3.61 32.82 8.00
C TRP E 98 3.02 31.49 8.44
N LYS E 99 1.70 31.38 8.39
CA LYS E 99 1.00 30.17 8.82
C LYS E 99 -0.01 29.77 7.76
N ASN E 100 0.32 30.12 6.54
CA ASN E 100 -0.53 29.87 5.41
C ASN E 100 -0.31 28.47 4.89
N ASN E 101 -1.31 27.60 5.04
CA ASN E 101 -1.14 26.19 4.69
C ASN E 101 -1.09 25.93 3.20
N MET E 102 -1.31 26.95 2.40
CA MET E 102 -1.20 26.80 0.97
C MET E 102 0.27 26.60 0.64
N VAL E 103 1.15 27.12 1.51
CA VAL E 103 2.58 27.03 1.30
C VAL E 103 3.00 25.61 1.55
N GLU E 104 2.48 25.03 2.62
CA GLU E 104 2.83 23.67 2.95
C GLU E 104 2.37 22.74 1.87
N GLN E 105 1.21 23.02 1.28
CA GLN E 105 0.81 22.15 0.20
C GLN E 105 1.74 22.30 -0.97
N MET E 106 2.13 23.51 -1.32
CA MET E 106 2.98 23.66 -2.48
C MET E 106 4.31 22.96 -2.29
N HIS E 107 4.80 22.90 -1.06
CA HIS E 107 6.09 22.27 -0.80
C HIS E 107 5.95 20.80 -0.45
N THR E 108 4.78 20.25 -0.69
CA THR E 108 4.56 18.83 -0.56
C THR E 108 4.32 18.30 -1.96
N ASP E 109 3.56 19.05 -2.75
CA ASP E 109 3.23 18.64 -4.10
C ASP E 109 4.45 18.60 -4.96
N ILE E 110 5.36 19.57 -4.80
CA ILE E 110 6.55 19.59 -5.62
C ILE E 110 7.48 18.42 -5.36
N ILE E 111 7.54 17.95 -4.12
CA ILE E 111 8.42 16.85 -3.83
C ILE E 111 7.83 15.61 -4.42
N SER E 112 6.54 15.42 -4.24
CA SER E 112 5.90 14.25 -4.77
C SER E 112 6.05 14.18 -6.27
N LEU E 113 5.89 15.30 -6.96
CA LEU E 113 6.02 15.30 -8.40
C LEU E 113 7.44 14.90 -8.78
N TRP E 114 8.45 15.43 -8.09
CA TRP E 114 9.81 15.03 -8.39
C TRP E 114 10.07 13.55 -8.19
N ASP E 115 9.55 12.97 -7.12
CA ASP E 115 9.78 11.55 -6.91
C ASP E 115 9.12 10.72 -7.97
N GLN E 116 7.93 11.11 -8.39
CA GLN E 116 7.25 10.33 -9.40
C GLN E 116 7.97 10.40 -10.73
N SER E 117 8.56 11.55 -11.02
CA SER E 117 9.27 11.77 -12.26
C SER E 117 10.56 10.99 -12.34
N LEU E 118 11.29 10.87 -11.23
CA LEU E 118 12.56 10.14 -11.24
C LEU E 118 12.38 8.64 -11.01
N LYS E 119 11.29 8.24 -10.37
CA LYS E 119 11.06 6.85 -10.07
C LYS E 119 11.36 5.84 -11.19
N PRO E 120 10.89 6.00 -12.45
CA PRO E 120 11.12 5.05 -13.53
C PRO E 120 12.43 5.17 -14.34
N CYS E 121 13.38 6.04 -13.93
CA CYS E 121 14.61 6.33 -14.67
C CYS E 121 15.74 5.39 -14.22
N VAL E 122 16.71 5.17 -15.09
CA VAL E 122 17.80 4.27 -14.73
C VAL E 122 18.58 4.70 -13.51
N LYS E 123 18.85 3.73 -12.65
CA LYS E 123 19.61 3.93 -11.45
C LYS E 123 21.07 3.67 -11.75
N LEU E 124 21.92 4.64 -11.49
CA LEU E 124 23.32 4.54 -11.83
C LEU E 124 24.13 3.93 -10.73
N THR E 125 23.83 2.70 -10.42
CA THR E 125 24.60 2.02 -9.42
C THR E 125 25.82 1.34 -10.03
N PRO E 126 25.82 0.89 -11.32
CA PRO E 126 26.96 0.32 -11.99
C PRO E 126 28.06 1.33 -12.16
N LEU E 127 27.72 2.59 -11.97
CA LEU E 127 28.67 3.69 -12.10
C LEU E 127 29.51 3.95 -10.86
N CYS E 128 29.14 3.41 -9.67
CA CYS E 128 29.87 3.65 -8.43
C CYS E 128 31.06 2.67 -8.34
N VAL E 129 32.08 3.03 -9.09
CA VAL E 129 33.30 2.27 -9.29
C VAL E 129 34.50 3.11 -9.03
N THR E 130 35.66 2.49 -8.96
CA THR E 130 36.87 3.26 -8.81
C THR E 130 37.14 3.94 -10.12
N LEU E 131 37.40 5.22 -10.08
CA LEU E 131 37.68 6.00 -11.26
C LEU E 131 39.15 6.31 -11.30
N GLN E 132 39.74 6.34 -12.49
CA GLN E 132 41.12 6.79 -12.65
C GLN E 132 41.09 8.14 -13.35
N CYS E 133 41.36 9.24 -12.61
CA CYS E 133 41.14 10.61 -13.12
C CYS E 133 42.41 11.43 -13.22
N THR E 134 42.44 12.22 -14.27
CA THR E 134 43.45 13.22 -14.55
C THR E 134 42.67 14.51 -14.84
N ASN E 135 43.35 15.69 -14.87
CA ASN E 135 42.74 16.98 -15.19
C ASN E 135 42.53 17.12 -16.71
N VAL E 136 41.50 17.91 -17.13
CA VAL E 136 41.31 18.28 -18.54
C VAL E 136 42.21 19.48 -18.82
N THR E 137 43.07 19.35 -19.84
CA THR E 137 44.01 20.42 -20.18
C THR E 137 43.98 20.90 -21.63
N ASN E 138 43.10 20.40 -22.49
CA ASN E 138 43.23 20.76 -23.91
C ASN E 138 43.12 22.23 -24.32
N ASN E 139 42.20 23.00 -23.70
CA ASN E 139 42.00 24.43 -23.95
C ASN E 139 41.39 25.08 -22.71
N ILE E 140 42.20 25.29 -21.65
CA ILE E 140 41.73 25.79 -20.34
C ILE E 140 42.08 27.23 -20.05
N THR E 141 41.06 28.02 -19.76
CA THR E 141 41.29 29.38 -19.30
C THR E 141 41.72 29.13 -17.87
N ASP E 142 42.66 29.88 -17.33
CA ASP E 142 43.15 29.57 -15.99
C ASP E 142 42.10 29.50 -14.89
N ASP E 143 41.01 30.25 -14.99
CA ASP E 143 39.98 30.22 -13.95
C ASP E 143 39.38 28.80 -13.78
N MET E 144 39.42 27.98 -14.83
CA MET E 144 38.90 26.62 -14.86
C MET E 144 39.93 25.54 -14.59
N ARG E 145 41.16 25.91 -14.34
CA ARG E 145 42.12 24.86 -14.18
C ARG E 145 41.82 24.11 -12.91
N GLY E 146 41.72 22.80 -13.02
CA GLY E 146 41.44 21.94 -11.88
C GLY E 146 39.96 21.69 -11.60
N GLU E 147 39.05 22.43 -12.27
CA GLU E 147 37.63 22.25 -12.01
C GLU E 147 37.00 21.13 -12.83
N LEU E 148 37.56 20.85 -13.99
CA LEU E 148 36.99 19.83 -14.83
C LEU E 148 37.94 18.65 -14.93
N LYS E 149 37.45 17.45 -14.58
CA LYS E 149 38.28 16.24 -14.60
C LYS E 149 37.86 15.22 -15.65
N ASN E 150 38.84 14.44 -16.14
CA ASN E 150 38.71 13.36 -17.11
C ASN E 150 38.91 12.00 -16.43
N CYS E 151 37.81 11.21 -16.27
CA CYS E 151 37.82 9.94 -15.53
C CYS E 151 37.53 8.72 -16.40
N SER E 152 38.36 7.71 -16.24
CA SER E 152 38.19 6.44 -16.94
C SER E 152 37.72 5.37 -15.99
N PHE E 153 36.87 4.48 -16.47
CA PHE E 153 36.35 3.41 -15.64
C PHE E 153 35.84 2.19 -16.42
N ASN E 154 35.67 1.04 -15.72
CA ASN E 154 35.17 -0.24 -16.26
C ASN E 154 33.67 -0.38 -16.05
N MET E 155 32.89 -0.13 -17.10
CA MET E 155 31.42 -0.14 -17.10
C MET E 155 30.91 -1.48 -17.60
N THR E 156 29.76 -1.91 -17.11
CA THR E 156 29.11 -3.14 -17.53
C THR E 156 28.54 -3.01 -18.94
N THR E 157 28.76 -4.00 -19.79
CA THR E 157 28.24 -4.03 -21.15
C THR E 157 26.86 -4.65 -21.18
N GLU E 158 26.25 -4.76 -22.36
CA GLU E 158 24.90 -5.31 -22.42
C GLU E 158 24.90 -6.70 -21.80
N LEU E 159 25.94 -7.47 -22.14
CA LEU E 159 26.10 -8.79 -21.59
C LEU E 159 26.76 -8.64 -20.25
N ARG E 160 26.39 -9.46 -19.29
CA ARG E 160 27.01 -9.33 -17.96
C ARG E 160 28.38 -9.95 -17.90
N ASP E 161 28.77 -10.60 -18.97
CA ASP E 161 30.07 -11.23 -19.07
C ASP E 161 31.17 -10.29 -19.49
N LYS E 162 30.82 -9.10 -19.98
CA LYS E 162 31.86 -8.26 -20.52
C LYS E 162 31.89 -6.89 -19.88
N LYS E 163 33.07 -6.31 -19.89
CA LYS E 163 33.30 -4.99 -19.36
C LYS E 163 33.84 -4.12 -20.46
N GLN E 164 33.62 -2.82 -20.35
CA GLN E 164 34.14 -1.91 -21.34
C GLN E 164 34.83 -0.75 -20.66
N LYS E 165 35.87 -0.26 -21.29
CA LYS E 165 36.54 0.90 -20.75
C LYS E 165 36.01 2.13 -21.41
N VAL E 166 35.41 2.98 -20.61
CA VAL E 166 34.79 4.18 -21.09
C VAL E 166 35.30 5.33 -20.31
N TYR E 167 35.07 6.53 -20.80
CA TYR E 167 35.47 7.67 -20.03
C TYR E 167 34.45 8.76 -20.16
N SER E 168 34.48 9.65 -19.20
CA SER E 168 33.62 10.80 -19.17
C SER E 168 34.22 11.93 -18.40
N LEU E 169 33.68 13.11 -18.58
CA LEU E 169 34.17 14.23 -17.81
C LEU E 169 33.23 14.50 -16.67
N PHE E 170 33.79 14.93 -15.55
CA PHE E 170 33.04 15.30 -14.36
C PHE E 170 33.52 16.61 -13.80
N TYR E 171 32.66 17.32 -13.10
CA TYR E 171 33.13 18.51 -12.44
C TYR E 171 33.73 18.10 -11.12
N ARG E 172 34.69 18.87 -10.63
CA ARG E 172 35.36 18.54 -9.38
C ARG E 172 34.41 18.35 -8.23
N LEU E 173 33.33 19.09 -8.17
CA LEU E 173 32.40 18.98 -7.05
C LEU E 173 31.68 17.64 -6.97
N ASP E 174 31.70 16.87 -8.04
CA ASP E 174 31.04 15.59 -8.10
C ASP E 174 31.96 14.42 -7.77
N VAL E 175 33.27 14.68 -7.70
CA VAL E 175 34.25 13.61 -7.56
C VAL E 175 35.16 13.79 -6.35
N VAL E 176 35.29 12.75 -5.54
CA VAL E 176 36.12 12.81 -4.34
C VAL E 176 37.23 11.80 -4.38
N GLN E 177 38.41 12.20 -3.95
CA GLN E 177 39.57 11.32 -3.96
C GLN E 177 39.47 10.20 -2.95
N ILE E 178 39.87 9.00 -3.36
CA ILE E 178 39.87 7.82 -2.49
C ILE E 178 41.19 7.63 -1.74
N ASN E 179 42.35 7.69 -2.47
CA ASN E 179 43.71 7.46 -1.94
C ASN E 179 43.84 6.02 -1.42
N LYS E 191 45.68 8.83 -8.22
CA LYS E 191 44.69 9.09 -9.26
C LYS E 191 43.35 8.34 -9.06
N GLU E 192 43.14 7.68 -7.89
CA GLU E 192 41.92 6.91 -7.57
C GLU E 192 40.90 7.78 -6.85
N TYR E 193 39.75 7.91 -7.53
CA TYR E 193 38.58 8.73 -7.16
C TYR E 193 37.27 7.95 -7.21
N ARG E 194 36.27 8.45 -6.51
CA ARG E 194 34.91 7.89 -6.57
C ARG E 194 33.90 9.00 -6.65
N LEU E 195 32.67 8.67 -7.01
CA LEU E 195 31.69 9.74 -7.03
C LEU E 195 31.39 10.13 -5.61
N ILE E 196 31.11 11.41 -5.42
CA ILE E 196 30.86 11.95 -4.09
C ILE E 196 29.77 11.27 -3.31
N ASN E 197 28.74 10.77 -3.94
CA ASN E 197 27.68 10.14 -3.14
C ASN E 197 27.71 8.61 -2.95
N CYS E 198 28.81 7.92 -3.32
CA CYS E 198 28.96 6.46 -3.17
C CYS E 198 28.89 5.98 -1.72
N ASN E 199 29.28 6.81 -0.76
CA ASN E 199 29.24 6.32 0.61
C ASN E 199 27.87 6.55 1.30
N THR E 200 26.90 7.30 0.69
CA THR E 200 25.58 7.60 1.31
C THR E 200 24.32 7.30 0.53
N SER E 201 24.33 7.29 -0.79
CA SER E 201 23.05 7.20 -1.51
C SER E 201 23.07 6.59 -2.88
N ALA E 202 21.89 6.24 -3.36
CA ALA E 202 21.81 5.75 -4.72
C ALA E 202 21.65 6.95 -5.62
N ILE E 203 22.24 6.89 -6.79
CA ILE E 203 22.12 8.01 -7.72
C ILE E 203 21.21 7.66 -8.88
N THR E 204 20.14 8.41 -9.04
CA THR E 204 19.20 8.14 -10.11
C THR E 204 19.43 9.14 -11.22
N GLN E 205 19.52 8.68 -12.46
CA GLN E 205 19.72 9.61 -13.55
C GLN E 205 18.42 10.22 -13.92
N ALA E 206 18.34 11.51 -14.08
CA ALA E 206 17.08 12.05 -14.53
C ALA E 206 16.89 11.64 -15.97
N CYS E 207 15.65 11.35 -16.39
CA CYS E 207 15.31 11.03 -17.76
C CYS E 207 15.47 12.29 -18.64
N PRO E 208 16.18 12.20 -19.77
CA PRO E 208 16.49 13.30 -20.67
C PRO E 208 15.27 13.87 -21.36
N LYS E 209 14.17 13.15 -21.33
CA LYS E 209 12.96 13.59 -21.99
C LYS E 209 11.99 14.27 -21.04
N VAL E 210 12.36 14.41 -19.78
CA VAL E 210 11.44 15.01 -18.83
C VAL E 210 11.87 16.42 -18.48
N SER E 211 10.98 17.36 -18.72
CA SER E 211 11.27 18.75 -18.43
C SER E 211 10.67 19.22 -17.14
N PHE E 212 11.49 19.90 -16.36
CA PHE E 212 11.05 20.45 -15.09
C PHE E 212 10.91 21.96 -15.14
N GLU E 213 11.01 22.52 -16.34
CA GLU E 213 10.94 23.96 -16.54
C GLU E 213 9.63 24.50 -15.99
N PRO E 214 9.64 25.44 -15.04
CA PRO E 214 8.44 25.97 -14.42
C PRO E 214 7.43 26.54 -15.40
N ILE E 215 6.19 26.14 -15.20
CA ILE E 215 5.01 26.59 -15.93
C ILE E 215 4.15 27.15 -14.86
N PRO E 216 3.57 28.34 -14.95
CA PRO E 216 2.72 28.84 -13.92
C PRO E 216 1.61 27.86 -13.67
N ILE E 217 1.30 27.62 -12.41
CA ILE E 217 0.19 26.75 -12.09
C ILE E 217 -0.70 27.55 -11.20
N HIS E 218 -1.93 27.14 -11.07
CA HIS E 218 -2.85 27.88 -10.24
C HIS E 218 -3.38 26.92 -9.20
N TYR E 219 -3.65 27.40 -7.99
CA TYR E 219 -4.32 26.53 -7.04
C TYR E 219 -5.79 26.91 -7.04
N CYS E 220 -6.69 25.91 -7.08
CA CYS E 220 -8.14 26.09 -7.16
C CYS E 220 -8.85 25.43 -5.99
N ALA E 221 -9.89 26.09 -5.49
CA ALA E 221 -10.65 25.53 -4.39
C ALA E 221 -11.57 24.39 -4.83
N PRO E 222 -11.77 23.36 -4.01
CA PRO E 222 -12.75 22.31 -4.17
C PRO E 222 -14.12 22.86 -3.82
N ALA E 223 -15.17 22.21 -4.29
CA ALA E 223 -16.50 22.71 -3.94
C ALA E 223 -16.71 22.78 -2.45
N GLY E 224 -17.33 23.87 -2.02
CA GLY E 224 -17.62 24.12 -0.61
C GLY E 224 -16.60 25.04 0.03
N PHE E 225 -15.51 25.27 -0.68
CA PHE E 225 -14.43 26.13 -0.25
C PHE E 225 -14.23 27.29 -1.18
N ALA E 226 -13.58 28.31 -0.68
CA ALA E 226 -13.29 29.47 -1.49
C ALA E 226 -11.96 30.07 -1.11
N ILE E 227 -11.35 30.81 -2.03
CA ILE E 227 -10.10 31.44 -1.71
C ILE E 227 -10.29 32.92 -1.63
N LEU E 228 -9.90 33.52 -0.53
CA LEU E 228 -10.05 34.94 -0.40
C LEU E 228 -8.72 35.58 -0.72
N LYS E 229 -8.76 36.64 -1.48
CA LYS E 229 -7.58 37.37 -1.86
C LYS E 229 -7.54 38.73 -1.17
N CYS E 230 -6.36 39.13 -0.66
CA CYS E 230 -6.11 40.42 -0.03
C CYS E 230 -5.63 41.41 -1.08
N LYS E 231 -6.38 42.50 -1.25
CA LYS E 231 -6.09 43.51 -2.25
C LYS E 231 -5.59 44.79 -1.62
N ASP E 232 -5.19 44.71 -0.37
CA ASP E 232 -4.74 45.88 0.33
C ASP E 232 -3.29 46.12 -0.04
N LYS E 233 -3.05 47.16 -0.82
CA LYS E 233 -1.71 47.43 -1.27
C LYS E 233 -0.91 47.74 -0.05
N LYS E 234 0.30 47.23 -0.01
CA LYS E 234 1.21 47.40 1.10
C LYS E 234 0.79 46.62 2.36
N PHE E 235 0.05 45.55 2.17
CA PHE E 235 -0.23 44.65 3.27
C PHE E 235 1.12 44.12 3.74
N ASN E 236 1.38 44.08 5.08
CA ASN E 236 2.66 43.65 5.68
C ASN E 236 2.77 42.14 6.00
N GLY E 237 1.79 41.33 5.60
CA GLY E 237 1.74 39.88 5.79
C GLY E 237 0.92 39.39 6.96
N THR E 238 0.59 40.27 7.91
CA THR E 238 -0.21 39.85 9.05
C THR E 238 -1.33 40.83 9.38
N GLY E 239 -2.26 40.39 10.21
CA GLY E 239 -3.32 41.26 10.67
C GLY E 239 -4.43 41.43 9.64
N PRO E 240 -5.38 42.32 9.92
CA PRO E 240 -6.54 42.62 9.13
C PRO E 240 -6.18 43.18 7.76
N CYS E 241 -6.99 42.83 6.75
CA CYS E 241 -6.94 43.28 5.37
C CYS E 241 -8.35 43.83 5.07
N PRO E 242 -8.51 45.15 4.95
CA PRO E 242 -9.77 45.86 4.77
C PRO E 242 -10.38 45.75 3.39
N SER E 243 -9.65 45.20 2.43
CA SER E 243 -10.18 45.10 1.09
C SER E 243 -9.88 43.73 0.53
N VAL E 244 -10.92 42.92 0.42
CA VAL E 244 -10.75 41.55 -0.04
C VAL E 244 -11.72 41.22 -1.15
N SER E 245 -11.42 40.15 -1.85
CA SER E 245 -12.30 39.64 -2.88
C SER E 245 -12.27 38.13 -2.91
N THR E 246 -13.30 37.52 -3.46
CA THR E 246 -13.35 36.07 -3.55
C THR E 246 -13.02 35.58 -4.93
N VAL E 247 -12.13 34.60 -5.00
CA VAL E 247 -11.76 34.05 -6.28
C VAL E 247 -11.92 32.55 -6.33
N GLN E 248 -12.00 32.07 -7.54
CA GLN E 248 -12.08 30.65 -7.83
C GLN E 248 -10.73 29.90 -7.70
N CYS E 249 -9.63 30.56 -8.16
CA CYS E 249 -8.26 30.04 -8.23
C CYS E 249 -7.30 31.18 -7.98
N THR E 250 -6.07 30.85 -7.67
CA THR E 250 -5.02 31.83 -7.48
C THR E 250 -4.53 32.23 -8.83
N HIS E 251 -3.73 33.28 -8.89
CA HIS E 251 -3.10 33.65 -10.14
C HIS E 251 -2.04 32.62 -10.40
N GLY E 252 -1.44 32.62 -11.59
CA GLY E 252 -0.44 31.60 -11.83
C GLY E 252 0.83 31.90 -11.05
N ILE E 253 1.42 30.87 -10.48
CA ILE E 253 2.66 30.94 -9.74
C ILE E 253 3.67 30.01 -10.35
N LYS E 254 4.86 30.50 -10.66
CA LYS E 254 5.85 29.60 -11.21
C LYS E 254 6.58 28.92 -10.06
N PRO E 255 6.66 27.59 -10.01
CA PRO E 255 7.31 26.83 -8.97
C PRO E 255 8.82 26.82 -9.14
N VAL E 256 9.39 27.99 -8.97
CA VAL E 256 10.81 28.22 -9.12
C VAL E 256 11.49 27.95 -7.79
N VAL E 257 12.61 27.24 -7.83
CA VAL E 257 13.36 26.97 -6.61
C VAL E 257 14.70 27.64 -6.69
N SER E 258 15.00 28.43 -5.67
CA SER E 258 16.25 29.15 -5.60
C SER E 258 16.67 29.45 -4.18
N THR E 259 17.90 29.90 -4.02
CA THR E 259 18.38 30.36 -2.73
C THR E 259 18.88 31.76 -2.87
N GLN E 260 18.85 32.50 -1.77
CA GLN E 260 19.36 33.86 -1.60
C GLN E 260 18.60 34.92 -2.36
N LEU E 261 18.51 34.78 -3.67
CA LEU E 261 17.75 35.73 -4.45
C LEU E 261 16.49 35.04 -4.92
N LEU E 262 15.42 35.80 -4.97
CA LEU E 262 14.13 35.30 -5.44
C LEU E 262 14.00 35.65 -6.89
N LEU E 263 13.80 34.64 -7.73
CA LEU E 263 13.70 34.88 -9.16
C LEU E 263 12.29 34.62 -9.70
N ASN E 264 11.92 35.41 -10.74
CA ASN E 264 10.71 35.33 -11.57
C ASN E 264 9.39 35.36 -10.78
N GLY E 265 9.29 36.16 -9.70
CA GLY E 265 8.08 36.32 -8.88
C GLY E 265 7.32 37.55 -9.31
N SER E 266 6.35 37.91 -8.52
CA SER E 266 5.57 39.09 -8.82
C SER E 266 6.26 40.29 -8.19
N LEU E 267 5.90 41.47 -8.64
CA LEU E 267 6.46 42.68 -8.08
C LEU E 267 5.51 43.36 -7.13
N ALA E 268 6.07 44.13 -6.23
CA ALA E 268 5.33 44.93 -5.28
C ALA E 268 4.55 45.99 -6.03
N GLU E 269 3.38 46.35 -5.50
CA GLU E 269 2.53 47.32 -6.17
C GLU E 269 3.08 48.74 -6.25
N GLU E 270 3.74 49.21 -5.19
CA GLU E 270 4.21 50.59 -5.22
C GLU E 270 5.66 50.74 -4.84
N GLU E 271 6.00 50.40 -3.59
CA GLU E 271 7.33 50.54 -3.05
C GLU E 271 7.91 49.18 -2.76
N VAL E 272 9.16 49.15 -2.33
CA VAL E 272 9.74 47.88 -1.96
C VAL E 272 9.09 47.46 -0.66
N MET E 273 8.61 46.25 -0.59
CA MET E 273 7.95 45.81 0.62
C MET E 273 8.84 44.93 1.44
N ILE E 274 8.86 45.16 2.74
CA ILE E 274 9.66 44.31 3.59
C ILE E 274 8.79 43.60 4.58
N ARG E 275 8.87 42.27 4.60
CA ARG E 275 8.03 41.48 5.48
C ARG E 275 8.84 40.45 6.27
N SER E 276 8.47 40.24 7.51
CA SER E 276 9.15 39.25 8.35
C SER E 276 8.22 38.73 9.41
N GLU E 277 8.41 37.48 9.83
CA GLU E 277 7.52 36.91 10.84
C GLU E 277 7.44 37.70 12.15
N ASN E 278 8.60 38.18 12.68
CA ASN E 278 8.67 38.95 13.93
C ASN E 278 9.46 40.28 13.79
N ILE E 279 10.30 40.46 12.72
CA ILE E 279 11.19 41.61 12.43
C ILE E 279 12.32 41.77 13.42
N THR E 280 11.96 41.94 14.69
CA THR E 280 12.87 42.16 15.79
C THR E 280 13.70 40.93 16.15
N ASN E 281 13.17 39.73 15.92
CA ASN E 281 13.93 38.54 16.25
C ASN E 281 14.93 38.31 15.13
N ASN E 282 16.21 38.47 15.41
CA ASN E 282 17.23 38.40 14.37
C ASN E 282 17.47 36.99 13.84
N ALA E 283 16.84 36.02 14.45
CA ALA E 283 16.98 34.65 14.00
C ALA E 283 16.01 34.36 12.85
N LYS E 284 15.14 35.31 12.54
CA LYS E 284 14.15 35.14 11.50
C LYS E 284 14.60 35.71 10.17
N ASN E 285 14.01 35.23 9.07
CA ASN E 285 14.35 35.77 7.77
C ASN E 285 13.51 37.00 7.48
N ILE E 286 14.06 37.86 6.65
CA ILE E 286 13.41 39.04 6.14
C ILE E 286 13.23 38.89 4.65
N LEU E 287 12.00 39.00 4.18
CA LEU E 287 11.80 38.88 2.76
C LEU E 287 11.62 40.25 2.18
N VAL E 288 12.31 40.50 1.09
CA VAL E 288 12.21 41.79 0.47
C VAL E 288 11.65 41.63 -0.91
N GLN E 289 10.55 42.31 -1.17
CA GLN E 289 9.91 42.26 -2.48
C GLN E 289 10.13 43.54 -3.25
N PHE E 290 10.77 43.43 -4.39
CA PHE E 290 11.10 44.60 -5.17
C PHE E 290 9.88 45.09 -5.92
N ASN E 291 9.83 46.39 -6.21
CA ASN E 291 8.75 46.93 -7.03
C ASN E 291 9.15 47.08 -8.48
N THR E 292 10.39 46.71 -8.77
CA THR E 292 10.98 46.72 -10.11
C THR E 292 11.83 45.47 -10.22
N PRO E 293 11.97 44.84 -11.38
CA PRO E 293 12.82 43.71 -11.57
C PRO E 293 14.26 44.16 -11.73
N VAL E 294 15.20 43.29 -11.40
CA VAL E 294 16.58 43.53 -11.77
C VAL E 294 16.95 42.45 -12.76
N GLN E 295 17.37 42.81 -13.96
CA GLN E 295 17.64 41.75 -14.91
C GLN E 295 19.00 41.14 -14.69
N ILE E 296 19.03 39.82 -14.68
CA ILE E 296 20.26 39.06 -14.56
C ILE E 296 20.40 38.08 -15.76
N ASN E 297 21.58 38.10 -16.44
CA ASN E 297 21.91 37.26 -17.60
C ASN E 297 22.98 36.22 -17.21
N CYS E 298 22.62 34.92 -17.19
CA CYS E 298 23.50 33.82 -16.76
C CYS E 298 23.89 32.92 -17.92
N THR E 299 25.10 32.38 -17.83
CA THR E 299 25.57 31.47 -18.84
C THR E 299 26.57 30.44 -18.40
N ARG E 300 26.58 29.36 -19.16
CA ARG E 300 27.54 28.29 -19.08
C ARG E 300 28.14 28.21 -20.47
N PRO E 301 29.16 29.03 -20.74
CA PRO E 301 29.70 29.34 -22.05
C PRO E 301 30.61 28.29 -22.62
N ASN E 302 30.13 27.08 -22.77
CA ASN E 302 30.91 25.98 -23.29
C ASN E 302 30.10 25.31 -24.40
N ASN E 303 30.66 24.25 -25.02
CA ASN E 303 30.03 23.47 -26.09
C ASN E 303 30.18 21.98 -25.75
N ASN E 304 29.28 21.46 -24.87
CA ASN E 304 29.38 20.08 -24.38
C ASN E 304 28.75 19.08 -25.31
N THR E 305 29.43 17.98 -25.48
CA THR E 305 28.91 16.88 -26.26
C THR E 305 28.35 15.83 -25.34
N ARG E 306 27.13 15.42 -25.59
CA ARG E 306 26.56 14.35 -24.81
C ARG E 306 26.88 13.04 -25.48
N LYS E 307 27.21 12.02 -24.71
CA LYS E 307 27.45 10.72 -25.30
C LYS E 307 26.64 9.67 -24.57
N SER E 308 26.17 8.69 -25.31
CA SER E 308 25.33 7.66 -24.72
C SER E 308 26.06 6.35 -24.57
N ILE E 309 26.10 5.85 -23.35
CA ILE E 309 26.76 4.59 -23.04
C ILE E 309 25.76 3.55 -22.57
N ARG E 310 25.71 2.36 -23.20
CA ARG E 310 24.80 1.39 -22.61
C ARG E 310 25.46 0.85 -21.39
N ILE E 311 24.72 0.76 -20.31
CA ILE E 311 25.24 0.19 -19.09
C ILE E 311 24.48 -1.09 -18.76
N GLY E 312 23.48 -1.37 -19.57
CA GLY E 312 22.68 -2.56 -19.40
C GLY E 312 21.65 -2.69 -20.53
N PRO E 313 20.70 -3.60 -20.41
CA PRO E 313 19.73 -3.96 -21.43
C PRO E 313 18.67 -2.90 -21.65
N GLY E 314 19.05 -1.89 -22.42
CA GLY E 314 18.18 -0.75 -22.68
C GLY E 314 18.37 0.31 -21.61
N GLN E 315 19.42 0.15 -20.84
CA GLN E 315 19.73 1.07 -19.78
C GLN E 315 20.83 1.98 -20.22
N TRP E 316 20.50 3.25 -20.43
CA TRP E 316 21.49 4.18 -20.94
C TRP E 316 21.95 5.21 -19.95
N PHE E 317 23.24 5.43 -19.94
CA PHE E 317 23.89 6.45 -19.15
C PHE E 317 24.32 7.60 -20.02
N TYR E 318 23.98 8.81 -19.62
CA TYR E 318 24.37 9.94 -20.41
C TYR E 318 25.55 10.62 -19.79
N ALA E 319 26.65 10.54 -20.48
CA ALA E 319 27.89 11.04 -19.99
C ALA E 319 28.27 12.32 -20.67
N THR E 320 29.08 13.10 -19.99
CA THR E 320 29.64 14.28 -20.61
C THR E 320 30.84 13.82 -21.40
N GLY E 321 30.89 14.21 -22.66
CA GLY E 321 31.95 13.85 -23.57
C GLY E 321 32.95 14.98 -23.68
N ASP E 322 33.49 15.19 -24.87
CA ASP E 322 34.51 16.20 -25.02
C ASP E 322 33.87 17.58 -25.17
N ILE E 323 34.70 18.61 -25.29
CA ILE E 323 34.27 19.99 -25.43
C ILE E 323 34.81 20.63 -26.68
N ILE E 324 33.93 21.27 -27.43
CA ILE E 324 34.35 21.92 -28.62
C ILE E 324 34.58 23.38 -28.31
N GLY E 325 35.75 23.88 -28.64
CA GLY E 325 36.08 25.25 -28.35
C GLY E 325 36.68 25.39 -26.97
N ASP E 326 36.84 26.62 -26.53
CA ASP E 326 37.49 26.95 -25.28
C ASP E 326 36.69 26.48 -24.08
N ILE E 327 37.37 26.11 -22.99
CA ILE E 327 36.69 25.78 -21.75
C ILE E 327 36.74 26.98 -20.82
N ARG E 328 35.56 27.51 -20.48
CA ARG E 328 35.46 28.73 -19.69
C ARG E 328 34.54 28.63 -18.48
N GLN E 329 34.77 29.51 -17.51
CA GLN E 329 33.97 29.51 -16.30
C GLN E 329 32.58 30.10 -16.47
N ALA E 330 31.63 29.49 -15.75
CA ALA E 330 30.23 29.92 -15.73
C ALA E 330 30.11 31.24 -14.98
N HIS E 331 29.17 32.06 -15.39
CA HIS E 331 29.00 33.34 -14.71
C HIS E 331 27.62 33.97 -14.93
N CYS E 332 27.26 34.95 -14.07
CA CYS E 332 26.04 35.78 -14.19
C CYS E 332 26.36 37.28 -14.18
N ASN E 333 25.69 38.00 -15.05
CA ASN E 333 25.80 39.45 -15.22
C ASN E 333 24.59 40.21 -14.65
N VAL E 334 24.83 41.08 -13.64
CA VAL E 334 23.81 41.95 -13.00
C VAL E 334 24.15 43.38 -13.34
N SER E 335 23.22 44.14 -13.91
CA SER E 335 23.59 45.51 -14.29
C SER E 335 24.00 46.29 -13.06
N LYS E 336 25.17 46.94 -13.11
CA LYS E 336 25.68 47.60 -11.90
C LYS E 336 24.82 48.72 -11.44
N ALA E 337 24.29 49.45 -12.40
CA ALA E 337 23.50 50.62 -12.15
C ALA E 337 22.05 50.29 -11.84
N THR E 338 21.69 49.01 -11.84
CA THR E 338 20.33 48.63 -11.53
C THR E 338 20.38 47.99 -10.17
N TRP E 339 21.45 47.23 -9.90
CA TRP E 339 21.60 46.68 -8.56
C TRP E 339 21.63 47.86 -7.58
N ASN E 340 22.39 48.96 -7.92
CA ASN E 340 22.36 50.24 -7.22
C ASN E 340 20.98 50.83 -7.51
N GLU E 341 20.44 51.65 -6.59
CA GLU E 341 19.05 52.19 -6.63
C GLU E 341 18.11 51.08 -6.20
N THR E 342 18.14 49.90 -6.82
CA THR E 342 17.25 48.87 -6.30
C THR E 342 17.64 48.58 -4.87
N LEU E 343 18.93 48.46 -4.61
CA LEU E 343 19.38 48.21 -3.27
C LEU E 343 19.11 49.44 -2.41
N GLY E 344 19.25 50.63 -2.99
CA GLY E 344 19.02 51.85 -2.22
C GLY E 344 17.60 51.93 -1.71
N LYS E 345 16.64 51.48 -2.52
CA LYS E 345 15.23 51.45 -2.14
C LYS E 345 15.01 50.48 -1.01
N VAL E 346 15.74 49.35 -1.03
CA VAL E 346 15.62 48.38 0.04
C VAL E 346 16.07 49.02 1.32
N VAL E 347 17.18 49.75 1.28
CA VAL E 347 17.70 50.41 2.46
C VAL E 347 16.76 51.47 2.98
N LYS E 348 16.21 52.27 2.08
CA LYS E 348 15.29 53.31 2.49
C LYS E 348 14.15 52.72 3.30
N GLN E 349 13.62 51.58 2.86
CA GLN E 349 12.53 50.95 3.56
C GLN E 349 13.00 50.18 4.79
N LEU E 350 14.20 49.61 4.79
CA LEU E 350 14.65 48.89 5.97
C LEU E 350 14.73 49.83 7.14
N ARG E 351 15.15 51.06 6.90
CA ARG E 351 15.31 52.04 7.97
C ARG E 351 14.04 52.27 8.76
N LYS E 352 12.87 52.02 8.20
CA LYS E 352 11.67 52.26 8.99
C LYS E 352 11.66 51.46 10.29
N HIS E 353 12.31 50.30 10.33
CA HIS E 353 12.31 49.49 11.53
C HIS E 353 13.65 49.53 12.26
N PHE E 354 14.63 50.26 11.72
CA PHE E 354 15.97 50.25 12.31
C PHE E 354 16.48 51.63 12.73
N GLY E 355 15.89 52.70 12.18
CA GLY E 355 16.25 54.09 12.45
C GLY E 355 16.90 54.84 11.29
N ASN E 356 16.57 56.16 11.15
CA ASN E 356 17.06 57.06 10.10
C ASN E 356 18.57 57.37 10.25
N ASN E 357 19.14 57.20 11.47
CA ASN E 357 20.55 57.43 11.80
C ASN E 357 21.31 56.11 11.90
N THR E 358 20.71 55.02 11.44
CA THR E 358 21.33 53.71 11.48
C THR E 358 21.96 53.37 10.15
N ILE E 359 23.21 52.96 10.21
CA ILE E 359 23.96 52.58 9.02
C ILE E 359 23.60 51.16 8.62
N ILE E 360 23.26 50.98 7.34
CA ILE E 360 22.92 49.64 6.90
C ILE E 360 23.93 49.03 5.99
N ARG E 361 24.59 48.02 6.52
CA ARG E 361 25.64 47.36 5.82
C ARG E 361 25.22 46.06 5.23
N PHE E 362 25.69 45.79 4.04
CA PHE E 362 25.49 44.51 3.42
C PHE E 362 26.80 43.81 3.36
N ALA E 363 26.73 42.52 3.56
CA ALA E 363 27.87 41.64 3.58
C ALA E 363 27.45 40.31 2.97
N ASN E 364 28.43 39.47 2.56
CA ASN E 364 28.19 38.15 1.98
C ASN E 364 27.84 37.13 3.08
N SER E 365 27.55 35.87 2.66
CA SER E 365 27.12 34.76 3.53
C SER E 365 28.24 34.26 4.43
N SER E 366 27.86 33.51 5.47
CA SER E 366 28.81 33.02 6.46
C SER E 366 29.68 31.85 6.06
N GLY E 367 29.29 31.07 5.07
CA GLY E 367 30.09 29.92 4.67
C GLY E 367 29.41 28.61 5.01
N GLY E 368 30.08 27.51 4.67
CA GLY E 368 29.49 26.19 4.82
C GLY E 368 29.02 25.70 3.47
N ASP E 369 28.09 24.77 3.46
CA ASP E 369 27.66 24.08 2.24
C ASP E 369 27.17 25.03 1.18
N LEU E 370 27.47 24.72 -0.09
CA LEU E 370 27.10 25.60 -1.21
C LEU E 370 25.62 25.81 -1.32
N GLU E 371 24.85 24.82 -0.93
CA GLU E 371 23.41 24.93 -1.03
C GLU E 371 22.83 26.08 -0.17
N VAL E 372 23.58 26.57 0.82
CA VAL E 372 23.13 27.69 1.64
C VAL E 372 23.98 28.93 1.35
N THR E 373 25.29 28.71 1.27
CA THR E 373 26.32 29.72 1.06
C THR E 373 26.17 30.49 -0.22
N THR E 374 25.83 29.82 -1.31
CA THR E 374 25.75 30.48 -2.61
C THR E 374 24.33 30.57 -3.15
N HIS E 375 24.20 31.35 -4.21
CA HIS E 375 22.95 31.49 -4.91
C HIS E 375 22.72 30.24 -5.69
N SER E 376 21.53 29.70 -5.58
CA SER E 376 21.23 28.44 -6.25
C SER E 376 20.26 28.67 -7.33
N PHE E 377 20.67 28.25 -8.51
CA PHE E 377 19.92 28.46 -9.72
C PHE E 377 19.84 27.24 -10.63
N ASN E 378 18.64 26.82 -10.94
CA ASN E 378 18.39 25.68 -11.81
C ASN E 378 17.87 26.20 -13.13
N CYS E 379 18.69 26.20 -14.20
CA CYS E 379 18.29 26.82 -15.46
C CYS E 379 18.94 26.15 -16.65
N GLY E 380 18.11 25.85 -17.65
CA GLY E 380 18.57 25.28 -18.89
C GLY E 380 18.83 23.80 -18.73
N GLY E 381 18.52 23.28 -17.55
CA GLY E 381 18.77 21.90 -17.19
C GLY E 381 20.05 21.72 -16.37
N GLU E 382 20.79 22.80 -16.10
CA GLU E 382 22.02 22.70 -15.31
C GLU E 382 21.89 23.37 -13.96
N PHE E 383 22.68 22.92 -13.00
CA PHE E 383 22.66 23.47 -11.66
C PHE E 383 23.85 24.34 -11.35
N PHE E 384 23.55 25.62 -11.15
CA PHE E 384 24.54 26.64 -10.91
C PHE E 384 24.60 27.04 -9.46
N TYR E 385 25.82 27.18 -8.97
CA TYR E 385 26.10 27.70 -7.64
C TYR E 385 26.93 28.98 -7.77
N CYS E 386 26.30 30.17 -7.59
CA CYS E 386 26.90 31.48 -7.86
C CYS E 386 27.34 32.16 -6.57
N ASN E 387 28.59 32.59 -6.56
CA ASN E 387 29.22 33.12 -5.35
C ASN E 387 28.43 34.27 -4.71
N THR E 388 27.90 35.20 -5.53
CA THR E 388 27.07 36.37 -5.12
C THR E 388 27.66 37.22 -4.00
N SER E 389 28.98 37.43 -3.98
CA SER E 389 29.54 38.27 -2.93
C SER E 389 29.61 39.71 -3.38
N GLY E 390 29.66 39.89 -4.68
CA GLY E 390 29.80 41.21 -5.27
C GLY E 390 28.52 42.01 -5.21
N LEU E 391 27.44 41.35 -4.84
CA LEU E 391 26.20 42.07 -4.75
C LEU E 391 25.94 42.56 -3.32
N PHE E 392 26.70 42.06 -2.34
CA PHE E 392 26.44 42.44 -0.96
C PHE E 392 27.70 42.91 -0.25
N ASN E 393 28.20 44.08 -0.67
CA ASN E 393 29.43 44.69 -0.19
C ASN E 393 29.25 46.23 -0.24
N SER E 394 28.53 46.79 0.76
CA SER E 394 28.14 48.22 0.80
C SER E 394 27.80 48.68 2.21
N THR E 395 28.07 49.95 2.54
CA THR E 395 27.70 50.40 3.89
C THR E 395 26.49 51.32 4.02
N TRP E 396 26.07 51.98 2.94
CA TRP E 396 24.90 52.87 3.01
C TRP E 396 24.80 53.69 4.30
N ILE E 397 25.79 54.57 4.55
CA ILE E 397 25.91 55.44 5.74
C ILE E 397 24.56 56.07 6.19
N ASP E 412 27.78 49.67 -17.00
CA ASP E 412 28.75 48.89 -16.25
C ASP E 412 27.99 47.70 -15.63
N SER E 413 28.72 46.63 -15.25
CA SER E 413 28.14 45.38 -14.73
C SER E 413 28.96 44.66 -13.68
N ILE E 414 28.26 43.86 -12.91
CA ILE E 414 28.86 43.03 -11.89
C ILE E 414 28.88 41.61 -12.38
N THR E 415 30.04 40.98 -12.37
CA THR E 415 30.11 39.61 -12.82
C THR E 415 30.27 38.70 -11.64
N LEU E 416 29.38 37.74 -11.55
CA LEU E 416 29.37 36.77 -10.48
C LEU E 416 29.88 35.45 -11.02
N PRO E 417 30.97 34.88 -10.51
CA PRO E 417 31.48 33.60 -10.96
C PRO E 417 30.50 32.56 -10.44
N CYS E 418 30.29 31.47 -11.19
CA CYS E 418 29.39 30.36 -10.83
C CYS E 418 30.05 29.02 -11.11
N ARG E 419 29.65 28.01 -10.37
CA ARG E 419 30.14 26.67 -10.64
C ARG E 419 29.02 25.72 -10.96
N ILE E 420 29.33 24.69 -11.71
CA ILE E 420 28.35 23.70 -12.11
C ILE E 420 28.55 22.39 -11.41
N LYS E 421 27.47 21.84 -10.89
CA LYS E 421 27.50 20.57 -10.16
C LYS E 421 26.47 19.60 -10.77
N GLN E 422 26.87 18.37 -11.14
CA GLN E 422 25.92 17.44 -11.75
C GLN E 422 25.21 16.50 -10.77
N ILE E 423 25.82 16.20 -9.62
CA ILE E 423 25.13 15.29 -8.70
C ILE E 423 24.51 16.10 -7.58
N ILE E 424 23.20 16.12 -7.58
CA ILE E 424 22.42 16.98 -6.71
C ILE E 424 21.57 16.30 -5.65
N ASN E 425 21.73 16.73 -4.40
CA ASN E 425 20.87 16.25 -3.32
C ASN E 425 19.77 17.28 -3.29
N MET E 426 18.78 17.10 -4.15
CA MET E 426 17.83 18.16 -4.43
C MET E 426 16.94 18.58 -3.31
N TRP E 427 16.53 17.67 -2.48
CA TRP E 427 15.67 18.00 -1.38
C TRP E 427 16.46 17.56 -0.19
N GLN E 428 16.26 18.16 0.96
CA GLN E 428 17.09 17.80 2.09
C GLN E 428 16.75 16.45 2.69
N ARG E 429 17.26 15.44 2.02
CA ARG E 429 17.08 14.02 2.27
C ARG E 429 18.46 13.38 2.24
N ILE E 430 18.60 12.18 2.79
CA ILE E 430 19.91 11.53 2.81
C ILE E 430 20.16 10.45 1.78
N GLY E 431 19.23 9.52 1.58
CA GLY E 431 19.50 8.34 0.75
C GLY E 431 19.22 8.49 -0.74
N GLN E 432 18.84 9.69 -1.13
CA GLN E 432 18.51 9.93 -2.53
C GLN E 432 19.35 11.03 -3.12
N ALA E 433 19.82 10.79 -4.33
CA ALA E 433 20.55 11.80 -5.07
C ALA E 433 20.25 11.63 -6.54
N MET E 434 20.38 12.69 -7.30
CA MET E 434 20.15 12.55 -8.72
C MET E 434 21.25 13.09 -9.57
N TYR E 435 21.42 12.48 -10.72
CA TYR E 435 22.39 12.91 -11.69
C TYR E 435 21.74 13.63 -12.84
N ALA E 436 22.15 14.86 -13.03
CA ALA E 436 21.62 15.63 -14.11
C ALA E 436 22.43 15.31 -15.36
N PRO E 437 21.84 14.84 -16.45
CA PRO E 437 22.56 14.50 -17.63
C PRO E 437 23.01 15.84 -18.14
N PRO E 438 24.09 15.92 -18.88
CA PRO E 438 24.63 17.15 -19.43
C PRO E 438 23.74 17.71 -20.48
N ILE E 439 23.75 19.02 -20.59
CA ILE E 439 22.98 19.65 -21.64
C ILE E 439 23.82 19.98 -22.86
N GLN E 440 23.42 19.41 -23.97
CA GLN E 440 24.12 19.55 -25.23
C GLN E 440 24.26 20.98 -25.66
N GLY E 441 25.47 21.38 -26.01
CA GLY E 441 25.72 22.74 -26.46
C GLY E 441 26.03 23.71 -25.34
N VAL E 442 25.46 24.92 -25.48
CA VAL E 442 25.73 26.09 -24.63
C VAL E 442 24.45 26.60 -23.99
N ILE E 443 24.52 27.06 -22.75
CA ILE E 443 23.32 27.60 -22.11
C ILE E 443 23.32 29.08 -21.82
N ARG E 444 22.21 29.73 -22.21
CA ARG E 444 21.96 31.14 -21.91
C ARG E 444 20.61 31.23 -21.20
N CYS E 445 20.56 32.00 -20.10
CA CYS E 445 19.37 32.23 -19.27
C CYS E 445 19.17 33.72 -19.01
N VAL E 446 17.92 34.14 -19.08
CA VAL E 446 17.56 35.51 -18.74
C VAL E 446 16.52 35.44 -17.67
N SER E 447 16.72 36.11 -16.57
CA SER E 447 15.71 36.06 -15.53
C SER E 447 15.61 37.37 -14.78
N ASN E 448 14.48 37.56 -14.05
CA ASN E 448 14.20 38.75 -13.23
C ASN E 448 14.42 38.44 -11.76
N ILE E 449 15.22 39.28 -11.06
CA ILE E 449 15.37 39.18 -9.61
C ILE E 449 14.23 40.02 -9.09
N THR E 450 13.35 39.41 -8.33
CA THR E 450 12.18 40.07 -7.81
C THR E 450 12.24 40.26 -6.32
N GLY E 451 13.24 39.67 -5.68
CA GLY E 451 13.37 39.85 -4.23
C GLY E 451 14.59 39.19 -3.61
N LEU E 452 14.70 39.37 -2.30
CA LEU E 452 15.84 38.87 -1.52
C LEU E 452 15.43 38.10 -0.28
N ILE E 453 16.25 37.14 0.15
CA ILE E 453 16.03 36.55 1.47
C ILE E 453 17.18 36.96 2.37
N LEU E 454 16.94 37.90 3.26
CA LEU E 454 17.99 38.43 4.10
C LEU E 454 17.90 37.99 5.55
N THR E 455 19.04 37.94 6.20
CA THR E 455 19.07 37.71 7.62
C THR E 455 19.77 38.89 8.23
N ARG E 456 19.59 39.11 9.51
CA ARG E 456 20.15 40.27 10.18
C ARG E 456 21.03 39.88 11.37
N ASP E 457 22.14 40.63 11.61
CA ASP E 457 23.04 40.46 12.75
C ASP E 457 23.79 41.77 13.05
N GLU E 466 23.38 47.99 11.64
CA GLU E 466 22.85 46.65 11.37
C GLU E 466 23.52 46.08 10.10
N THR E 467 23.86 44.76 10.13
CA THR E 467 24.46 44.05 8.99
C THR E 467 23.47 43.02 8.44
N PHE E 468 23.27 43.09 7.15
CA PHE E 468 22.37 42.18 6.48
C PHE E 468 23.14 41.30 5.55
N ARG E 469 22.72 40.05 5.48
CA ARG E 469 23.40 39.09 4.63
C ARG E 469 22.39 38.31 3.82
N PRO E 470 22.73 37.80 2.64
CA PRO E 470 21.91 36.96 1.81
C PRO E 470 21.92 35.54 2.35
N GLY E 471 21.37 35.37 3.52
CA GLY E 471 21.36 34.10 4.20
C GLY E 471 20.56 32.99 3.51
N GLY E 472 19.45 33.32 2.86
CA GLY E 472 18.64 32.25 2.23
C GLY E 472 18.25 31.19 3.27
N GLY E 473 18.40 29.91 2.90
CA GLY E 473 18.18 28.78 3.80
C GLY E 473 16.84 28.00 3.82
N ASP E 474 15.75 28.50 3.23
CA ASP E 474 14.49 27.73 3.29
C ASP E 474 13.64 27.89 2.04
N MET E 475 13.45 26.79 1.32
CA MET E 475 12.77 26.80 0.03
C MET E 475 11.32 27.26 0.08
N ARG E 476 10.67 27.16 1.23
CA ARG E 476 9.28 27.56 1.30
C ARG E 476 9.14 29.06 1.24
N ASP E 477 10.24 29.78 1.47
CA ASP E 477 10.17 31.21 1.46
C ASP E 477 10.10 31.73 0.04
N ASN E 478 10.33 30.84 -0.92
CA ASN E 478 10.27 31.28 -2.29
C ASN E 478 8.84 31.29 -2.78
N TRP E 479 7.92 30.70 -1.99
CA TRP E 479 6.54 30.59 -2.42
C TRP E 479 5.62 31.35 -1.51
N ARG E 480 5.98 31.53 -0.24
CA ARG E 480 5.06 32.26 0.60
C ARG E 480 5.01 33.71 0.14
N SER E 481 6.04 34.13 -0.58
CA SER E 481 6.17 35.46 -1.11
C SER E 481 5.14 35.73 -2.21
N GLU E 482 4.51 34.68 -2.74
CA GLU E 482 3.47 34.80 -3.74
C GLU E 482 2.11 34.47 -3.13
N LEU E 483 2.11 33.55 -2.17
CA LEU E 483 0.88 33.10 -1.55
C LEU E 483 0.41 33.94 -0.38
N TYR E 484 1.17 34.93 0.03
CA TYR E 484 0.82 35.79 1.16
C TYR E 484 -0.52 36.49 0.99
N LYS E 485 -0.99 36.65 -0.24
CA LYS E 485 -2.25 37.32 -0.48
C LYS E 485 -3.44 36.39 -0.44
N TYR E 486 -3.24 35.09 -0.30
CA TYR E 486 -4.37 34.19 -0.35
C TYR E 486 -4.67 33.41 0.93
N LYS E 487 -5.95 33.24 1.20
CA LYS E 487 -6.44 32.47 2.33
C LYS E 487 -7.53 31.48 1.94
N VAL E 488 -7.53 30.30 2.55
CA VAL E 488 -8.58 29.33 2.28
C VAL E 488 -9.65 29.33 3.35
N VAL E 489 -10.91 29.44 2.93
CA VAL E 489 -12.00 29.40 3.90
C VAL E 489 -13.04 28.38 3.51
N LYS E 490 -13.78 27.93 4.51
CA LYS E 490 -14.84 26.96 4.37
C LYS E 490 -16.20 27.58 4.53
N ILE E 491 -17.06 27.36 3.57
CA ILE E 491 -18.38 27.94 3.63
C ILE E 491 -19.33 27.11 4.44
N GLU E 492 -20.02 27.79 5.35
CA GLU E 492 -20.99 27.17 6.25
C GLU E 492 -22.36 27.80 6.07
N PRO E 493 -23.16 27.32 5.12
CA PRO E 493 -24.39 27.90 4.63
C PRO E 493 -25.59 27.77 5.55
N LEU E 494 -25.49 27.00 6.61
CA LEU E 494 -26.67 26.82 7.42
C LEU E 494 -26.63 27.68 8.66
N GLY E 495 -27.75 28.33 8.97
CA GLY E 495 -27.80 29.10 10.20
C GLY E 495 -29.20 29.50 10.59
N VAL E 496 -29.34 30.09 11.76
CA VAL E 496 -30.65 30.48 12.26
C VAL E 496 -30.64 31.91 12.72
N ALA E 497 -31.83 32.49 12.82
CA ALA E 497 -32.01 33.84 13.35
C ALA E 497 -33.45 33.97 13.85
N PRO E 498 -33.75 34.85 14.82
CA PRO E 498 -35.09 35.13 15.28
C PRO E 498 -35.88 35.96 14.31
N THR E 499 -37.17 35.74 14.23
CA THR E 499 -38.02 36.60 13.43
C THR E 499 -39.46 36.62 13.89
N ARG E 500 -40.26 37.35 13.16
CA ARG E 500 -41.68 37.53 13.46
C ARG E 500 -42.70 36.45 13.02
N CYS E 501 -42.35 35.51 12.10
CA CYS E 501 -43.28 34.49 11.58
C CYS E 501 -43.35 33.27 12.49
N LYS E 502 -44.43 32.51 12.34
CA LYS E 502 -44.56 31.23 13.02
C LYS E 502 -45.13 30.22 12.03
N ARG E 503 -44.63 28.95 12.05
CA ARG E 503 -45.14 27.83 11.21
C ARG E 503 -46.64 27.61 11.45
N LEU F 36 -49.81 29.33 -21.37
CA LEU F 36 -49.23 28.06 -20.94
C LEU F 36 -48.14 28.36 -19.92
N TRP F 37 -47.80 27.35 -19.08
CA TRP F 37 -46.84 27.44 -17.96
C TRP F 37 -45.80 26.37 -18.04
N VAL F 38 -44.63 26.64 -17.48
CA VAL F 38 -43.56 25.66 -17.47
C VAL F 38 -43.84 24.56 -16.44
N THR F 39 -43.75 23.32 -16.87
CA THR F 39 -43.86 22.18 -15.99
C THR F 39 -42.57 21.40 -16.08
N VAL F 40 -42.03 21.08 -14.92
CA VAL F 40 -40.79 20.37 -14.80
C VAL F 40 -41.01 18.88 -14.62
N TYR F 41 -40.34 18.08 -15.43
CA TYR F 41 -40.51 16.65 -15.31
C TYR F 41 -39.20 15.96 -15.03
N TYR F 42 -39.23 15.02 -14.08
CA TYR F 42 -38.04 14.27 -13.76
C TYR F 42 -38.28 12.80 -14.03
N GLY F 43 -37.38 12.20 -14.80
CA GLY F 43 -37.49 10.81 -15.23
C GLY F 43 -37.79 10.78 -16.73
N VAL F 44 -37.44 11.86 -17.40
CA VAL F 44 -37.64 12.00 -18.82
C VAL F 44 -36.65 11.13 -19.59
N PRO F 45 -37.08 10.27 -20.52
CA PRO F 45 -36.25 9.34 -21.27
C PRO F 45 -35.44 9.97 -22.40
N VAL F 46 -34.47 10.81 -22.07
CA VAL F 46 -33.64 11.42 -23.12
C VAL F 46 -32.15 11.14 -22.96
N TRP F 47 -31.45 11.23 -24.10
CA TRP F 47 -30.05 10.85 -24.26
C TRP F 47 -29.05 11.85 -24.75
N LYS F 48 -27.82 11.68 -24.28
CA LYS F 48 -26.67 12.37 -24.84
C LYS F 48 -25.57 11.34 -25.08
N ASP F 49 -24.82 11.48 -26.15
CA ASP F 49 -23.72 10.54 -26.35
C ASP F 49 -22.69 10.76 -25.27
N ALA F 50 -22.04 9.71 -24.77
CA ALA F 50 -21.05 9.98 -23.74
C ALA F 50 -19.95 8.97 -23.66
N GLU F 51 -18.82 9.39 -23.10
CA GLU F 51 -17.69 8.52 -22.91
C GLU F 51 -17.43 8.31 -21.43
N THR F 52 -17.63 7.09 -20.97
CA THR F 52 -17.42 6.79 -19.57
C THR F 52 -16.65 5.52 -19.45
N THR F 53 -16.35 5.13 -18.23
CA THR F 53 -15.63 3.92 -17.99
C THR F 53 -16.59 2.79 -17.73
N LEU F 54 -16.47 1.73 -18.48
CA LEU F 54 -17.35 0.59 -18.31
C LEU F 54 -16.69 -0.38 -17.39
N PHE F 55 -17.46 -1.21 -16.70
CA PHE F 55 -16.81 -2.18 -15.85
C PHE F 55 -16.98 -3.54 -16.48
N CYS F 56 -16.09 -4.50 -16.15
CA CYS F 56 -16.14 -5.86 -16.65
C CYS F 56 -16.94 -6.76 -15.72
N ALA F 57 -17.67 -7.67 -16.33
CA ALA F 57 -18.37 -8.69 -15.62
C ALA F 57 -18.21 -10.01 -16.37
N SER F 58 -18.14 -11.11 -15.63
CA SER F 58 -17.94 -12.44 -16.22
C SER F 58 -19.15 -13.35 -16.16
N ASP F 59 -19.03 -14.48 -16.84
CA ASP F 59 -20.05 -15.49 -16.78
C ASP F 59 -19.69 -16.39 -15.58
N ALA F 60 -20.45 -17.51 -15.37
CA ALA F 60 -20.26 -18.44 -14.25
C ALA F 60 -19.07 -19.37 -14.54
N HIS F 68 -6.46 -18.75 -11.44
CA HIS F 68 -5.22 -18.74 -12.20
C HIS F 68 -5.29 -17.81 -13.43
N ASN F 69 -6.47 -17.77 -14.10
CA ASN F 69 -6.76 -16.98 -15.30
C ASN F 69 -6.90 -15.48 -15.02
N VAL F 70 -6.19 -14.67 -15.79
CA VAL F 70 -6.20 -13.24 -15.53
C VAL F 70 -7.54 -12.59 -15.79
N TRP F 71 -8.29 -13.08 -16.76
CA TRP F 71 -9.55 -12.46 -17.08
C TRP F 71 -10.53 -12.81 -15.99
N ALA F 72 -10.43 -14.05 -15.52
CA ALA F 72 -11.33 -14.52 -14.48
C ALA F 72 -11.10 -13.78 -13.17
N THR F 73 -9.85 -13.49 -12.88
CA THR F 73 -9.50 -12.78 -11.67
C THR F 73 -9.93 -11.34 -11.75
N HIS F 74 -9.70 -10.71 -12.88
CA HIS F 74 -10.09 -9.32 -13.02
C HIS F 74 -11.60 -9.06 -13.01
N CYS F 75 -12.38 -9.82 -13.79
CA CYS F 75 -13.82 -9.64 -13.99
C CYS F 75 -14.59 -10.35 -12.87
N CYS F 76 -14.40 -9.81 -11.66
CA CYS F 76 -14.95 -10.35 -10.43
C CYS F 76 -16.46 -10.33 -10.35
N VAL F 77 -17.07 -9.30 -10.91
CA VAL F 77 -18.51 -9.16 -10.87
C VAL F 77 -19.14 -10.13 -11.84
N PRO F 78 -20.08 -10.99 -11.46
CA PRO F 78 -20.80 -11.86 -12.34
C PRO F 78 -21.83 -11.06 -13.08
N THR F 79 -22.21 -11.45 -14.27
CA THR F 79 -23.35 -10.79 -14.86
C THR F 79 -24.59 -11.48 -14.38
N ASP F 80 -25.72 -10.78 -14.47
CA ASP F 80 -26.99 -11.40 -14.23
C ASP F 80 -27.23 -12.28 -15.46
N PRO F 81 -27.56 -13.57 -15.33
CA PRO F 81 -27.83 -14.48 -16.43
C PRO F 81 -28.92 -13.99 -17.40
N ASN F 82 -29.80 -13.10 -16.95
CA ASN F 82 -30.87 -12.61 -17.80
C ASN F 82 -30.63 -11.17 -18.29
N PRO F 83 -30.30 -10.94 -19.59
CA PRO F 83 -30.05 -9.64 -20.16
C PRO F 83 -31.39 -8.94 -20.25
N GLN F 84 -31.39 -7.61 -20.29
CA GLN F 84 -32.65 -6.89 -20.34
C GLN F 84 -33.27 -6.87 -21.73
N GLU F 85 -32.45 -6.66 -22.76
CA GLU F 85 -32.91 -6.63 -24.15
C GLU F 85 -34.17 -5.82 -24.37
N ILE F 86 -34.19 -4.55 -23.99
CA ILE F 86 -35.45 -3.86 -24.16
C ILE F 86 -35.54 -3.25 -25.51
N HIS F 87 -36.44 -3.73 -26.32
CA HIS F 87 -36.57 -3.21 -27.66
C HIS F 87 -37.15 -1.84 -27.61
N LEU F 88 -36.58 -0.91 -28.36
CA LEU F 88 -37.16 0.40 -28.33
C LEU F 88 -37.96 0.64 -29.58
N GLU F 89 -39.26 0.69 -29.43
CA GLU F 89 -40.08 0.87 -30.61
C GLU F 89 -39.89 2.31 -31.06
N ASN F 90 -39.91 2.55 -32.38
CA ASN F 90 -39.85 3.86 -33.05
C ASN F 90 -38.63 4.74 -32.66
N VAL F 91 -37.44 4.12 -32.50
CA VAL F 91 -36.18 4.81 -32.19
C VAL F 91 -35.11 4.58 -33.23
N THR F 92 -34.57 5.66 -33.79
CA THR F 92 -33.48 5.53 -34.74
C THR F 92 -32.28 6.27 -34.19
N GLU F 93 -31.15 5.58 -34.14
CA GLU F 93 -29.90 6.12 -33.61
C GLU F 93 -28.76 6.02 -34.57
N GLU F 94 -27.80 6.95 -34.47
CA GLU F 94 -26.62 6.88 -35.31
C GLU F 94 -25.43 6.24 -34.59
N PHE F 95 -24.88 5.23 -35.23
CA PHE F 95 -23.75 4.46 -34.72
C PHE F 95 -22.53 4.70 -35.59
N ASN F 96 -21.33 4.60 -35.00
CA ASN F 96 -20.11 4.71 -35.77
C ASN F 96 -19.03 3.84 -35.16
N MET F 97 -18.81 2.67 -35.72
CA MET F 97 -17.88 1.69 -35.16
C MET F 97 -16.42 2.11 -35.23
N TRP F 98 -16.13 3.13 -36.00
CA TRP F 98 -14.75 3.54 -36.19
C TRP F 98 -14.35 4.62 -35.20
N LYS F 99 -15.32 5.15 -34.46
CA LYS F 99 -15.07 6.23 -33.53
C LYS F 99 -15.61 5.83 -32.16
N ASN F 100 -15.77 4.55 -31.98
CA ASN F 100 -16.36 3.96 -30.79
C ASN F 100 -15.34 3.78 -29.69
N ASN F 101 -15.45 4.58 -28.62
CA ASN F 101 -14.44 4.57 -27.57
C ASN F 101 -14.49 3.32 -26.71
N MET F 102 -15.45 2.44 -26.94
CA MET F 102 -15.50 1.20 -26.19
C MET F 102 -14.30 0.36 -26.62
N VAL F 103 -13.83 0.57 -27.85
CA VAL F 103 -12.73 -0.17 -28.38
C VAL F 103 -11.48 0.28 -27.69
N GLU F 104 -11.34 1.58 -27.53
CA GLU F 104 -10.18 2.13 -26.88
C GLU F 104 -10.11 1.67 -25.46
N GLN F 105 -11.26 1.60 -24.79
CA GLN F 105 -11.18 1.12 -23.43
C GLN F 105 -10.73 -0.31 -23.42
N MET F 106 -11.28 -1.15 -24.28
CA MET F 106 -10.88 -2.54 -24.23
C MET F 106 -9.40 -2.69 -24.46
N HIS F 107 -8.85 -1.91 -25.38
CA HIS F 107 -7.44 -1.97 -25.69
C HIS F 107 -6.59 -1.57 -24.50
N THR F 108 -6.93 -0.46 -23.87
CA THR F 108 -6.16 0.01 -22.74
C THR F 108 -6.23 -0.96 -21.58
N ASP F 109 -7.42 -1.50 -21.30
CA ASP F 109 -7.56 -2.40 -20.18
C ASP F 109 -6.81 -3.70 -20.41
N ILE F 110 -6.76 -4.21 -21.63
CA ILE F 110 -6.02 -5.42 -21.90
C ILE F 110 -4.55 -5.23 -21.67
N ILE F 111 -3.99 -4.13 -22.14
CA ILE F 111 -2.58 -3.91 -21.92
C ILE F 111 -2.32 -3.79 -20.43
N SER F 112 -3.16 -3.05 -19.74
CA SER F 112 -2.97 -2.86 -18.31
C SER F 112 -3.00 -4.18 -17.57
N LEU F 113 -3.93 -5.07 -17.91
CA LEU F 113 -4.00 -6.34 -17.22
C LEU F 113 -2.74 -7.15 -17.47
N TRP F 114 -2.22 -7.14 -18.70
CA TRP F 114 -0.99 -7.86 -18.97
C TRP F 114 0.18 -7.34 -18.15
N ASP F 115 0.31 -6.03 -18.03
CA ASP F 115 1.42 -5.50 -17.27
C ASP F 115 1.29 -5.84 -15.80
N GLN F 116 0.08 -5.84 -15.27
CA GLN F 116 -0.04 -6.21 -13.86
C GLN F 116 0.26 -7.68 -13.67
N SER F 117 -0.14 -8.51 -14.62
CA SER F 117 0.03 -9.95 -14.49
C SER F 117 1.49 -10.35 -14.45
N LEU F 118 2.32 -9.67 -15.20
CA LEU F 118 3.75 -9.99 -15.24
C LEU F 118 4.55 -9.25 -14.18
N LYS F 119 3.90 -8.36 -13.44
CA LYS F 119 4.61 -7.53 -12.49
C LYS F 119 5.39 -8.29 -11.44
N PRO F 120 4.86 -9.33 -10.79
CA PRO F 120 5.55 -10.09 -9.78
C PRO F 120 6.43 -11.26 -10.26
N CYS F 121 6.68 -11.40 -11.60
CA CYS F 121 7.38 -12.55 -12.16
C CYS F 121 8.87 -12.27 -12.24
N VAL F 122 9.66 -13.32 -12.21
CA VAL F 122 11.11 -13.21 -12.24
C VAL F 122 11.69 -12.55 -13.47
N LYS F 123 12.67 -11.67 -13.22
CA LYS F 123 13.38 -10.94 -14.26
C LYS F 123 14.56 -11.73 -14.75
N LEU F 124 14.58 -12.06 -16.03
CA LEU F 124 15.62 -12.90 -16.57
C LEU F 124 16.79 -12.12 -17.09
N THR F 125 17.46 -11.44 -16.21
CA THR F 125 18.62 -10.68 -16.60
C THR F 125 19.91 -11.51 -16.52
N PRO F 126 20.04 -12.55 -15.66
CA PRO F 126 21.18 -13.41 -15.57
C PRO F 126 21.42 -14.19 -16.84
N LEU F 127 20.42 -14.25 -17.73
CA LEU F 127 20.57 -14.99 -18.98
C LEU F 127 21.20 -14.20 -20.12
N CYS F 128 21.44 -12.87 -19.99
CA CYS F 128 22.01 -12.08 -21.06
C CYS F 128 23.53 -12.16 -20.95
N VAL F 129 24.00 -13.31 -21.41
CA VAL F 129 25.38 -13.76 -21.38
C VAL F 129 25.80 -14.25 -22.72
N THR F 130 27.08 -14.44 -22.90
CA THR F 130 27.51 -15.04 -24.14
C THR F 130 27.09 -16.49 -24.11
N LEU F 131 26.47 -16.95 -25.17
CA LEU F 131 26.06 -18.32 -25.25
C LEU F 131 26.96 -19.04 -26.22
N GLN F 132 27.25 -20.30 -25.95
CA GLN F 132 27.97 -21.14 -26.90
C GLN F 132 26.91 -22.03 -27.52
N CYS F 133 26.62 -21.88 -28.84
CA CYS F 133 25.51 -22.60 -29.48
C CYS F 133 25.98 -23.34 -30.72
N THR F 134 25.33 -24.47 -30.96
CA THR F 134 25.58 -25.21 -32.18
C THR F 134 24.25 -25.44 -32.96
N ASN F 135 23.63 -26.63 -32.83
CA ASN F 135 22.39 -27.04 -33.48
C ASN F 135 21.81 -28.23 -32.72
N VAL F 136 20.49 -28.46 -32.84
CA VAL F 136 19.86 -29.71 -32.39
C VAL F 136 19.85 -30.59 -33.59
N THR F 137 20.47 -31.75 -33.49
CA THR F 137 20.59 -32.66 -34.61
C THR F 137 20.06 -34.07 -34.41
N ASN F 138 19.64 -34.44 -33.20
CA ASN F 138 19.33 -35.86 -32.96
C ASN F 138 18.22 -36.53 -33.79
N ASN F 139 17.09 -35.83 -34.06
CA ASN F 139 15.96 -36.35 -34.83
C ASN F 139 15.28 -35.22 -35.62
N ILE F 140 16.05 -34.54 -36.50
CA ILE F 140 15.59 -33.39 -37.29
C ILE F 140 15.07 -33.72 -38.66
N THR F 141 13.84 -33.32 -38.96
CA THR F 141 13.35 -33.50 -40.32
C THR F 141 13.96 -32.36 -41.10
N ASP F 142 13.95 -32.42 -42.41
CA ASP F 142 14.62 -31.35 -43.17
C ASP F 142 14.02 -29.95 -43.04
N ASP F 143 12.81 -29.84 -42.54
CA ASP F 143 12.16 -28.54 -42.42
C ASP F 143 12.60 -27.81 -41.16
N MET F 144 13.01 -28.55 -40.13
CA MET F 144 13.44 -27.97 -38.87
C MET F 144 14.93 -27.78 -38.79
N ARG F 145 15.61 -28.11 -39.86
CA ARG F 145 17.04 -28.01 -39.79
C ARG F 145 17.43 -26.57 -39.68
N GLY F 146 18.21 -26.26 -38.65
CA GLY F 146 18.67 -24.91 -38.43
C GLY F 146 17.69 -24.05 -37.63
N GLU F 147 16.50 -24.55 -37.34
CA GLU F 147 15.55 -23.75 -36.61
C GLU F 147 15.69 -23.88 -35.12
N LEU F 148 16.17 -25.02 -34.68
CA LEU F 148 16.27 -25.24 -33.25
C LEU F 148 17.72 -25.39 -32.84
N LYS F 149 18.16 -24.56 -31.89
CA LYS F 149 19.53 -24.58 -31.43
C LYS F 149 19.73 -25.05 -30.00
N ASN F 150 20.88 -25.71 -29.77
CA ASN F 150 21.36 -26.19 -28.47
C ASN F 150 22.46 -25.25 -27.96
N CYS F 151 22.17 -24.48 -26.88
CA CYS F 151 23.04 -23.47 -26.29
C CYS F 151 23.44 -23.81 -24.86
N SER F 152 24.67 -23.49 -24.50
CA SER F 152 25.13 -23.67 -23.15
C SER F 152 25.74 -22.38 -22.64
N PHE F 153 25.61 -22.19 -21.34
CA PHE F 153 26.10 -20.98 -20.73
C PHE F 153 26.41 -21.07 -19.25
N ASN F 154 27.13 -20.08 -18.77
CA ASN F 154 27.53 -20.06 -17.34
C ASN F 154 26.60 -19.10 -16.64
N MET F 155 25.77 -19.68 -15.79
CA MET F 155 24.72 -18.95 -15.08
C MET F 155 24.91 -18.99 -13.58
N THR F 156 24.32 -18.04 -12.88
CA THR F 156 24.44 -17.95 -11.43
C THR F 156 23.62 -19.01 -10.73
N THR F 157 23.92 -19.18 -9.43
CA THR F 157 23.31 -20.14 -8.51
C THR F 157 22.72 -19.42 -7.31
N GLU F 158 22.25 -20.18 -6.29
CA GLU F 158 21.64 -19.53 -5.13
C GLU F 158 22.64 -18.62 -4.47
N LEU F 159 23.86 -19.13 -4.35
CA LEU F 159 24.94 -18.39 -3.76
C LEU F 159 25.55 -17.54 -4.83
N ARG F 160 25.93 -16.32 -4.51
CA ARG F 160 26.52 -15.47 -5.54
C ARG F 160 27.99 -15.77 -5.81
N ASP F 161 28.56 -16.66 -5.02
CA ASP F 161 29.94 -17.08 -5.18
C ASP F 161 30.08 -18.24 -6.14
N LYS F 162 28.98 -18.85 -6.55
CA LYS F 162 29.09 -20.03 -7.36
C LYS F 162 28.47 -19.84 -8.71
N LYS F 163 28.89 -20.65 -9.65
CA LYS F 163 28.36 -20.63 -10.98
C LYS F 163 28.03 -22.04 -11.40
N GLN F 164 27.11 -22.18 -12.34
CA GLN F 164 26.77 -23.49 -12.86
C GLN F 164 26.74 -23.48 -14.37
N LYS F 165 27.08 -24.61 -14.97
CA LYS F 165 27.00 -24.69 -16.40
C LYS F 165 25.71 -25.39 -16.76
N VAL F 166 24.90 -24.73 -17.55
CA VAL F 166 23.62 -25.28 -17.91
C VAL F 166 23.45 -25.24 -19.39
N TYR F 167 22.47 -25.96 -19.90
CA TYR F 167 22.18 -25.86 -21.30
C TYR F 167 20.70 -25.82 -21.45
N SER F 168 20.26 -25.28 -22.57
CA SER F 168 18.87 -25.19 -22.91
C SER F 168 18.69 -25.07 -24.41
N LEU F 169 17.48 -25.31 -24.87
CA LEU F 169 17.26 -25.12 -26.28
C LEU F 169 16.56 -23.81 -26.54
N PHE F 170 16.85 -23.22 -27.68
CA PHE F 170 16.20 -22.01 -28.14
C PHE F 170 15.81 -22.07 -29.59
N TYR F 171 14.79 -21.35 -29.96
CA TYR F 171 14.47 -21.29 -31.37
C TYR F 171 15.35 -20.23 -31.98
N ARG F 172 15.69 -20.38 -33.25
CA ARG F 172 16.55 -19.44 -33.93
C ARG F 172 16.04 -18.02 -33.86
N LEU F 173 14.74 -17.81 -33.90
CA LEU F 173 14.20 -16.47 -33.89
C LEU F 173 14.48 -15.68 -32.61
N ASP F 174 14.82 -16.38 -31.53
CA ASP F 174 15.08 -15.77 -30.23
C ASP F 174 16.53 -15.47 -29.97
N VAL F 175 17.43 -15.97 -30.83
CA VAL F 175 18.86 -15.87 -30.59
C VAL F 175 19.59 -15.28 -31.77
N VAL F 176 20.48 -14.34 -31.53
CA VAL F 176 21.21 -13.76 -32.63
C VAL F 176 22.68 -13.97 -32.44
N GLN F 177 23.42 -13.94 -33.51
CA GLN F 177 24.85 -14.18 -33.43
C GLN F 177 25.62 -12.95 -33.04
N ILE F 178 26.63 -13.14 -32.22
CA ILE F 178 27.53 -12.07 -31.81
C ILE F 178 28.69 -11.95 -32.80
N ASN F 179 29.36 -13.10 -33.13
CA ASN F 179 30.50 -13.22 -34.05
C ASN F 179 31.68 -12.35 -33.56
N LYS F 191 30.52 -19.46 -33.09
CA LYS F 191 29.61 -20.14 -32.14
C LYS F 191 29.11 -19.25 -30.97
N GLU F 192 29.47 -17.94 -30.94
CA GLU F 192 29.05 -16.99 -29.90
C GLU F 192 27.79 -16.25 -30.29
N TYR F 193 26.77 -16.43 -29.45
CA TYR F 193 25.40 -15.93 -29.58
C TYR F 193 24.86 -15.25 -28.33
N ARG F 194 23.82 -14.44 -28.49
CA ARG F 194 23.13 -13.82 -27.36
C ARG F 194 21.64 -13.75 -27.56
N LEU F 195 20.89 -13.58 -26.50
CA LEU F 195 19.46 -13.47 -26.68
C LEU F 195 19.18 -12.20 -27.46
N ILE F 196 18.18 -12.27 -28.33
CA ILE F 196 17.81 -11.19 -29.23
C ILE F 196 17.47 -9.86 -28.61
N ASN F 197 17.03 -9.80 -27.38
CA ASN F 197 16.73 -8.50 -26.79
C ASN F 197 17.79 -7.88 -25.87
N CYS F 198 19.02 -8.44 -25.78
CA CYS F 198 20.08 -7.92 -24.90
C CYS F 198 20.44 -6.45 -25.06
N ASN F 199 20.38 -5.89 -26.26
CA ASN F 199 20.76 -4.48 -26.34
C ASN F 199 19.56 -3.50 -26.33
N THR F 200 18.31 -4.00 -26.19
CA THR F 200 17.08 -3.19 -26.25
C THR F 200 16.20 -3.24 -25.03
N SER F 201 15.94 -4.41 -24.48
CA SER F 201 14.93 -4.48 -23.44
C SER F 201 15.15 -5.51 -22.36
N ALA F 202 14.44 -5.34 -21.26
CA ALA F 202 14.51 -6.31 -20.20
C ALA F 202 13.63 -7.48 -20.54
N ILE F 203 13.99 -8.68 -20.11
CA ILE F 203 13.13 -9.80 -20.34
C ILE F 203 12.53 -10.30 -19.06
N THR F 204 11.21 -10.37 -19.02
CA THR F 204 10.48 -10.84 -17.84
C THR F 204 9.89 -12.19 -18.15
N GLN F 205 10.07 -13.17 -17.30
CA GLN F 205 9.52 -14.48 -17.58
C GLN F 205 8.08 -14.47 -17.23
N ALA F 206 7.22 -14.98 -18.06
CA ALA F 206 5.85 -15.05 -17.64
C ALA F 206 5.76 -16.13 -16.59
N CYS F 207 4.93 -15.95 -15.55
CA CYS F 207 4.70 -16.93 -14.50
C CYS F 207 3.95 -18.15 -15.10
N PRO F 208 4.46 -19.37 -14.89
CA PRO F 208 3.94 -20.62 -15.44
C PRO F 208 2.56 -21.00 -14.92
N LYS F 209 2.14 -20.36 -13.85
CA LYS F 209 0.84 -20.65 -13.27
C LYS F 209 -0.22 -19.63 -13.65
N VAL F 210 0.12 -18.66 -14.48
CA VAL F 210 -0.84 -17.65 -14.86
C VAL F 210 -1.37 -17.92 -16.24
N SER F 211 -2.68 -17.98 -16.36
CA SER F 211 -3.28 -18.27 -17.64
C SER F 211 -3.86 -17.07 -18.32
N PHE F 212 -3.60 -16.97 -19.61
CA PHE F 212 -4.11 -15.87 -20.39
C PHE F 212 -5.19 -16.30 -21.37
N GLU F 213 -5.66 -17.53 -21.21
CA GLU F 213 -6.67 -18.06 -22.11
C GLU F 213 -7.89 -17.14 -22.14
N PRO F 214 -8.36 -16.68 -23.30
CA PRO F 214 -9.51 -15.81 -23.41
C PRO F 214 -10.78 -16.40 -22.81
N ILE F 215 -11.45 -15.58 -22.01
CA ILE F 215 -12.73 -15.86 -21.37
C ILE F 215 -13.65 -14.76 -21.78
N PRO F 216 -14.89 -15.01 -22.22
CA PRO F 216 -15.78 -13.96 -22.62
C PRO F 216 -15.96 -12.90 -21.55
N ILE F 217 -15.90 -11.67 -21.99
CA ILE F 217 -16.07 -10.46 -21.22
C ILE F 217 -17.27 -9.69 -21.57
N HIS F 218 -18.03 -9.32 -20.56
CA HIS F 218 -19.20 -8.52 -20.79
C HIS F 218 -18.91 -7.12 -20.28
N TYR F 219 -19.07 -6.10 -21.12
CA TYR F 219 -18.85 -4.74 -20.61
C TYR F 219 -20.19 -4.22 -20.13
N CYS F 220 -20.22 -3.58 -18.95
CA CYS F 220 -21.44 -3.09 -18.32
C CYS F 220 -21.34 -1.60 -18.00
N ALA F 221 -22.42 -0.90 -18.27
CA ALA F 221 -22.44 0.53 -17.95
C ALA F 221 -22.66 0.75 -16.46
N PRO F 222 -22.12 1.83 -15.89
CA PRO F 222 -22.35 2.30 -14.54
C PRO F 222 -23.72 2.92 -14.42
N ALA F 223 -24.26 3.04 -13.22
CA ALA F 223 -25.56 3.64 -13.09
C ALA F 223 -25.57 5.04 -13.67
N GLY F 224 -26.64 5.37 -14.38
CA GLY F 224 -26.80 6.66 -15.02
C GLY F 224 -26.48 6.58 -16.51
N PHE F 225 -25.90 5.45 -16.90
CA PHE F 225 -25.54 5.16 -18.27
C PHE F 225 -26.17 3.86 -18.74
N ALA F 226 -26.30 3.75 -20.04
CA ALA F 226 -26.85 2.54 -20.63
C ALA F 226 -26.18 2.26 -21.94
N ILE F 227 -26.29 1.02 -22.41
CA ILE F 227 -25.69 0.69 -23.68
C ILE F 227 -26.76 0.42 -24.71
N LEU F 228 -26.69 1.10 -25.82
CA LEU F 228 -27.67 0.85 -26.86
C LEU F 228 -27.04 -0.08 -27.84
N LYS F 229 -27.82 -1.04 -28.27
CA LYS F 229 -27.37 -2.02 -29.23
C LYS F 229 -28.11 -1.89 -30.54
N CYS F 230 -27.40 -2.05 -31.67
CA CYS F 230 -27.98 -2.05 -33.02
C CYS F 230 -28.35 -3.49 -33.40
N LYS F 231 -29.63 -3.70 -33.67
CA LYS F 231 -30.16 -5.01 -34.03
C LYS F 231 -30.53 -5.05 -35.50
N ASP F 232 -30.07 -4.07 -36.23
CA ASP F 232 -30.42 -4.01 -37.63
C ASP F 232 -29.47 -4.86 -38.46
N LYS F 233 -30.01 -5.93 -39.01
CA LYS F 233 -29.20 -6.83 -39.79
C LYS F 233 -28.83 -6.02 -41.01
N LYS F 234 -27.66 -6.29 -41.55
CA LYS F 234 -27.13 -5.57 -42.70
C LYS F 234 -26.67 -4.14 -42.36
N PHE F 235 -26.50 -3.85 -41.06
CA PHE F 235 -25.87 -2.60 -40.66
C PHE F 235 -24.37 -2.65 -41.01
N ASN F 236 -23.87 -1.60 -41.72
CA ASN F 236 -22.52 -1.51 -42.27
C ASN F 236 -21.46 -0.84 -41.35
N GLY F 237 -21.81 -0.51 -40.10
CA GLY F 237 -20.91 0.11 -39.11
C GLY F 237 -21.09 1.62 -38.95
N THR F 238 -21.73 2.30 -39.88
CA THR F 238 -21.92 3.74 -39.73
C THR F 238 -23.35 4.18 -40.04
N GLY F 239 -23.69 5.39 -39.65
CA GLY F 239 -24.99 5.93 -40.00
C GLY F 239 -26.12 5.42 -39.11
N PRO F 240 -27.35 5.78 -39.41
CA PRO F 240 -28.56 5.43 -38.70
C PRO F 240 -28.80 3.93 -38.65
N CYS F 241 -29.34 3.46 -37.53
CA CYS F 241 -29.75 2.10 -37.22
C CYS F 241 -31.20 2.20 -36.75
N PRO F 242 -32.18 1.76 -37.55
CA PRO F 242 -33.61 1.84 -37.30
C PRO F 242 -34.14 0.89 -36.24
N SER F 243 -33.34 -0.06 -35.81
CA SER F 243 -33.82 -1.02 -34.84
C SER F 243 -32.82 -1.20 -33.72
N VAL F 244 -33.12 -0.66 -32.56
CA VAL F 244 -32.19 -0.71 -31.44
C VAL F 244 -32.85 -1.23 -30.18
N SER F 245 -32.03 -1.65 -29.23
CA SER F 245 -32.51 -2.09 -27.93
C SER F 245 -31.57 -1.65 -26.84
N THR F 246 -32.05 -1.67 -25.60
CA THR F 246 -31.22 -1.27 -24.48
C THR F 246 -30.81 -2.42 -23.61
N VAL F 247 -29.52 -2.47 -23.31
CA VAL F 247 -29.01 -3.48 -22.43
C VAL F 247 -28.17 -2.81 -21.37
N GLN F 248 -27.94 -3.49 -20.25
CA GLN F 248 -27.00 -2.91 -19.30
C GLN F 248 -25.56 -3.42 -19.54
N CYS F 249 -25.42 -4.68 -20.02
CA CYS F 249 -24.17 -5.37 -20.31
C CYS F 249 -24.19 -5.86 -21.77
N THR F 250 -23.01 -5.89 -22.39
CA THR F 250 -22.85 -6.38 -23.75
C THR F 250 -22.83 -7.89 -23.72
N HIS F 251 -22.89 -8.51 -24.90
CA HIS F 251 -22.76 -9.94 -24.96
C HIS F 251 -21.32 -10.22 -24.65
N GLY F 252 -20.96 -11.48 -24.46
CA GLY F 252 -19.57 -11.72 -24.15
C GLY F 252 -18.72 -11.60 -25.38
N ILE F 253 -17.56 -11.00 -25.22
CA ILE F 253 -16.55 -10.90 -26.25
C ILE F 253 -15.28 -11.54 -25.76
N LYS F 254 -14.71 -12.45 -26.54
CA LYS F 254 -13.49 -13.03 -26.07
C LYS F 254 -12.35 -12.09 -26.44
N PRO F 255 -11.44 -11.73 -25.52
CA PRO F 255 -10.32 -10.84 -25.74
C PRO F 255 -9.20 -11.57 -26.44
N VAL F 256 -9.48 -11.96 -27.67
CA VAL F 256 -8.56 -12.70 -28.50
C VAL F 256 -7.63 -11.77 -29.21
N VAL F 257 -6.36 -12.12 -29.25
CA VAL F 257 -5.38 -11.32 -29.94
C VAL F 257 -4.84 -12.11 -31.10
N SER F 258 -4.89 -11.51 -32.28
CA SER F 258 -4.40 -12.15 -33.48
C SER F 258 -4.04 -11.12 -34.52
N THR F 259 -3.38 -11.57 -35.57
CA THR F 259 -3.17 -10.64 -36.68
C THR F 259 -3.53 -11.34 -37.95
N GLN F 260 -3.93 -10.56 -38.94
CA GLN F 260 -4.34 -10.94 -40.31
C GLN F 260 -5.68 -11.65 -40.37
N LEU F 261 -5.83 -12.75 -39.67
CA LEU F 261 -7.11 -13.43 -39.64
C LEU F 261 -7.74 -13.18 -38.30
N LEU F 262 -9.06 -13.09 -38.31
CA LEU F 262 -9.81 -12.90 -37.09
C LEU F 262 -10.27 -14.25 -36.61
N LEU F 263 -9.88 -14.61 -35.40
CA LEU F 263 -10.22 -15.91 -34.85
C LEU F 263 -11.24 -15.80 -33.73
N ASN F 264 -12.11 -16.82 -33.61
CA ASN F 264 -13.09 -17.08 -32.55
C ASN F 264 -14.04 -15.89 -32.26
N GLY F 265 -14.49 -15.17 -33.31
CA GLY F 265 -15.42 -14.04 -33.18
C GLY F 265 -16.83 -14.46 -33.49
N SER F 266 -17.69 -13.49 -33.63
CA SER F 266 -19.07 -13.76 -33.96
C SER F 266 -19.22 -13.82 -35.46
N LEU F 267 -20.31 -14.40 -35.91
CA LEU F 267 -20.59 -14.47 -37.33
C LEU F 267 -21.68 -13.52 -37.73
N ALA F 268 -21.65 -13.14 -38.99
CA ALA F 268 -22.67 -12.29 -39.59
C ALA F 268 -23.97 -13.07 -39.58
N GLU F 269 -25.10 -12.40 -39.40
CA GLU F 269 -26.37 -13.09 -39.33
C GLU F 269 -26.84 -13.79 -40.59
N GLU F 270 -26.63 -13.18 -41.74
CA GLU F 270 -27.14 -13.78 -42.96
C GLU F 270 -26.12 -13.96 -44.07
N GLU F 271 -25.29 -12.95 -44.28
CA GLU F 271 -24.41 -12.90 -45.43
C GLU F 271 -23.06 -12.35 -45.04
N VAL F 272 -22.06 -12.62 -45.85
CA VAL F 272 -20.76 -12.08 -45.55
C VAL F 272 -20.83 -10.58 -45.68
N MET F 273 -20.31 -9.87 -44.69
CA MET F 273 -20.37 -8.43 -44.75
C MET F 273 -19.04 -7.76 -44.73
N ILE F 274 -18.93 -6.73 -45.53
CA ILE F 274 -17.69 -5.99 -45.61
C ILE F 274 -17.86 -4.59 -45.08
N ARG F 275 -17.03 -4.21 -44.12
CA ARG F 275 -17.12 -2.91 -43.51
C ARG F 275 -15.77 -2.20 -43.57
N SER F 276 -15.79 -0.90 -43.76
CA SER F 276 -14.55 -0.12 -43.77
C SER F 276 -14.83 1.31 -43.39
N GLU F 277 -13.87 1.96 -42.74
CA GLU F 277 -14.07 3.35 -42.37
C GLU F 277 -14.31 4.27 -43.58
N ASN F 278 -13.50 4.10 -44.67
CA ASN F 278 -13.54 4.92 -45.88
C ASN F 278 -13.91 4.13 -47.16
N ILE F 279 -13.48 2.83 -47.27
CA ILE F 279 -13.62 1.93 -48.44
C ILE F 279 -12.70 2.35 -49.59
N THR F 280 -12.89 3.59 -50.07
CA THR F 280 -12.18 4.19 -51.19
C THR F 280 -10.69 4.46 -50.97
N ASN F 281 -10.34 4.98 -49.81
CA ASN F 281 -8.97 5.32 -49.48
C ASN F 281 -8.18 4.08 -49.10
N ASN F 282 -7.14 3.76 -49.88
CA ASN F 282 -6.33 2.55 -49.71
C ASN F 282 -5.59 2.52 -48.38
N ALA F 283 -5.47 3.67 -47.75
CA ALA F 283 -4.81 3.79 -46.47
C ALA F 283 -5.58 3.10 -45.36
N LYS F 284 -6.86 2.84 -45.58
CA LYS F 284 -7.69 2.22 -44.57
C LYS F 284 -7.80 0.72 -44.77
N ASN F 285 -8.09 -0.01 -43.71
CA ASN F 285 -8.24 -1.43 -43.89
C ASN F 285 -9.66 -1.77 -44.28
N ILE F 286 -9.89 -3.05 -44.55
CA ILE F 286 -11.19 -3.61 -44.84
C ILE F 286 -11.45 -4.75 -43.88
N LEU F 287 -12.57 -4.74 -43.19
CA LEU F 287 -12.84 -5.84 -42.29
C LEU F 287 -13.93 -6.70 -42.87
N VAL F 288 -13.67 -7.98 -42.95
CA VAL F 288 -14.64 -8.87 -43.54
C VAL F 288 -15.15 -9.84 -42.51
N GLN F 289 -16.46 -9.86 -42.31
CA GLN F 289 -17.08 -10.77 -41.35
C GLN F 289 -17.82 -11.89 -42.04
N PHE F 290 -17.40 -13.11 -41.77
CA PHE F 290 -17.99 -14.26 -42.43
C PHE F 290 -19.34 -14.59 -41.81
N ASN F 291 -20.24 -15.20 -42.58
CA ASN F 291 -21.50 -15.66 -41.99
C ASN F 291 -21.43 -17.14 -41.62
N THR F 292 -20.29 -17.76 -41.89
CA THR F 292 -19.99 -19.14 -41.58
C THR F 292 -18.56 -19.19 -41.11
N PRO F 293 -18.17 -20.07 -40.20
CA PRO F 293 -16.81 -20.23 -39.75
C PRO F 293 -16.01 -21.06 -40.74
N VAL F 294 -14.70 -20.89 -40.75
CA VAL F 294 -13.84 -21.83 -41.45
C VAL F 294 -13.01 -22.52 -40.38
N GLN F 295 -13.07 -23.83 -40.31
CA GLN F 295 -12.31 -24.47 -39.25
C GLN F 295 -10.86 -24.61 -39.60
N ILE F 296 -10.01 -24.24 -38.64
CA ILE F 296 -8.56 -24.37 -38.76
C ILE F 296 -8.00 -25.19 -37.56
N ASN F 297 -7.20 -26.24 -37.85
CA ASN F 297 -6.57 -27.15 -36.88
C ASN F 297 -5.06 -26.92 -36.84
N CYS F 298 -4.51 -26.36 -35.73
CA CYS F 298 -3.10 -26.00 -35.59
C CYS F 298 -2.38 -26.89 -34.59
N THR F 299 -1.13 -27.18 -34.89
CA THR F 299 -0.35 -27.98 -33.98
C THR F 299 1.13 -27.68 -33.94
N ARG F 300 1.71 -28.03 -32.81
CA ARG F 300 3.13 -28.00 -32.58
C ARG F 300 3.48 -29.41 -32.20
N PRO F 301 3.71 -30.28 -33.19
CA PRO F 301 3.78 -31.72 -33.09
C PRO F 301 5.07 -32.26 -32.55
N ASN F 302 5.44 -31.82 -31.37
CA ASN F 302 6.67 -32.24 -30.71
C ASN F 302 6.30 -32.74 -29.32
N ASN F 303 7.29 -33.18 -28.54
CA ASN F 303 7.14 -33.67 -27.17
C ASN F 303 8.20 -33.00 -26.30
N ASN F 304 7.85 -31.82 -25.72
CA ASN F 304 8.79 -31.03 -24.91
C ASN F 304 8.75 -31.41 -23.48
N THR F 305 9.86 -31.16 -22.83
CA THR F 305 9.97 -31.33 -21.42
C THR F 305 10.46 -30.01 -20.90
N ARG F 306 10.22 -29.75 -19.64
CA ARG F 306 10.66 -28.51 -19.06
C ARG F 306 11.54 -28.77 -17.88
N LYS F 307 12.53 -27.92 -17.69
CA LYS F 307 13.39 -28.08 -16.53
C LYS F 307 13.51 -26.77 -15.80
N SER F 308 13.54 -26.87 -14.49
CA SER F 308 13.63 -25.69 -13.67
C SER F 308 15.04 -25.50 -13.15
N ILE F 309 15.59 -24.32 -13.36
CA ILE F 309 16.94 -24.03 -12.91
C ILE F 309 16.92 -22.88 -11.90
N ARG F 310 17.53 -23.03 -10.74
CA ARG F 310 17.54 -21.85 -9.88
C ARG F 310 18.53 -20.86 -10.41
N ILE F 311 18.13 -19.60 -10.47
CA ILE F 311 19.02 -18.55 -10.92
C ILE F 311 19.42 -17.69 -9.73
N GLY F 312 18.65 -17.81 -8.66
CA GLY F 312 18.95 -17.08 -7.44
C GLY F 312 17.96 -17.51 -6.37
N PRO F 313 18.03 -17.00 -5.15
CA PRO F 313 17.17 -17.38 -4.07
C PRO F 313 15.72 -17.15 -4.39
N GLY F 314 14.96 -18.23 -4.46
CA GLY F 314 13.53 -18.18 -4.72
C GLY F 314 13.18 -17.90 -6.17
N GLN F 315 14.19 -17.86 -7.04
CA GLN F 315 13.97 -17.51 -8.44
C GLN F 315 14.28 -18.61 -9.40
N TRP F 316 13.26 -19.05 -10.13
CA TRP F 316 13.46 -20.13 -11.08
C TRP F 316 13.29 -19.71 -12.51
N PHE F 317 14.15 -20.23 -13.34
CA PHE F 317 14.09 -20.07 -14.78
C PHE F 317 13.61 -21.33 -15.41
N TYR F 318 12.68 -21.22 -16.34
CA TYR F 318 12.18 -22.40 -17.00
C TYR F 318 12.76 -22.55 -18.37
N ALA F 319 13.53 -23.59 -18.53
CA ALA F 319 14.24 -23.85 -19.76
C ALA F 319 13.58 -24.92 -20.57
N THR F 320 13.80 -24.86 -21.86
CA THR F 320 13.34 -25.88 -22.78
C THR F 320 14.36 -27.01 -22.78
N GLY F 321 13.89 -28.22 -22.51
CA GLY F 321 14.76 -29.37 -22.44
C GLY F 321 14.83 -30.09 -23.77
N ASP F 322 15.33 -31.32 -23.73
CA ASP F 322 15.50 -32.12 -24.93
C ASP F 322 14.12 -32.50 -25.46
N ILE F 323 14.01 -32.61 -26.78
CA ILE F 323 12.76 -33.07 -27.37
C ILE F 323 12.77 -34.56 -27.47
N ILE F 324 11.67 -35.16 -27.06
CA ILE F 324 11.52 -36.58 -27.08
C ILE F 324 10.79 -36.95 -28.36
N GLY F 325 11.32 -37.89 -29.09
CA GLY F 325 10.74 -38.28 -30.36
C GLY F 325 11.16 -37.32 -31.45
N ASP F 326 10.46 -37.40 -32.57
CA ASP F 326 10.78 -36.65 -33.78
C ASP F 326 10.66 -35.15 -33.59
N ILE F 327 11.52 -34.39 -34.25
CA ILE F 327 11.42 -32.94 -34.22
C ILE F 327 10.85 -32.44 -35.55
N ARG F 328 9.65 -31.87 -35.46
CA ARG F 328 8.88 -31.47 -36.63
C ARG F 328 8.42 -30.02 -36.63
N GLN F 329 8.13 -29.51 -37.82
CA GLN F 329 7.65 -28.15 -37.96
C GLN F 329 6.16 -27.99 -37.62
N ALA F 330 5.87 -26.90 -36.90
CA ALA F 330 4.52 -26.51 -36.53
C ALA F 330 3.75 -26.14 -37.77
N HIS F 331 2.47 -26.44 -37.78
CA HIS F 331 1.65 -26.15 -38.95
C HIS F 331 0.17 -26.02 -38.64
N CYS F 332 -0.60 -25.41 -39.57
CA CYS F 332 -2.06 -25.30 -39.50
C CYS F 332 -2.74 -25.86 -40.75
N ASN F 333 -3.82 -26.58 -40.53
CA ASN F 333 -4.65 -27.20 -41.56
C ASN F 333 -5.98 -26.45 -41.75
N VAL F 334 -6.20 -25.88 -42.96
CA VAL F 334 -7.42 -25.16 -43.35
C VAL F 334 -8.13 -25.99 -44.41
N SER F 335 -9.40 -26.34 -44.22
CA SER F 335 -10.03 -27.19 -45.24
C SER F 335 -10.03 -26.48 -46.57
N LYS F 336 -9.60 -27.16 -47.64
CA LYS F 336 -9.48 -26.46 -48.92
C LYS F 336 -10.80 -26.08 -49.54
N ALA F 337 -11.76 -26.99 -49.55
CA ALA F 337 -13.01 -26.67 -50.19
C ALA F 337 -13.71 -25.56 -49.44
N THR F 338 -13.60 -25.57 -48.11
CA THR F 338 -14.27 -24.58 -47.32
C THR F 338 -13.65 -23.24 -47.59
N TRP F 339 -12.33 -23.18 -47.64
CA TRP F 339 -11.68 -21.92 -47.86
C TRP F 339 -12.08 -21.33 -49.19
N ASN F 340 -12.10 -22.14 -50.24
CA ASN F 340 -12.45 -21.56 -51.52
C ASN F 340 -13.89 -21.11 -51.58
N GLU F 341 -14.80 -21.84 -50.90
CA GLU F 341 -16.19 -21.44 -50.92
C GLU F 341 -16.34 -20.13 -50.16
N THR F 342 -15.61 -20.01 -49.07
CA THR F 342 -15.66 -18.83 -48.25
C THR F 342 -15.14 -17.64 -49.00
N LEU F 343 -14.02 -17.78 -49.71
CA LEU F 343 -13.56 -16.63 -50.46
C LEU F 343 -14.54 -16.31 -51.53
N GLY F 344 -15.17 -17.30 -52.14
CA GLY F 344 -16.12 -16.97 -53.18
C GLY F 344 -17.18 -16.01 -52.65
N LYS F 345 -17.66 -16.26 -51.43
CA LYS F 345 -18.64 -15.36 -50.83
C LYS F 345 -18.03 -13.96 -50.57
N VAL F 346 -16.77 -13.91 -50.14
CA VAL F 346 -16.13 -12.63 -49.87
C VAL F 346 -15.99 -11.82 -51.13
N VAL F 347 -15.60 -12.47 -52.22
CA VAL F 347 -15.42 -11.80 -53.49
C VAL F 347 -16.75 -11.28 -53.99
N LYS F 348 -17.80 -12.08 -53.90
CA LYS F 348 -19.11 -11.64 -54.35
C LYS F 348 -19.49 -10.33 -53.68
N GLN F 349 -19.20 -10.21 -52.38
CA GLN F 349 -19.52 -8.99 -51.67
C GLN F 349 -18.54 -7.86 -51.98
N LEU F 350 -17.25 -8.16 -52.21
CA LEU F 350 -16.31 -7.09 -52.53
C LEU F 350 -16.71 -6.39 -53.80
N ARG F 351 -17.22 -7.15 -54.77
CA ARG F 351 -17.60 -6.61 -56.07
C ARG F 351 -18.57 -5.45 -55.98
N LYS F 352 -19.39 -5.38 -54.93
CA LYS F 352 -20.37 -4.31 -54.84
C LYS F 352 -19.72 -2.93 -54.92
N HIS F 353 -18.48 -2.81 -54.45
CA HIS F 353 -17.79 -1.53 -54.44
C HIS F 353 -16.75 -1.39 -55.56
N PHE F 354 -16.54 -2.45 -56.36
CA PHE F 354 -15.46 -2.41 -57.36
C PHE F 354 -15.90 -2.63 -58.80
N GLY F 355 -17.07 -3.25 -59.02
CA GLY F 355 -17.58 -3.52 -60.37
C GLY F 355 -17.62 -4.99 -60.77
N ASN F 356 -18.60 -5.35 -61.60
CA ASN F 356 -18.76 -6.75 -62.00
C ASN F 356 -17.80 -7.17 -63.10
N ASN F 357 -17.08 -6.20 -63.65
CA ASN F 357 -16.10 -6.48 -64.69
C ASN F 357 -14.69 -6.41 -64.10
N THR F 358 -14.60 -6.30 -62.78
CA THR F 358 -13.33 -6.18 -62.09
C THR F 358 -12.80 -7.53 -61.65
N ILE F 359 -11.50 -7.71 -61.78
CA ILE F 359 -10.82 -8.91 -61.33
C ILE F 359 -10.38 -8.72 -59.90
N ILE F 360 -10.73 -9.64 -59.02
CA ILE F 360 -10.34 -9.51 -57.64
C ILE F 360 -9.29 -10.51 -57.27
N ARG F 361 -8.08 -10.04 -57.13
CA ARG F 361 -6.96 -10.92 -56.88
C ARG F 361 -6.52 -10.94 -55.45
N PHE F 362 -6.31 -12.12 -54.93
CA PHE F 362 -5.75 -12.24 -53.61
C PHE F 362 -4.30 -12.54 -53.75
N ALA F 363 -3.52 -11.97 -52.87
CA ALA F 363 -2.08 -12.13 -52.84
C ALA F 363 -1.61 -12.14 -51.40
N ASN F 364 -0.37 -12.62 -51.15
CA ASN F 364 0.24 -12.66 -49.82
C ASN F 364 0.75 -11.26 -49.44
N SER F 365 1.18 -11.08 -48.17
CA SER F 365 1.64 -9.81 -47.60
C SER F 365 2.94 -9.33 -48.23
N SER F 366 3.23 -8.04 -48.08
CA SER F 366 4.42 -7.46 -48.69
C SER F 366 5.74 -7.70 -48.01
N GLY F 367 5.73 -7.99 -46.71
CA GLY F 367 6.98 -8.21 -46.01
C GLY F 367 7.14 -7.23 -44.85
N GLY F 368 8.11 -7.52 -43.99
CA GLY F 368 8.34 -6.71 -42.80
C GLY F 368 8.50 -7.66 -41.63
N ASP F 369 8.44 -7.13 -40.42
CA ASP F 369 8.59 -7.95 -39.24
C ASP F 369 7.47 -8.98 -39.21
N LEU F 370 7.70 -10.10 -38.57
CA LEU F 370 6.72 -11.16 -38.54
C LEU F 370 5.42 -10.71 -37.90
N GLU F 371 5.45 -9.71 -37.02
CA GLU F 371 4.21 -9.28 -36.40
C GLU F 371 3.17 -8.79 -37.42
N VAL F 372 3.60 -8.33 -38.58
CA VAL F 372 2.69 -7.86 -39.60
C VAL F 372 2.67 -8.76 -40.83
N THR F 373 3.82 -9.36 -41.16
CA THR F 373 3.98 -10.22 -42.32
C THR F 373 3.20 -11.50 -42.22
N THR F 374 3.21 -12.14 -41.06
CA THR F 374 2.58 -13.44 -40.89
C THR F 374 1.35 -13.38 -40.02
N HIS F 375 0.61 -14.47 -40.03
CA HIS F 375 -0.56 -14.64 -39.21
C HIS F 375 -0.10 -15.00 -37.85
N SER F 376 -0.74 -14.52 -36.82
CA SER F 376 -0.24 -14.97 -35.54
C SER F 376 -1.29 -15.11 -34.50
N PHE F 377 -0.96 -15.98 -33.56
CA PHE F 377 -1.81 -16.24 -32.43
C PHE F 377 -1.07 -16.86 -31.27
N ASN F 378 -1.67 -16.76 -30.10
CA ASN F 378 -1.18 -17.40 -28.88
C ASN F 378 -2.15 -18.50 -28.48
N CYS F 379 -1.77 -19.78 -28.60
CA CYS F 379 -2.65 -20.90 -28.28
C CYS F 379 -1.86 -22.01 -27.63
N GLY F 380 -2.41 -22.50 -26.53
CA GLY F 380 -1.80 -23.59 -25.79
C GLY F 380 -0.67 -23.05 -24.95
N GLY F 381 -0.49 -21.73 -24.97
CA GLY F 381 0.59 -21.06 -24.30
C GLY F 381 1.79 -20.78 -25.20
N GLU F 382 1.73 -21.17 -26.47
CA GLU F 382 2.86 -20.92 -27.37
C GLU F 382 2.49 -19.89 -28.44
N PHE F 383 3.48 -19.19 -28.92
CA PHE F 383 3.29 -18.16 -29.93
C PHE F 383 3.66 -18.60 -31.32
N PHE F 384 2.65 -18.64 -32.17
CA PHE F 384 2.79 -19.10 -33.53
C PHE F 384 2.78 -17.98 -34.54
N TYR F 385 3.69 -18.08 -35.50
CA TYR F 385 3.77 -17.18 -36.64
C TYR F 385 3.63 -18.03 -37.91
N CYS F 386 2.52 -17.86 -38.68
CA CYS F 386 2.17 -18.73 -39.81
C CYS F 386 2.27 -17.99 -41.15
N ASN F 387 2.79 -18.69 -42.13
CA ASN F 387 3.07 -18.15 -43.46
C ASN F 387 1.84 -17.50 -44.14
N THR F 388 0.70 -18.22 -44.23
CA THR F 388 -0.60 -17.84 -44.88
C THR F 388 -0.61 -17.72 -46.39
N SER F 389 0.53 -17.79 -47.10
CA SER F 389 0.44 -17.50 -48.52
C SER F 389 -0.41 -18.48 -49.28
N GLY F 390 -0.56 -19.69 -48.74
CA GLY F 390 -1.36 -20.73 -49.36
C GLY F 390 -2.85 -20.39 -49.35
N LEU F 391 -3.22 -19.40 -48.58
CA LEU F 391 -4.60 -18.97 -48.49
C LEU F 391 -4.93 -17.81 -49.42
N PHE F 392 -3.93 -17.09 -49.92
CA PHE F 392 -4.20 -15.88 -50.68
C PHE F 392 -3.40 -15.85 -51.96
N ASN F 393 -3.80 -16.69 -52.90
CA ASN F 393 -3.13 -16.81 -54.17
C ASN F 393 -4.15 -17.18 -55.21
N SER F 394 -4.98 -16.23 -55.60
CA SER F 394 -6.09 -16.56 -56.50
C SER F 394 -6.59 -15.38 -57.32
N THR F 395 -6.75 -15.59 -58.63
CA THR F 395 -7.21 -14.57 -59.58
C THR F 395 -8.68 -14.11 -59.48
N TRP F 396 -9.60 -15.05 -59.28
CA TRP F 396 -11.05 -14.76 -59.24
C TRP F 396 -11.58 -13.79 -60.32
N ILE F 397 -11.58 -14.22 -61.62
CA ILE F 397 -12.12 -13.44 -62.77
C ILE F 397 -13.64 -13.33 -62.57
N ASP F 412 -9.18 -32.77 -48.96
CA ASP F 412 -8.01 -32.04 -49.43
C ASP F 412 -7.86 -30.80 -48.51
N SER F 413 -6.66 -30.61 -47.92
CA SER F 413 -6.36 -29.52 -46.97
C SER F 413 -5.23 -28.63 -47.42
N ILE F 414 -5.27 -27.39 -46.96
CA ILE F 414 -4.22 -26.44 -47.20
C ILE F 414 -3.33 -26.47 -46.00
N THR F 415 -2.04 -26.70 -46.20
CA THR F 415 -1.18 -26.75 -45.03
C THR F 415 -0.33 -25.50 -44.99
N LEU F 416 -0.38 -24.82 -43.86
CA LEU F 416 0.36 -23.62 -43.63
C LEU F 416 1.51 -23.91 -42.68
N PRO F 417 2.77 -23.73 -43.06
CA PRO F 417 3.89 -23.94 -42.18
C PRO F 417 3.88 -22.77 -41.22
N CYS F 418 4.36 -23.00 -39.98
CA CYS F 418 4.45 -21.98 -38.91
C CYS F 418 5.78 -22.08 -38.17
N ARG F 419 6.11 -21.03 -37.42
CA ARG F 419 7.28 -21.02 -36.56
C ARG F 419 6.91 -20.61 -35.15
N ILE F 420 7.72 -21.06 -34.21
CA ILE F 420 7.49 -20.76 -32.81
C ILE F 420 8.54 -19.83 -32.28
N LYS F 421 8.10 -18.80 -31.58
CA LYS F 421 9.01 -17.82 -31.01
C LYS F 421 8.75 -17.66 -29.52
N GLN F 422 9.78 -17.73 -28.66
CA GLN F 422 9.58 -17.62 -27.22
C GLN F 422 9.75 -16.20 -26.65
N ILE F 423 10.50 -15.32 -27.31
CA ILE F 423 10.67 -13.99 -26.74
C ILE F 423 9.79 -13.02 -27.51
N ILE F 424 8.77 -12.52 -26.82
CA ILE F 424 7.74 -11.73 -27.46
C ILE F 424 7.63 -10.26 -27.04
N ASN F 425 7.73 -9.37 -28.01
CA ASN F 425 7.52 -7.95 -27.74
C ASN F 425 6.06 -7.72 -27.99
N MET F 426 5.28 -8.13 -27.03
CA MET F 426 3.86 -8.26 -27.22
C MET F 426 3.11 -7.00 -27.55
N TRP F 427 3.50 -5.89 -26.95
CA TRP F 427 2.73 -4.69 -27.19
C TRP F 427 3.46 -3.66 -28.03
N GLN F 428 4.46 -4.09 -28.79
CA GLN F 428 5.21 -3.16 -29.64
C GLN F 428 5.80 -1.99 -28.84
N ARG F 429 6.53 -2.30 -27.78
CA ARG F 429 7.12 -1.29 -26.91
C ARG F 429 8.62 -1.51 -26.81
N ILE F 430 9.33 -0.53 -26.28
CA ILE F 430 10.77 -0.73 -26.18
C ILE F 430 11.26 -1.28 -24.84
N GLY F 431 10.79 -0.74 -23.73
CA GLY F 431 11.35 -1.14 -22.44
C GLY F 431 11.21 -2.62 -22.04
N GLN F 432 10.12 -3.27 -22.42
CA GLN F 432 9.92 -4.63 -21.96
C GLN F 432 9.57 -5.65 -23.02
N ALA F 433 10.01 -6.87 -22.76
CA ALA F 433 9.66 -8.03 -23.56
C ALA F 433 9.44 -9.21 -22.64
N MET F 434 8.63 -10.17 -23.05
CA MET F 434 8.41 -11.32 -22.20
C MET F 434 8.90 -12.62 -22.74
N TYR F 435 9.30 -13.49 -21.84
CA TYR F 435 9.69 -14.83 -22.23
C TYR F 435 8.63 -15.82 -21.87
N ALA F 436 8.16 -16.53 -22.87
CA ALA F 436 7.16 -17.52 -22.63
C ALA F 436 7.84 -18.82 -22.25
N PRO F 437 7.58 -19.41 -21.09
CA PRO F 437 8.21 -20.63 -20.69
C PRO F 437 7.63 -21.63 -21.63
N PRO F 438 8.31 -22.72 -21.93
CA PRO F 438 7.86 -23.76 -22.81
C PRO F 438 6.74 -24.55 -22.24
N ILE F 439 5.90 -25.06 -23.12
CA ILE F 439 4.81 -25.91 -22.71
C ILE F 439 5.20 -27.36 -22.92
N GLN F 440 5.04 -28.16 -21.88
CA GLN F 440 5.42 -29.57 -21.96
C GLN F 440 4.43 -30.35 -22.78
N GLY F 441 4.91 -31.43 -23.38
CA GLY F 441 4.04 -32.26 -24.18
C GLY F 441 3.88 -31.68 -25.57
N VAL F 442 2.70 -31.89 -26.14
CA VAL F 442 2.37 -31.55 -27.51
C VAL F 442 1.18 -30.61 -27.53
N ILE F 443 1.15 -29.64 -28.43
CA ILE F 443 -0.01 -28.75 -28.50
C ILE F 443 -0.87 -28.93 -29.72
N ARG F 444 -2.16 -29.08 -29.48
CA ARG F 444 -3.13 -29.15 -30.55
C ARG F 444 -4.27 -28.17 -30.23
N CYS F 445 -4.58 -27.27 -31.18
CA CYS F 445 -5.59 -26.22 -31.09
C CYS F 445 -6.58 -26.28 -32.25
N VAL F 446 -7.85 -26.13 -31.93
CA VAL F 446 -8.86 -26.06 -32.97
C VAL F 446 -9.61 -24.77 -32.80
N SER F 447 -9.67 -23.99 -33.86
CA SER F 447 -10.33 -22.70 -33.76
C SER F 447 -11.12 -22.36 -35.03
N ASN F 448 -11.99 -21.33 -34.94
CA ASN F 448 -12.81 -20.84 -36.05
C ASN F 448 -12.23 -19.55 -36.63
N ILE F 449 -12.07 -19.48 -37.97
CA ILE F 449 -11.69 -18.23 -38.65
C ILE F 449 -13.02 -17.60 -38.92
N THR F 450 -13.23 -16.41 -38.37
CA THR F 450 -14.49 -15.74 -38.49
C THR F 450 -14.40 -14.51 -39.36
N GLY F 451 -13.19 -14.14 -39.74
CA GLY F 451 -13.06 -12.98 -40.61
C GLY F 451 -11.65 -12.67 -41.07
N LEU F 452 -11.53 -11.61 -41.84
CA LEU F 452 -10.26 -11.20 -42.43
C LEU F 452 -9.95 -9.73 -42.20
N ILE F 453 -8.66 -9.38 -42.11
CA ILE F 453 -8.30 -7.96 -42.16
C ILE F 453 -7.53 -7.74 -43.45
N LEU F 454 -8.18 -7.14 -44.43
CA LEU F 454 -7.57 -6.99 -45.74
C LEU F 454 -7.17 -5.57 -46.04
N THR F 455 -6.16 -5.43 -46.88
CA THR F 455 -5.79 -4.13 -47.37
C THR F 455 -5.92 -4.20 -48.86
N ARG F 456 -5.99 -3.05 -49.49
CA ARG F 456 -6.17 -2.99 -50.93
C ARG F 456 -5.13 -2.08 -51.58
N ASP F 457 -4.73 -2.41 -52.82
CA ASP F 457 -3.84 -1.63 -53.69
C ASP F 457 -3.73 -2.35 -55.03
N SER F 463 -6.71 0.43 -64.12
CA SER F 463 -6.76 -0.80 -64.87
C SER F 463 -8.04 -1.58 -64.48
N THR F 464 -8.04 -2.92 -64.67
CA THR F 464 -9.16 -3.85 -64.41
C THR F 464 -8.94 -4.78 -63.23
N THR F 465 -7.78 -4.70 -62.58
CA THR F 465 -7.52 -5.63 -61.48
C THR F 465 -7.20 -4.92 -60.18
N GLU F 466 -7.87 -5.35 -59.12
CA GLU F 466 -7.67 -4.87 -57.76
C GLU F 466 -6.94 -5.98 -56.98
N THR F 467 -5.98 -5.62 -56.13
CA THR F 467 -5.32 -6.66 -55.34
C THR F 467 -5.57 -6.48 -53.85
N PHE F 468 -5.94 -7.57 -53.23
CA PHE F 468 -6.22 -7.63 -51.82
C PHE F 468 -5.21 -8.48 -51.11
N ARG F 469 -4.76 -8.00 -49.98
CA ARG F 469 -3.77 -8.70 -49.19
C ARG F 469 -4.17 -8.82 -47.73
N PRO F 470 -3.75 -9.87 -47.02
CA PRO F 470 -3.96 -10.08 -45.60
C PRO F 470 -2.98 -9.22 -44.84
N GLY F 471 -3.18 -7.92 -44.91
CA GLY F 471 -2.25 -6.98 -44.31
C GLY F 471 -2.31 -6.89 -42.79
N GLY F 472 -3.46 -7.14 -42.18
CA GLY F 472 -3.53 -6.99 -40.72
C GLY F 472 -3.10 -5.57 -40.34
N GLY F 473 -2.22 -5.48 -39.35
CA GLY F 473 -1.65 -4.19 -38.92
C GLY F 473 -2.16 -3.47 -37.65
N ASP F 474 -3.30 -3.84 -37.08
CA ASP F 474 -3.76 -3.14 -35.87
C ASP F 474 -4.47 -4.05 -34.89
N MET F 475 -3.98 -4.03 -33.67
CA MET F 475 -4.45 -4.85 -32.57
C MET F 475 -5.93 -4.63 -32.33
N ARG F 476 -6.35 -3.37 -32.45
CA ARG F 476 -7.70 -2.96 -32.16
C ARG F 476 -8.74 -3.45 -33.16
N ASP F 477 -8.31 -3.94 -34.31
CA ASP F 477 -9.29 -4.37 -35.28
C ASP F 477 -9.88 -5.70 -34.89
N ASN F 478 -9.29 -6.35 -33.91
CA ASN F 478 -9.82 -7.62 -33.48
C ASN F 478 -10.98 -7.43 -32.52
N TRP F 479 -11.18 -6.20 -32.07
CA TRP F 479 -12.21 -5.94 -31.09
C TRP F 479 -13.26 -5.02 -31.63
N ARG F 480 -12.91 -4.12 -32.54
CA ARG F 480 -13.97 -3.24 -32.99
C ARG F 480 -14.98 -4.03 -33.79
N SER F 481 -14.58 -5.15 -34.34
CA SER F 481 -15.45 -6.00 -35.12
C SER F 481 -16.52 -6.66 -34.29
N GLU F 482 -16.37 -6.65 -32.97
CA GLU F 482 -17.35 -7.23 -32.04
C GLU F 482 -18.12 -6.15 -31.30
N LEU F 483 -17.71 -4.89 -31.45
CA LEU F 483 -18.30 -3.79 -30.72
C LEU F 483 -19.01 -2.81 -31.62
N TYR F 484 -19.18 -3.16 -32.88
CA TYR F 484 -19.79 -2.27 -33.86
C TYR F 484 -21.25 -2.06 -33.57
N LYS F 485 -21.82 -2.96 -32.82
CA LYS F 485 -23.21 -2.86 -32.50
C LYS F 485 -23.48 -2.06 -31.26
N TYR F 486 -22.46 -1.65 -30.51
CA TYR F 486 -22.76 -0.98 -29.25
C TYR F 486 -22.35 0.46 -29.14
N LYS F 487 -23.19 1.24 -28.46
CA LYS F 487 -22.91 2.63 -28.17
C LYS F 487 -23.21 2.97 -26.71
N VAL F 488 -22.40 3.82 -26.10
CA VAL F 488 -22.66 4.21 -24.72
C VAL F 488 -23.37 5.55 -24.64
N VAL F 489 -24.51 5.55 -23.94
CA VAL F 489 -25.32 6.74 -23.83
C VAL F 489 -25.54 7.17 -22.38
N LYS F 490 -25.47 8.47 -22.16
CA LYS F 490 -25.71 9.09 -20.86
C LYS F 490 -27.17 9.44 -20.75
N ILE F 491 -27.78 9.09 -19.63
CA ILE F 491 -29.19 9.38 -19.45
C ILE F 491 -29.34 10.68 -18.69
N GLU F 492 -30.17 11.58 -19.24
CA GLU F 492 -30.41 12.89 -18.63
C GLU F 492 -31.89 13.10 -18.32
N PRO F 493 -32.35 12.71 -17.13
CA PRO F 493 -33.74 12.62 -16.72
C PRO F 493 -34.45 13.93 -16.48
N LEU F 494 -33.76 15.05 -16.47
CA LEU F 494 -34.48 16.28 -16.15
C LEU F 494 -34.79 17.10 -17.38
N GLY F 495 -36.02 17.58 -17.48
CA GLY F 495 -36.38 18.46 -18.58
C GLY F 495 -37.69 19.20 -18.35
N VAL F 496 -38.02 20.10 -19.27
CA VAL F 496 -39.24 20.90 -19.12
C VAL F 496 -40.08 20.90 -20.38
N ALA F 497 -41.36 21.24 -20.22
CA ALA F 497 -42.30 21.40 -21.33
C ALA F 497 -43.47 22.27 -20.86
N PRO F 498 -44.18 23.02 -21.72
CA PRO F 498 -45.36 23.78 -21.37
C PRO F 498 -46.61 22.96 -21.20
N THR F 499 -47.52 23.42 -20.34
CA THR F 499 -48.86 22.85 -20.25
C THR F 499 -49.86 23.78 -19.59
N ARG F 500 -51.09 23.32 -19.51
CA ARG F 500 -52.13 24.11 -18.86
C ARG F 500 -52.22 23.82 -17.38
N CYS F 501 -51.21 24.25 -16.59
CA CYS F 501 -51.10 24.00 -15.15
C CYS F 501 -50.42 25.19 -14.47
N LYS F 502 -50.92 25.62 -13.32
CA LYS F 502 -50.22 26.68 -12.62
C LYS F 502 -50.09 26.33 -11.14
N ARG F 503 -48.89 26.53 -10.59
CA ARG F 503 -48.70 26.30 -9.18
C ARG F 503 -49.56 27.27 -8.40
N ARG F 504 -50.29 26.77 -7.41
CA ARG F 504 -51.09 27.65 -6.59
C ARG F 504 -50.34 27.95 -5.30
N VAL F 505 -49.77 29.17 -5.21
CA VAL F 505 -48.90 29.63 -4.13
C VAL F 505 -49.78 30.28 -3.05
N GLY G 10 -22.79 37.87 -7.46
CA GLY G 10 -21.48 37.46 -7.01
C GLY G 10 -21.62 36.47 -5.86
N PHE G 11 -20.80 35.40 -5.87
CA PHE G 11 -20.84 34.25 -4.95
C PHE G 11 -20.87 34.55 -3.45
N LEU G 12 -20.04 35.43 -2.97
CA LEU G 12 -20.16 35.80 -1.57
C LEU G 12 -20.42 37.28 -1.51
N GLY G 13 -21.05 37.80 -2.56
CA GLY G 13 -21.29 39.23 -2.70
C GLY G 13 -22.08 39.85 -1.57
N ALA G 14 -22.94 39.06 -0.95
CA ALA G 14 -23.78 39.54 0.13
C ALA G 14 -23.08 39.54 1.47
N ALA G 15 -21.82 39.15 1.53
CA ALA G 15 -21.14 39.06 2.81
C ALA G 15 -21.14 40.37 3.59
N GLY G 16 -21.08 41.51 2.91
CA GLY G 16 -21.07 42.80 3.61
C GLY G 16 -22.46 43.44 3.74
N SER G 17 -23.48 42.73 3.31
CA SER G 17 -24.82 43.24 3.35
C SER G 17 -25.37 42.93 4.71
N THR G 18 -26.41 43.62 5.12
CA THR G 18 -26.96 43.28 6.40
C THR G 18 -27.74 42.00 6.31
N MET G 19 -28.06 41.42 7.45
CA MET G 19 -28.74 40.13 7.42
C MET G 19 -29.99 40.09 6.59
N GLY G 20 -30.81 41.14 6.67
CA GLY G 20 -32.03 41.19 5.90
C GLY G 20 -31.74 41.20 4.41
N ALA G 21 -30.94 42.15 3.98
CA ALA G 21 -30.63 42.28 2.57
C ALA G 21 -29.94 41.05 2.00
N ALA G 22 -29.14 40.40 2.80
CA ALA G 22 -28.42 39.23 2.36
C ALA G 22 -29.32 38.04 2.10
N SER G 23 -30.54 38.04 2.65
CA SER G 23 -31.41 36.89 2.52
C SER G 23 -32.03 36.88 1.14
N MET G 24 -31.87 37.97 0.41
CA MET G 24 -32.44 38.09 -0.91
C MET G 24 -31.73 37.18 -1.90
N THR G 25 -30.50 36.76 -1.59
CA THR G 25 -29.75 35.96 -2.53
C THR G 25 -29.20 34.70 -1.91
N LEU G 26 -30.07 33.80 -1.43
CA LEU G 26 -29.61 32.57 -0.78
C LEU G 26 -29.19 31.49 -1.77
N THR G 27 -29.74 31.54 -2.97
CA THR G 27 -29.44 30.54 -3.96
C THR G 27 -28.09 30.74 -4.56
N VAL G 28 -27.55 31.94 -4.42
CA VAL G 28 -26.27 32.25 -5.00
C VAL G 28 -25.19 31.42 -4.32
N GLN G 29 -25.29 31.27 -3.01
CA GLN G 29 -24.30 30.47 -2.34
C GLN G 29 -24.66 29.00 -2.47
N ALA G 30 -25.93 28.66 -2.38
CA ALA G 30 -26.30 27.25 -2.40
C ALA G 30 -25.92 26.54 -3.69
N ARG G 31 -26.03 27.20 -4.81
CA ARG G 31 -25.77 26.55 -6.09
C ARG G 31 -24.30 26.34 -6.36
N ASN G 32 -23.43 26.93 -5.54
CA ASN G 32 -22.00 26.80 -5.73
C ASN G 32 -21.38 25.80 -4.76
N LEU G 33 -22.24 25.07 -4.08
CA LEU G 33 -21.81 24.01 -3.22
C LEU G 33 -22.02 22.81 -4.09
N LEU G 34 -21.37 21.69 -3.83
CA LEU G 34 -21.62 20.51 -4.68
C LEU G 34 -21.36 20.79 -6.19
N SER G 35 -20.34 21.61 -6.54
CA SER G 35 -19.98 21.97 -7.91
C SER G 35 -19.15 20.84 -8.55
N LEU G 57 -3.22 7.58 -13.00
CA LEU G 57 -4.03 7.82 -11.79
C LEU G 57 -3.17 8.02 -10.52
N THR G 58 -1.96 7.38 -10.47
CA THR G 58 -0.95 7.43 -9.39
C THR G 58 -1.49 7.58 -7.97
N VAL G 59 -1.09 8.64 -7.28
CA VAL G 59 -1.58 8.95 -5.94
C VAL G 59 -2.48 10.18 -5.91
N TRP G 60 -2.46 10.97 -6.97
CA TRP G 60 -3.26 12.16 -7.06
C TRP G 60 -4.70 11.77 -7.12
N GLY G 61 -4.99 10.60 -7.66
CA GLY G 61 -6.35 10.11 -7.71
C GLY G 61 -6.91 9.99 -6.31
N ILE G 62 -6.11 9.65 -5.30
CA ILE G 62 -6.67 9.52 -3.98
C ILE G 62 -6.93 10.90 -3.46
N LYS G 63 -6.01 11.82 -3.66
CA LYS G 63 -6.24 13.17 -3.15
C LYS G 63 -7.52 13.77 -3.75
N GLN G 64 -7.75 13.52 -5.04
CA GLN G 64 -8.93 14.08 -5.67
C GLN G 64 -10.19 13.36 -5.24
N LEU G 65 -10.16 12.04 -5.09
CA LEU G 65 -11.36 11.39 -4.64
C LEU G 65 -11.70 11.86 -3.25
N GLN G 66 -10.72 12.05 -2.39
CA GLN G 66 -11.05 12.49 -1.06
C GLN G 66 -11.72 13.84 -1.09
N ALA G 67 -11.24 14.74 -1.94
CA ALA G 67 -11.88 16.05 -2.00
C ALA G 67 -13.32 15.96 -2.47
N ARG G 68 -13.60 15.09 -3.43
CA ARG G 68 -14.95 14.97 -3.97
C ARG G 68 -15.89 14.29 -3.01
N VAL G 69 -15.40 13.27 -2.31
CA VAL G 69 -16.22 12.56 -1.37
C VAL G 69 -16.60 13.49 -0.26
N LEU G 70 -15.63 14.28 0.22
CA LEU G 70 -15.93 15.20 1.28
C LEU G 70 -16.95 16.22 0.87
N ALA G 71 -16.86 16.77 -0.33
CA ALA G 71 -17.84 17.77 -0.72
C ALA G 71 -19.24 17.17 -0.67
N VAL G 72 -19.38 15.91 -1.09
CA VAL G 72 -20.67 15.27 -1.04
C VAL G 72 -21.13 15.04 0.37
N GLU G 73 -20.25 14.56 1.23
CA GLU G 73 -20.67 14.29 2.60
C GLU G 73 -21.11 15.54 3.32
N ARG G 74 -20.42 16.66 3.10
CA ARG G 74 -20.84 17.86 3.81
C ARG G 74 -22.20 18.31 3.30
N TYR G 75 -22.41 18.23 2.00
CA TYR G 75 -23.68 18.62 1.44
C TYR G 75 -24.80 17.79 2.02
N LEU G 76 -24.62 16.48 2.02
CA LEU G 76 -25.66 15.62 2.50
C LEU G 76 -25.91 15.77 3.96
N ARG G 77 -24.90 16.04 4.76
CA ARG G 77 -25.17 16.17 6.17
C ARG G 77 -26.08 17.37 6.41
N ASP G 78 -25.87 18.47 5.69
CA ASP G 78 -26.76 19.60 5.90
C ASP G 78 -28.16 19.29 5.40
N GLN G 79 -28.27 18.55 4.31
CA GLN G 79 -29.61 18.26 3.83
C GLN G 79 -30.33 17.34 4.79
N GLN G 80 -29.62 16.40 5.40
CA GLN G 80 -30.29 15.52 6.34
C GLN G 80 -30.80 16.31 7.49
N LEU G 81 -30.01 17.26 7.97
CA LEU G 81 -30.40 18.01 9.13
C LEU G 81 -31.64 18.85 8.83
N LEU G 82 -31.73 19.44 7.64
CA LEU G 82 -32.92 20.19 7.33
C LEU G 82 -34.12 19.25 7.29
N GLY G 83 -33.92 18.04 6.78
CA GLY G 83 -35.02 17.09 6.74
C GLY G 83 -35.52 16.74 8.13
N ILE G 84 -34.62 16.57 9.07
CA ILE G 84 -35.00 16.23 10.45
C ILE G 84 -35.86 17.31 11.05
N TRP G 85 -35.56 18.56 10.77
CA TRP G 85 -36.31 19.68 11.30
C TRP G 85 -37.62 19.98 10.57
N GLY G 86 -37.88 19.24 9.48
CA GLY G 86 -39.03 19.46 8.61
C GLY G 86 -38.88 20.62 7.60
N CYS G 87 -37.63 20.99 7.24
CA CYS G 87 -37.24 22.09 6.36
C CYS G 87 -36.72 21.60 5.01
N SER G 88 -36.88 20.33 4.71
CA SER G 88 -36.34 19.88 3.45
C SER G 88 -37.02 20.59 2.31
N GLY G 89 -36.22 20.99 1.34
CA GLY G 89 -36.74 21.64 0.14
C GLY G 89 -36.93 23.15 0.27
N LYS G 90 -36.55 23.75 1.39
CA LYS G 90 -36.76 25.18 1.55
C LYS G 90 -35.48 25.95 1.83
N LEU G 91 -35.40 27.16 1.33
CA LEU G 91 -34.28 28.04 1.65
C LEU G 91 -34.58 28.79 2.93
N ILE G 92 -35.81 29.24 3.08
CA ILE G 92 -36.25 29.94 4.28
C ILE G 92 -37.33 29.11 4.96
N CYS G 93 -37.03 28.46 6.10
CA CYS G 93 -37.92 27.57 6.82
C CYS G 93 -38.37 28.17 8.13
N CYS G 94 -39.65 28.46 8.20
CA CYS G 94 -40.21 29.09 9.38
C CYS G 94 -40.73 27.95 10.26
N THR G 95 -40.27 27.90 11.53
CA THR G 95 -40.68 26.84 12.45
C THR G 95 -41.53 27.36 13.60
N ASN G 96 -41.84 26.51 14.58
CA ASN G 96 -42.67 26.91 15.71
C ASN G 96 -41.92 26.88 17.05
N VAL G 97 -40.60 26.86 17.00
CA VAL G 97 -39.78 26.90 18.19
C VAL G 97 -39.58 28.35 18.54
N PRO G 98 -39.94 28.82 19.74
CA PRO G 98 -39.84 30.20 20.17
C PRO G 98 -38.41 30.55 20.35
N TRP G 99 -38.10 31.82 20.19
CA TRP G 99 -36.76 32.30 20.43
C TRP G 99 -36.59 32.55 21.90
N ASN G 100 -35.54 32.01 22.45
CA ASN G 100 -35.20 32.20 23.83
C ASN G 100 -34.27 33.38 23.87
N SER G 101 -34.72 34.47 24.45
CA SER G 101 -33.99 35.72 24.43
C SER G 101 -32.64 35.65 25.12
N SER G 102 -32.39 34.65 25.94
CA SER G 102 -31.10 34.57 26.58
C SER G 102 -29.98 34.30 25.58
N TRP G 103 -30.34 33.81 24.39
CA TRP G 103 -29.37 33.52 23.36
C TRP G 103 -28.90 34.80 22.69
N SER G 104 -29.76 35.81 22.72
CA SER G 104 -29.55 37.11 22.12
C SER G 104 -30.70 38.01 22.45
N ASN G 105 -30.38 39.14 23.05
CA ASN G 105 -31.39 40.09 23.46
C ASN G 105 -31.47 41.30 22.54
N ARG G 106 -30.95 41.15 21.34
CA ARG G 106 -31.02 42.22 20.37
C ARG G 106 -32.43 42.28 19.81
N ASN G 107 -32.92 43.45 19.45
CA ASN G 107 -34.24 43.53 18.86
C ASN G 107 -34.22 43.24 17.37
N LEU G 108 -35.38 43.25 16.71
CA LEU G 108 -35.35 42.90 15.31
C LEU G 108 -34.70 43.95 14.45
N SER G 109 -34.71 45.19 14.87
CA SER G 109 -34.08 46.18 14.03
C SER G 109 -32.59 45.88 13.93
N GLU G 110 -31.96 45.51 15.04
CA GLU G 110 -30.54 45.14 15.05
C GLU G 110 -30.27 43.79 14.44
N ILE G 111 -31.20 42.85 14.57
CA ILE G 111 -30.92 41.57 13.96
C ILE G 111 -31.01 41.64 12.48
N TRP G 112 -32.07 42.23 11.95
CA TRP G 112 -32.20 42.20 10.53
C TRP G 112 -31.57 43.36 9.79
N ASP G 113 -31.18 44.43 10.47
CA ASP G 113 -30.49 45.47 9.77
C ASP G 113 -29.33 45.89 10.65
N ASN G 114 -28.52 46.80 10.18
CA ASN G 114 -27.38 47.28 10.94
C ASN G 114 -26.47 46.15 11.51
N MET G 115 -26.30 45.03 10.79
CA MET G 115 -25.46 43.88 11.20
C MET G 115 -25.39 42.88 10.05
N THR G 116 -24.25 42.19 9.90
CA THR G 116 -24.08 41.18 8.85
C THR G 116 -24.17 39.75 9.39
N TRP G 117 -24.25 38.76 8.48
CA TRP G 117 -24.33 37.36 8.90
C TRP G 117 -23.07 36.83 9.54
N LEU G 118 -21.92 37.37 9.19
CA LEU G 118 -20.69 36.90 9.81
C LEU G 118 -20.70 37.29 11.28
N GLN G 119 -21.22 38.48 11.57
CA GLN G 119 -21.25 38.97 12.92
C GLN G 119 -22.24 38.17 13.73
N TRP G 120 -23.37 37.87 13.11
CA TRP G 120 -24.39 37.12 13.78
C TRP G 120 -23.93 35.73 14.10
N ASP G 121 -23.20 35.11 13.18
CA ASP G 121 -22.74 33.77 13.46
C ASP G 121 -21.90 33.77 14.72
N LYS G 122 -21.08 34.80 14.92
CA LYS G 122 -20.33 34.85 16.15
C LYS G 122 -21.23 35.08 17.38
N GLU G 123 -22.24 35.94 17.25
CA GLU G 123 -23.09 36.30 18.39
C GLU G 123 -23.80 35.12 19.01
N ILE G 124 -24.23 34.17 18.20
CA ILE G 124 -24.94 33.02 18.76
C ILE G 124 -24.23 31.72 18.56
N SER G 125 -22.92 31.76 18.38
CA SER G 125 -22.17 30.54 18.13
C SER G 125 -22.35 29.53 19.25
N ASN G 126 -22.38 30.02 20.47
CA ASN G 126 -22.44 29.18 21.65
C ASN G 126 -23.78 28.49 21.88
N TYR G 127 -24.81 28.84 21.10
CA TYR G 127 -26.11 28.24 21.32
C TYR G 127 -26.53 27.35 20.18
N THR G 128 -25.61 27.08 19.25
CA THR G 128 -25.97 26.31 18.06
C THR G 128 -26.56 24.95 18.35
N GLN G 129 -25.97 24.21 19.27
CA GLN G 129 -26.46 22.86 19.49
C GLN G 129 -27.76 22.84 20.26
N ILE G 130 -28.00 23.87 21.06
CA ILE G 130 -29.22 23.93 21.82
C ILE G 130 -30.37 24.12 20.87
N ILE G 131 -30.19 25.05 19.94
CA ILE G 131 -31.22 25.37 19.00
C ILE G 131 -31.50 24.16 18.14
N TYR G 132 -30.47 23.50 17.66
CA TYR G 132 -30.71 22.36 16.81
C TYR G 132 -31.50 21.28 17.55
N GLY G 133 -31.19 21.03 18.81
CA GLY G 133 -31.92 20.02 19.55
C GLY G 133 -33.40 20.37 19.68
N LEU G 134 -33.70 21.64 19.89
CA LEU G 134 -35.10 22.05 20.01
C LEU G 134 -35.84 21.89 18.71
N LEU G 135 -35.19 22.17 17.59
CA LEU G 135 -35.86 22.04 16.31
C LEU G 135 -36.22 20.59 16.05
N GLU G 136 -35.30 19.68 16.39
CA GLU G 136 -35.54 18.25 16.22
C GLU G 136 -36.71 17.76 17.07
N GLU G 137 -36.77 18.22 18.31
CA GLU G 137 -37.85 17.80 19.18
C GLU G 137 -39.17 18.28 18.68
N SER G 138 -39.22 19.51 18.18
CA SER G 138 -40.47 20.01 17.70
C SER G 138 -40.96 19.20 16.53
N GLN G 139 -40.08 18.84 15.60
CA GLN G 139 -40.58 18.09 14.46
C GLN G 139 -41.13 16.73 14.87
N ASN G 140 -40.53 16.05 15.84
CA ASN G 140 -41.11 14.76 16.18
C ASN G 140 -42.52 14.93 16.73
N GLN G 141 -42.74 15.98 17.50
CA GLN G 141 -44.06 16.18 18.04
C GLN G 141 -45.04 16.52 16.94
N GLN G 142 -44.60 17.32 15.97
CA GLN G 142 -45.50 17.71 14.89
C GLN G 142 -45.91 16.54 14.06
N GLU G 143 -44.99 15.63 13.77
CA GLU G 143 -45.40 14.52 12.94
C GLU G 143 -46.35 13.61 13.66
N LYS G 144 -46.16 13.40 14.96
CA LYS G 144 -47.09 12.55 15.65
C LYS G 144 -48.47 13.19 15.63
N ASN G 145 -48.53 14.51 15.83
CA ASN G 145 -49.83 15.13 15.85
C ASN G 145 -50.52 15.03 14.51
N GLU G 146 -49.77 15.18 13.42
CA GLU G 146 -50.40 15.09 12.12
C GLU G 146 -50.93 13.69 11.88
N GLN G 147 -50.16 12.66 12.26
CA GLN G 147 -50.61 11.31 12.04
C GLN G 147 -51.91 11.05 12.80
N ASP G 148 -52.00 11.56 14.02
CA ASP G 148 -53.21 11.34 14.78
C ASP G 148 -54.38 12.08 14.14
N LEU G 149 -54.17 13.25 13.59
CA LEU G 149 -55.27 13.94 12.94
C LEU G 149 -55.73 13.21 11.68
N LEU G 150 -54.81 12.62 10.93
CA LEU G 150 -55.18 11.89 9.72
C LEU G 150 -56.03 10.68 10.05
N ALA G 151 -55.83 10.14 11.25
CA ALA G 151 -56.61 9.01 11.73
C ALA G 151 -58.11 9.30 12.02
N LEU G 152 -58.50 10.58 12.18
CA LEU G 152 -59.86 11.02 12.57
C LEU G 152 -60.69 11.50 11.35
N GLY H 10 -38.19 -2.33 -18.40
CA GLY H 10 -38.37 -1.52 -19.59
C GLY H 10 -37.85 -0.10 -19.39
N PHE H 11 -36.56 0.03 -19.00
CA PHE H 11 -35.89 1.29 -18.64
C PHE H 11 -36.03 2.44 -19.64
N LEU H 12 -35.77 2.20 -20.91
CA LEU H 12 -35.94 3.26 -21.88
C LEU H 12 -37.09 2.95 -22.80
N GLY H 13 -38.02 2.10 -22.36
CA GLY H 13 -39.12 1.64 -23.20
C GLY H 13 -39.98 2.75 -23.78
N ALA H 14 -40.09 3.87 -23.08
CA ALA H 14 -40.90 4.99 -23.50
C ALA H 14 -40.20 5.90 -24.49
N ALA H 15 -38.97 5.60 -24.89
CA ALA H 15 -38.24 6.50 -25.78
C ALA H 15 -39.01 6.79 -27.07
N GLY H 16 -39.76 5.84 -27.60
CA GLY H 16 -40.51 6.06 -28.84
C GLY H 16 -41.96 6.49 -28.62
N SER H 17 -42.34 6.70 -27.38
CA SER H 17 -43.70 7.09 -27.07
C SER H 17 -43.80 8.57 -27.23
N THR H 18 -45.01 9.08 -27.35
CA THR H 18 -45.10 10.50 -27.43
C THR H 18 -44.88 11.07 -26.05
N MET H 19 -44.64 12.36 -25.97
CA MET H 19 -44.35 12.97 -24.69
C MET H 19 -45.39 12.74 -23.62
N GLY H 20 -46.67 12.81 -23.98
CA GLY H 20 -47.73 12.58 -23.01
C GLY H 20 -47.67 11.18 -22.45
N ALA H 21 -47.73 10.20 -23.32
CA ALA H 21 -47.70 8.81 -22.90
C ALA H 21 -46.43 8.45 -22.14
N ALA H 22 -45.33 9.05 -22.54
CA ALA H 22 -44.04 8.77 -21.95
C ALA H 22 -43.91 9.32 -20.55
N SER H 23 -44.82 10.19 -20.15
CA SER H 23 -44.75 10.82 -18.86
C SER H 23 -45.50 10.01 -17.83
N MET H 24 -46.20 8.97 -18.27
CA MET H 24 -46.98 8.18 -17.34
C MET H 24 -46.14 7.32 -16.41
N THR H 25 -44.93 6.95 -16.81
CA THR H 25 -44.11 6.09 -15.98
C THR H 25 -42.73 6.68 -15.75
N LEU H 26 -42.63 7.82 -15.05
CA LEU H 26 -41.36 8.50 -14.86
C LEU H 26 -40.48 7.81 -13.82
N THR H 27 -41.09 6.93 -13.06
CA THR H 27 -40.37 6.23 -12.02
C THR H 27 -39.50 5.16 -12.60
N VAL H 28 -39.74 4.78 -13.84
CA VAL H 28 -38.96 3.73 -14.41
C VAL H 28 -37.52 4.18 -14.57
N GLN H 29 -37.32 5.40 -15.03
CA GLN H 29 -35.99 5.89 -15.20
C GLN H 29 -35.44 6.35 -13.87
N ALA H 30 -36.27 6.92 -13.01
CA ALA H 30 -35.74 7.39 -11.74
C ALA H 30 -35.12 6.26 -10.92
N ARG H 31 -35.72 5.07 -10.98
CA ARG H 31 -35.20 3.97 -10.18
C ARG H 31 -33.90 3.37 -10.68
N ASN H 32 -33.43 3.74 -11.86
CA ASN H 32 -32.20 3.16 -12.36
C ASN H 32 -30.99 4.04 -12.14
N LEU H 33 -31.17 5.10 -11.39
CA LEU H 33 -30.08 5.98 -11.06
C LEU H 33 -29.57 5.45 -9.75
N LEU H 34 -28.31 5.66 -9.43
CA LEU H 34 -27.77 5.14 -8.16
C LEU H 34 -27.96 3.62 -7.95
N SER H 35 -27.83 2.80 -9.01
CA SER H 35 -27.98 1.35 -8.96
C SER H 35 -26.60 0.70 -8.82
N THR H 58 -4.00 -2.30 -7.91
CA THR H 58 -5.03 -1.46 -7.31
C THR H 58 -5.53 -0.31 -8.24
N VAL H 59 -5.16 -0.33 -9.55
CA VAL H 59 -5.58 0.69 -10.55
C VAL H 59 -7.09 0.70 -10.75
N TRP H 60 -7.72 -0.44 -10.56
CA TRP H 60 -9.15 -0.50 -10.71
C TRP H 60 -9.85 -0.10 -9.43
N GLY H 61 -9.09 0.05 -8.35
CA GLY H 61 -9.66 0.50 -7.10
C GLY H 61 -10.10 1.91 -7.39
N ILE H 62 -9.18 2.67 -7.98
CA ILE H 62 -9.53 4.03 -8.32
C ILE H 62 -10.54 4.05 -9.44
N LYS H 63 -10.38 3.28 -10.50
CA LYS H 63 -11.41 3.42 -11.53
C LYS H 63 -12.83 3.16 -11.02
N GLN H 64 -13.03 2.18 -10.15
CA GLN H 64 -14.38 1.96 -9.69
C GLN H 64 -14.84 3.02 -8.71
N LEU H 65 -13.96 3.54 -7.87
CA LEU H 65 -14.42 4.59 -7.00
C LEU H 65 -14.81 5.80 -7.82
N GLN H 66 -14.09 6.08 -8.89
CA GLN H 66 -14.47 7.25 -9.68
C GLN H 66 -15.83 7.03 -10.31
N ALA H 67 -16.11 5.83 -10.79
CA ALA H 67 -17.40 5.58 -11.40
C ALA H 67 -18.55 5.76 -10.41
N ARG H 68 -18.34 5.32 -9.18
CA ARG H 68 -19.37 5.40 -8.17
C ARG H 68 -19.56 6.82 -7.67
N VAL H 69 -18.48 7.56 -7.51
CA VAL H 69 -18.60 8.93 -7.06
C VAL H 69 -19.33 9.73 -8.09
N LEU H 70 -19.01 9.52 -9.38
CA LEU H 70 -19.69 10.27 -10.40
C LEU H 70 -21.19 9.98 -10.37
N ALA H 71 -21.58 8.72 -10.25
CA ALA H 71 -23.01 8.47 -10.25
C ALA H 71 -23.70 9.24 -9.16
N VAL H 72 -23.06 9.33 -7.99
CA VAL H 72 -23.65 10.08 -6.90
C VAL H 72 -23.67 11.56 -7.17
N GLU H 73 -22.58 12.14 -7.68
CA GLU H 73 -22.58 13.57 -7.91
C GLU H 73 -23.61 13.97 -8.96
N ARG H 74 -23.80 13.16 -9.99
CA ARG H 74 -24.77 13.55 -10.99
C ARG H 74 -26.16 13.52 -10.39
N TYR H 75 -26.45 12.49 -9.60
CA TYR H 75 -27.75 12.40 -8.98
C TYR H 75 -28.03 13.59 -8.11
N LEU H 76 -27.08 13.92 -7.26
CA LEU H 76 -27.29 15.00 -6.34
C LEU H 76 -27.39 16.34 -7.00
N ARG H 77 -26.67 16.56 -8.09
CA ARG H 77 -26.77 17.86 -8.70
C ARG H 77 -28.18 18.10 -9.20
N ASP H 78 -28.81 17.07 -9.78
CA ASP H 78 -30.17 17.29 -10.25
C ASP H 78 -31.12 17.46 -9.08
N GLN H 79 -30.88 16.74 -7.99
CA GLN H 79 -31.78 16.92 -6.87
C GLN H 79 -31.64 18.30 -6.26
N GLN H 80 -30.43 18.85 -6.22
CA GLN H 80 -30.29 20.18 -5.66
C GLN H 80 -31.04 21.17 -6.48
N LEU H 81 -30.98 21.02 -7.79
CA LEU H 81 -31.63 21.96 -8.66
C LEU H 81 -33.14 21.91 -8.49
N LEU H 82 -33.70 20.72 -8.36
CA LEU H 82 -35.13 20.61 -8.14
C LEU H 82 -35.49 21.24 -6.82
N GLY H 83 -34.64 21.09 -5.81
CA GLY H 83 -34.91 21.69 -4.52
C GLY H 83 -34.96 23.22 -4.64
N ILE H 84 -34.03 23.79 -5.38
CA ILE H 84 -33.98 25.24 -5.58
C ILE H 84 -35.24 25.76 -6.23
N TRP H 85 -35.77 25.05 -7.21
CA TRP H 85 -36.98 25.46 -7.91
C TRP H 85 -38.27 25.22 -7.13
N GLY H 86 -38.16 24.58 -5.97
CA GLY H 86 -39.34 24.21 -5.19
C GLY H 86 -40.07 22.94 -5.70
N CYS H 87 -39.34 22.02 -6.37
CA CYS H 87 -39.84 20.78 -6.98
C CYS H 87 -39.34 19.55 -6.20
N SER H 88 -38.84 19.76 -5.01
CA SER H 88 -38.33 18.64 -4.27
C SER H 88 -39.39 17.62 -3.98
N GLY H 89 -39.08 16.35 -4.18
CA GLY H 89 -39.99 15.28 -3.86
C GLY H 89 -41.04 14.98 -4.92
N LYS H 90 -40.97 15.64 -6.07
CA LYS H 90 -41.98 15.40 -7.10
C LYS H 90 -41.38 15.01 -8.43
N LEU H 91 -42.08 14.14 -9.16
CA LEU H 91 -41.64 13.80 -10.50
C LEU H 91 -42.28 14.76 -11.48
N ILE H 92 -43.47 15.23 -11.15
CA ILE H 92 -44.16 16.20 -11.96
C ILE H 92 -44.33 17.46 -11.13
N CYS H 93 -43.65 18.56 -11.51
CA CYS H 93 -43.65 19.82 -10.76
C CYS H 93 -44.22 20.95 -11.59
N CYS H 94 -45.36 21.41 -11.15
CA CYS H 94 -46.09 22.47 -11.80
C CYS H 94 -45.61 23.77 -11.16
N THR H 95 -45.11 24.71 -11.99
CA THR H 95 -44.54 25.95 -11.47
C THR H 95 -45.41 27.12 -11.87
N ASN H 96 -45.01 28.33 -11.50
CA ASN H 96 -45.77 29.53 -11.84
C ASN H 96 -45.00 30.44 -12.80
N VAL H 97 -44.07 29.89 -13.57
CA VAL H 97 -43.35 30.65 -14.57
C VAL H 97 -44.02 30.39 -15.90
N PRO H 98 -44.51 31.40 -16.63
CA PRO H 98 -45.23 31.28 -17.88
C PRO H 98 -44.31 30.81 -18.98
N TRP H 99 -44.88 30.15 -19.97
CA TRP H 99 -44.14 29.71 -21.11
C TRP H 99 -43.98 30.84 -22.11
N ASN H 100 -42.77 31.03 -22.57
CA ASN H 100 -42.47 32.04 -23.56
C ASN H 100 -42.49 31.40 -24.95
N SER H 101 -43.41 31.85 -25.80
CA SER H 101 -43.61 31.30 -27.13
C SER H 101 -42.38 31.46 -28.02
N SER H 102 -41.46 32.32 -27.60
CA SER H 102 -40.21 32.52 -28.27
C SER H 102 -39.40 31.23 -28.24
N TRP H 103 -39.42 30.54 -27.08
CA TRP H 103 -38.65 29.31 -26.92
C TRP H 103 -39.21 28.31 -27.88
N SER H 104 -40.52 28.26 -27.92
CA SER H 104 -41.26 27.45 -28.88
C SER H 104 -42.70 27.88 -28.93
N ASN H 105 -43.23 28.01 -30.14
CA ASN H 105 -44.61 28.41 -30.34
C ASN H 105 -45.47 27.26 -30.85
N ARG H 106 -45.00 26.06 -30.62
CA ARG H 106 -45.68 24.83 -30.99
C ARG H 106 -46.96 24.67 -30.15
N ASN H 107 -48.04 24.22 -30.79
CA ASN H 107 -49.32 24.01 -30.09
C ASN H 107 -49.26 22.85 -29.13
N LEU H 108 -50.07 22.84 -28.09
CA LEU H 108 -50.02 21.68 -27.20
C LEU H 108 -50.38 20.40 -27.91
N SER H 109 -51.27 20.47 -28.89
CA SER H 109 -51.69 19.28 -29.61
C SER H 109 -50.56 18.75 -30.50
N GLU H 110 -49.54 19.59 -30.68
CA GLU H 110 -48.36 19.33 -31.46
C GLU H 110 -47.16 19.00 -30.56
N ILE H 111 -47.33 19.12 -29.21
CA ILE H 111 -46.25 18.88 -28.25
C ILE H 111 -46.43 17.61 -27.50
N TRP H 112 -47.60 17.43 -26.94
CA TRP H 112 -47.82 16.29 -26.08
C TRP H 112 -48.21 15.05 -26.83
N ASP H 113 -48.38 15.21 -28.12
CA ASP H 113 -48.74 14.14 -29.01
C ASP H 113 -47.98 14.39 -30.31
N ASN H 114 -47.80 13.33 -31.06
CA ASN H 114 -47.08 13.33 -32.33
C ASN H 114 -45.66 13.88 -32.20
N MET H 115 -44.98 13.60 -31.08
CA MET H 115 -43.61 14.01 -30.83
C MET H 115 -43.09 13.29 -29.61
N THR H 116 -41.80 12.94 -29.60
CA THR H 116 -41.14 12.26 -28.49
C THR H 116 -40.33 13.23 -27.64
N TRP H 117 -39.87 12.78 -26.47
CA TRP H 117 -39.04 13.63 -25.61
C TRP H 117 -37.68 13.89 -26.19
N LEU H 118 -37.15 12.98 -27.00
CA LEU H 118 -35.86 13.22 -27.60
C LEU H 118 -35.97 14.38 -28.59
N GLN H 119 -37.08 14.40 -29.33
CA GLN H 119 -37.27 15.46 -30.30
C GLN H 119 -37.46 16.79 -29.63
N TRP H 120 -38.23 16.79 -28.54
CA TRP H 120 -38.50 18.00 -27.80
C TRP H 120 -37.24 18.56 -27.21
N ASP H 121 -36.42 17.70 -26.63
CA ASP H 121 -35.20 18.16 -26.02
C ASP H 121 -34.35 18.87 -27.06
N LYS H 122 -34.28 18.37 -28.27
CA LYS H 122 -33.50 19.08 -29.25
C LYS H 122 -34.12 20.43 -29.58
N GLU H 123 -35.44 20.48 -29.75
CA GLU H 123 -36.11 21.71 -30.16
C GLU H 123 -35.89 22.88 -29.23
N ILE H 124 -35.90 22.64 -27.93
CA ILE H 124 -35.71 23.75 -27.00
C ILE H 124 -34.38 23.68 -26.28
N SER H 125 -33.41 22.98 -26.85
CA SER H 125 -32.11 22.82 -26.20
C SER H 125 -31.46 24.15 -25.89
N ASN H 126 -31.61 25.09 -26.81
CA ASN H 126 -30.97 26.39 -26.73
C ASN H 126 -31.52 27.27 -25.63
N TYR H 127 -32.64 26.89 -25.03
CA TYR H 127 -33.23 27.73 -24.01
C TYR H 127 -33.13 27.11 -22.64
N THR H 128 -32.40 26.01 -22.50
CA THR H 128 -32.38 25.36 -21.21
C THR H 128 -31.86 26.27 -20.11
N GLN H 129 -30.81 27.00 -20.38
CA GLN H 129 -30.24 27.81 -19.32
C GLN H 129 -31.16 28.93 -18.85
N ILE H 130 -31.92 29.53 -19.76
CA ILE H 130 -32.77 30.62 -19.35
C ILE H 130 -33.96 30.12 -18.59
N ILE H 131 -34.51 28.99 -18.99
CA ILE H 131 -35.68 28.51 -18.30
C ILE H 131 -35.28 28.21 -16.87
N TYR H 132 -34.14 27.57 -16.69
CA TYR H 132 -33.73 27.23 -15.34
C TYR H 132 -33.53 28.47 -14.49
N GLY H 133 -32.92 29.53 -15.04
CA GLY H 133 -32.72 30.73 -14.25
C GLY H 133 -34.04 31.35 -13.80
N LEU H 134 -35.04 31.33 -14.68
CA LEU H 134 -36.33 31.90 -14.34
C LEU H 134 -37.02 31.12 -13.23
N LEU H 135 -36.88 29.80 -13.26
CA LEU H 135 -37.51 29.01 -12.23
C LEU H 135 -36.89 29.31 -10.87
N GLU H 136 -35.58 29.49 -10.84
CA GLU H 136 -34.89 29.82 -9.60
C GLU H 136 -35.37 31.13 -9.00
N GLU H 137 -35.53 32.14 -9.85
CA GLU H 137 -35.95 33.42 -9.33
C GLU H 137 -37.36 33.35 -8.79
N SER H 138 -38.23 32.62 -9.46
CA SER H 138 -39.57 32.55 -8.96
C SER H 138 -39.62 31.94 -7.58
N GLN H 139 -38.86 30.87 -7.33
CA GLN H 139 -38.93 30.29 -6.00
C GLN H 139 -38.44 31.24 -4.94
N ASN H 140 -37.42 32.02 -5.22
CA ASN H 140 -36.98 32.93 -4.17
C ASN H 140 -38.08 33.89 -3.78
N GLN H 141 -38.84 34.35 -4.76
CA GLN H 141 -39.91 35.28 -4.43
C GLN H 141 -41.03 34.59 -3.69
N GLN H 142 -41.33 33.34 -4.05
CA GLN H 142 -42.41 32.63 -3.39
C GLN H 142 -42.10 32.41 -1.94
N GLU H 143 -40.85 32.08 -1.63
CA GLU H 143 -40.57 31.84 -0.23
C GLU H 143 -40.63 33.10 0.58
N LYS H 144 -40.19 34.21 0.01
CA LYS H 144 -40.28 35.44 0.76
C LYS H 144 -41.73 35.78 1.04
N ASN H 145 -42.61 35.58 0.06
CA ASN H 145 -43.99 35.91 0.27
C ASN H 145 -44.60 35.07 1.37
N GLU H 146 -44.23 33.79 1.43
CA GLU H 146 -44.79 32.96 2.48
C GLU H 146 -44.26 33.37 3.84
N GLN H 147 -42.99 33.75 3.93
CA GLN H 147 -42.46 34.13 5.22
C GLN H 147 -43.21 35.33 5.75
N ASP H 148 -43.58 36.26 4.87
CA ASP H 148 -44.30 37.42 5.34
C ASP H 148 -45.73 37.06 5.75
N LEU H 149 -46.39 36.19 5.01
CA LEU H 149 -47.78 35.85 5.35
C LEU H 149 -47.87 35.10 6.67
N LEU H 150 -46.88 34.30 6.98
CA LEU H 150 -46.88 33.52 8.20
C LEU H 150 -46.69 34.38 9.43
N ALA H 151 -46.34 35.64 9.23
CA ALA H 151 -46.19 36.59 10.32
C ALA H 151 -47.44 37.45 10.62
N LEU H 152 -48.57 37.23 9.91
CA LEU H 152 -49.80 37.99 10.04
C LEU H 152 -50.91 37.10 10.66
C1 NAG I . 35.25 -14.31 15.75
C2 NAG I . 35.92 -13.97 17.14
C3 NAG I . 36.81 -12.70 16.94
C4 NAG I . 37.88 -12.94 15.82
C5 NAG I . 37.15 -13.34 14.51
C6 NAG I . 38.10 -13.70 13.37
C7 NAG I . 34.50 -14.53 19.09
C8 NAG I . 33.42 -14.16 20.05
N2 NAG I . 34.86 -13.68 18.13
O3 NAG I . 37.50 -12.43 18.18
O4 NAG I . 38.49 -11.65 15.56
O5 NAG I . 36.30 -14.52 14.74
O6 NAG I . 39.01 -14.74 13.71
O7 NAG I . 35.07 -15.63 19.18
C1 NAG I . 39.95 -11.51 15.88
C2 NAG I . 40.46 -10.23 15.11
C3 NAG I . 42.00 -10.06 15.42
C4 NAG I . 42.20 -9.90 16.97
C5 NAG I . 41.63 -11.18 17.68
C6 NAG I . 41.69 -11.10 19.22
C7 NAG I . 39.40 -9.68 12.93
C8 NAG I . 39.19 -9.98 11.46
N2 NAG I . 40.23 -10.45 13.66
O3 NAG I . 42.47 -8.88 14.76
O4 NAG I . 43.59 -9.78 17.25
O5 NAG I . 40.19 -11.36 17.32
O6 NAG I . 41.02 -9.95 19.75
O7 NAG I . 38.80 -8.72 13.43
C1 NAG J . 35.86 -14.46 30.07
C2 NAG J . 35.95 -12.88 29.93
C3 NAG J . 37.21 -12.39 30.72
C4 NAG J . 37.07 -12.81 32.24
C5 NAG J . 36.93 -14.36 32.31
C6 NAG J . 36.70 -14.90 33.73
C7 NAG J . 35.07 -11.82 27.84
C8 NAG J . 35.20 -11.50 26.39
N2 NAG J . 36.02 -12.52 28.48
O3 NAG J . 37.31 -10.96 30.60
O4 NAG J . 38.26 -12.41 32.99
O5 NAG J . 35.77 -14.80 31.49
O6 NAG J . 35.49 -14.43 34.33
O7 NAG J . 34.07 -11.40 28.46
C1 NAG J . 38.02 -11.43 34.12
C2 NAG J . 39.27 -11.41 35.08
C3 NAG J . 38.98 -10.39 36.23
C4 NAG J . 38.71 -8.96 35.62
C5 NAG J . 37.47 -9.06 34.64
C6 NAG J . 37.17 -7.75 33.91
C7 NAG J . 39.90 -14.00 35.86
C8 NAG J . 40.67 -14.81 34.84
N2 NAG J . 39.50 -12.74 35.69
O3 NAG J . 40.12 -10.32 37.11
O4 NAG J . 38.41 -8.04 36.67
O5 NAG J . 37.76 -10.08 33.60
O6 NAG J . 38.28 -7.26 33.15
O7 NAG J . 39.64 -14.52 36.95
C1 NAG K . 31.21 -27.02 16.79
C2 NAG K . 32.06 -28.06 15.94
C3 NAG K . 31.23 -29.40 15.84
C4 NAG K . 30.90 -29.94 17.28
C5 NAG K . 30.08 -28.84 18.01
C6 NAG K . 29.72 -29.20 19.45
C7 NAG K . 33.42 -27.51 13.92
C8 NAG K . 33.51 -26.84 12.57
N2 NAG K . 32.27 -27.45 14.61
O3 NAG K . 32.00 -30.39 15.12
O4 NAG K . 30.10 -31.16 17.22
O5 NAG K . 30.86 -27.60 18.07
O6 NAG K . 30.85 -29.55 20.24
O7 NAG K . 34.40 -28.12 14.35
C1 NAG K . 30.81 -32.49 17.43
C2 NAG K . 29.93 -33.41 18.37
C3 NAG K . 30.70 -34.78 18.55
C4 NAG K . 31.01 -35.45 17.16
C5 NAG K . 31.85 -34.42 16.31
C6 NAG K . 32.18 -34.88 14.88
C7 NAG K . 28.69 -32.70 20.42
C8 NAG K . 28.70 -32.03 21.77
N2 NAG K . 29.82 -32.78 19.71
O3 NAG K . 29.87 -35.64 19.34
O4 NAG K . 31.85 -36.65 17.36
O5 NAG K . 31.09 -33.14 16.16
O6 NAG K . 33.16 -35.92 14.83
O7 NAG K . 27.63 -33.16 19.99
C1 BMA K . 31.17 -37.99 17.52
C2 BMA K . 30.56 -38.51 16.15
C3 BMA K . 29.85 -39.89 16.44
C4 BMA K . 30.88 -40.91 17.05
C5 BMA K . 31.46 -40.30 18.38
C6 BMA K . 32.55 -41.19 18.99
O2 BMA K . 31.58 -38.64 15.15
O3 BMA K . 29.29 -40.40 15.22
O4 BMA K . 30.20 -42.14 17.34
O5 BMA K . 32.09 -38.98 18.08
O6 BMA K . 33.64 -41.44 18.10
C1 NAG L . 14.94 -17.32 37.09
C2 NAG L . 15.57 -15.90 36.77
C3 NAG L . 17.11 -15.99 36.94
C4 NAG L . 17.49 -16.45 38.40
C5 NAG L . 16.77 -17.83 38.68
C6 NAG L . 16.95 -18.34 40.11
C7 NAG L . 14.36 -14.62 35.02
C8 NAG L . 14.10 -14.31 33.58
N2 NAG L . 15.27 -15.55 35.35
O3 NAG L . 17.66 -14.69 36.68
O4 NAG L . 18.94 -16.63 38.33
O5 NAG L . 15.29 -17.70 38.46
O6 NAG L . 16.12 -19.47 40.39
O7 NAG L . 13.71 -14.00 35.88
C1 NAG L . 19.86 -16.25 39.48
C2 NAG L . 19.55 -14.88 40.23
C3 NAG L . 20.70 -14.66 41.29
C4 NAG L . 20.76 -15.87 42.28
C5 NAG L . 21.01 -17.19 41.45
C6 NAG L . 20.97 -18.45 42.33
C7 NAG L . 18.72 -12.69 39.38
C8 NAG L . 18.75 -11.60 38.35
N2 NAG L . 19.52 -13.77 39.24
O3 NAG L . 20.45 -13.44 42.03
O4 NAG L . 21.83 -15.66 43.21
O5 NAG L . 19.95 -17.35 40.44
O6 NAG L . 21.43 -19.60 41.62
O7 NAG L . 17.96 -12.56 40.36
C1 NAG M . 17.53 -26.45 0.27
C2 NAG M . 17.41 -25.85 1.74
C3 NAG M . 17.07 -27.02 2.72
C4 NAG M . 15.72 -27.69 2.28
C5 NAG M . 15.85 -28.21 0.79
C6 NAG M . 14.52 -28.73 0.22
C7 NAG M . 18.82 -23.82 2.02
C8 NAG M . 20.10 -23.15 2.39
N2 NAG M . 18.68 -25.17 2.11
O3 NAG M . 16.95 -26.49 4.05
O4 NAG M . 15.29 -28.73 3.24
O5 NAG M . 16.26 -27.09 -0.11
O6 NAG M . 13.54 -27.70 0.09
O7 NAG M . 17.89 -23.10 1.63
C1 NAG M . 16.06 -30.04 3.35
C2 NAG M . 16.19 -30.43 4.88
C3 NAG M . 16.99 -31.79 4.96
C4 NAG M . 16.26 -32.90 4.13
C5 NAG M . 16.14 -32.41 2.63
C6 NAG M . 15.38 -33.39 1.73
C7 NAG M . 16.58 -28.83 6.77
C8 NAG M . 17.42 -27.77 7.43
N2 NAG M . 16.98 -29.37 5.60
O3 NAG M . 17.06 -32.22 6.34
O4 NAG M . 17.00 -34.11 4.19
O5 NAG M . 15.42 -31.12 2.59
O6 NAG M . 15.43 -33.00 0.36
O7 NAG M . 15.53 -29.18 7.33
C1 NAG N . 12.51 -30.20 25.95
C2 NAG N . 13.26 -31.07 24.84
C3 NAG N . 13.19 -32.57 25.29
C4 NAG N . 13.85 -32.75 26.71
C5 NAG N . 13.11 -31.83 27.73
C6 NAG N . 13.74 -31.83 29.12
C7 NAG N . 13.02 -30.30 22.49
C8 NAG N . 12.16 -30.13 21.27
N2 NAG N . 12.50 -30.86 23.58
O3 NAG N . 13.83 -33.40 24.31
O4 NAG N . 13.65 -34.12 27.16
O5 NAG N . 13.15 -30.42 27.25
O6 NAG N . 12.90 -31.20 30.07
O7 NAG N . 14.20 -29.91 22.46
C1 NAG N . 14.86 -35.03 27.19
C2 NAG N . 14.55 -36.19 28.22
C3 NAG N . 15.78 -37.16 28.21
C4 NAG N . 16.02 -37.72 26.76
C5 NAG N . 16.28 -36.52 25.80
C6 NAG N . 16.42 -36.94 24.34
C7 NAG N . 13.25 -35.74 30.30
C8 NAG N . 13.16 -35.11 31.66
N2 NAG N . 14.38 -35.61 29.58
O3 NAG N . 15.52 -38.26 29.12
O4 NAG N . 17.15 -38.60 26.77
O5 NAG N . 15.14 -35.57 25.86
O6 NAG N . 15.22 -37.55 23.83
O7 NAG N . 12.28 -36.37 29.87
C1 NAG O . 37.18 -14.55 -0.80
C2 NAG O . 38.52 -13.81 -0.36
C3 NAG O . 39.71 -14.79 -0.62
C4 NAG O . 39.49 -16.13 0.19
C5 NAG O . 38.09 -16.76 -0.20
C6 NAG O . 37.70 -17.96 0.67
C7 NAG O . 38.81 -11.35 -0.63
C8 NAG O . 38.92 -10.13 -1.51
N2 NAG O . 38.64 -12.56 -1.18
O3 NAG O . 40.93 -14.16 -0.19
O4 NAG O . 40.63 -17.05 0.02
O5 NAG O . 37.00 -15.77 -0.01
O6 NAG O . 36.54 -18.61 0.18
O7 NAG O . 38.90 -11.19 0.60
C1 NAG O . 40.81 -17.76 -1.32
C2 NAG O . 42.35 -17.84 -1.69
C3 NAG O . 42.49 -18.57 -3.07
C4 NAG O . 41.83 -19.99 -3.00
C5 NAG O . 40.32 -19.84 -2.60
C6 NAG O . 39.58 -21.17 -2.41
C7 NAG O . 44.11 -16.09 -1.36
C8 NAG O . 44.56 -14.67 -1.53
N2 NAG O . 42.90 -16.45 -1.81
O3 NAG O . 43.88 -18.70 -3.43
O4 NAG O . 41.94 -20.64 -4.27
O5 NAG O . 40.23 -19.11 -1.31
O6 NAG O . 39.32 -21.83 -3.64
O7 NAG O . 44.87 -16.91 -0.81
C1 NAG P . 3.13 -7.83 27.72
C2 NAG P . 4.16 -7.61 26.54
C3 NAG P . 5.51 -7.09 27.14
C4 NAG P . 5.27 -5.74 27.89
C5 NAG P . 4.19 -5.99 29.01
C6 NAG P . 3.80 -4.71 29.73
C7 NAG P . 4.74 -10.03 25.39
C8 NAG P . 4.10 -10.76 24.25
N2 NAG P . 4.29 -8.87 25.78
O3 NAG P . 6.45 -6.90 26.06
O4 NAG P . 6.48 -5.32 28.58
O5 NAG P . 2.95 -6.55 28.42
O6 NAG P . 3.33 -3.68 28.87
O7 NAG P . 5.69 -10.52 25.98
C1 NAG P . 7.24 -4.16 27.98
C2 NAG P . 8.17 -3.56 29.10
C3 NAG P . 8.94 -2.34 28.50
C4 NAG P . 9.77 -2.79 27.24
C5 NAG P . 8.77 -3.43 26.20
C6 NAG P . 9.45 -3.98 24.94
C7 NAG P . 7.55 -3.47 31.52
C8 NAG P . 6.63 -2.99 32.60
N2 NAG P . 7.32 -3.12 30.24
O3 NAG P . 9.80 -1.82 29.52
O4 NAG P . 10.35 -1.60 26.60
O5 NAG P . 8.02 -4.54 26.83
O6 NAG P . 10.33 -5.07 25.21
O7 NAG P . 8.52 -4.19 31.83
C1 BMA P . 11.83 -1.38 26.80
C2 BMA P . 12.33 -0.34 25.76
C3 BMA P . 13.84 -0.21 25.92
C4 BMA P . 14.11 0.25 27.34
C5 BMA P . 13.56 -0.80 28.32
C6 BMA P . 13.75 -0.32 29.74
O2 BMA P . 11.71 0.92 26.00
O3 BMA P . 14.39 0.79 25.01
O4 BMA P . 15.51 0.38 27.51
O5 BMA P . 12.13 -0.96 28.12
O6 BMA P . 15.12 -0.34 30.12
C1 MAN P . 14.83 0.29 23.64
C2 MAN P . 15.93 1.24 23.04
C3 MAN P . 15.26 2.62 22.70
C4 MAN P . 14.07 2.40 21.71
C5 MAN P . 13.03 1.42 22.38
C6 MAN P . 11.86 1.06 21.46
O2 MAN P . 16.55 0.64 21.89
O3 MAN P . 16.26 3.48 22.12
O4 MAN P . 13.45 3.67 21.44
O5 MAN P . 13.71 0.14 22.72
O6 MAN P . 10.95 2.14 21.26
C1 NAG Q . -1.35 -8.96 34.50
C2 NAG Q . -0.92 -7.55 33.91
C3 NAG Q . -1.02 -6.48 35.05
C4 NAG Q . -2.49 -6.42 35.59
C5 NAG Q . -2.90 -7.85 36.11
C6 NAG Q . -4.35 -7.93 36.56
C7 NAG Q . 0.83 -7.44 32.16
C8 NAG Q . 2.26 -7.65 31.76
N2 NAG Q . 0.48 -7.70 33.43
O3 NAG Q . -0.63 -5.21 34.52
O4 NAG Q . -2.51 -5.48 36.70
O5 NAG Q . -2.73 -8.84 35.01
O6 NAG Q . -4.74 -9.26 36.92
O7 NAG Q . 0.00 -7.03 31.33
C1 NAG Q . -3.60 -4.42 36.67
C2 NAG Q . -3.58 -3.68 38.07
C3 NAG Q . -4.71 -2.59 38.08
C4 NAG Q . -4.50 -1.60 36.88
C5 NAG Q . -4.50 -2.42 35.53
C6 NAG Q . -4.21 -1.54 34.31
C7 NAG Q . -4.71 -5.44 39.49
C8 NAG Q . -4.66 -6.37 40.67
N2 NAG Q . -3.66 -4.64 39.22
O3 NAG Q . -4.67 -1.86 39.32
O4 NAG Q . -5.55 -0.63 36.87
O5 NAG Q . -3.43 -3.46 35.58
O6 NAG Q . -4.48 -2.23 33.09
O7 NAG Q . -5.73 -5.43 38.78
C1 NAG R . 39.88 12.13 -21.80
C2 NAG R . 40.19 12.92 -23.14
C3 NAG R . 39.90 11.95 -24.33
C4 NAG R . 40.75 10.63 -24.20
C5 NAG R . 40.46 9.96 -22.82
C6 NAG R . 41.33 8.74 -22.51
C7 NAG R . 39.68 15.34 -22.81
C8 NAG R . 38.70 16.48 -22.85
N2 NAG R . 39.28 14.10 -23.17
O3 NAG R . 40.26 12.64 -25.54
O4 NAG R . 40.24 9.71 -25.20
O5 NAG R . 40.71 10.92 -21.73
O6 NAG R . 40.95 8.07 -21.32
O7 NAG R . 40.84 15.55 -22.45
C1 NAG R . 41.23 9.13 -26.18
C2 NAG R . 40.63 7.78 -26.76
C3 NAG R . 41.67 7.20 -27.78
C4 NAG R . 41.98 8.25 -28.91
C5 NAG R . 42.53 9.57 -28.23
C6 NAG R . 42.79 10.69 -29.23
C7 NAG R . 39.23 6.22 -25.38
C8 NAG R . 39.11 5.26 -24.23
N2 NAG R . 40.41 6.80 -25.65
O3 NAG R . 41.13 6.00 -28.39
O4 NAG R . 42.96 7.72 -29.80
O5 NAG R . 41.55 10.07 -27.24
O6 NAG R . 41.61 11.09 -29.93
O7 NAG R . 38.20 6.48 -26.04
C1 NAG S . 28.88 39.49 -19.28
C2 NAG S . 28.45 38.64 -20.55
C3 NAG S . 29.74 38.24 -21.32
C4 NAG S . 30.57 39.52 -21.76
C5 NAG S . 30.90 40.33 -20.44
C6 NAG S . 31.62 41.66 -20.70
C7 NAG S . 26.42 37.24 -20.20
C8 NAG S . 25.76 36.01 -19.68
N2 NAG S . 27.74 37.43 -20.06
O3 NAG S . 29.34 37.48 -22.48
O4 NAG S . 31.79 39.00 -22.37
O5 NAG S . 29.63 40.67 -19.71
O6 NAG S . 31.71 42.46 -19.51
O7 NAG S . 25.71 38.08 -20.78
C1 NAG S . 32.33 39.64 -23.64
C2 NAG S . 31.35 39.49 -24.89
C3 NAG S . 32.06 40.14 -26.14
C4 NAG S . 32.41 41.64 -25.83
C5 NAG S . 33.35 41.69 -24.56
C6 NAG S . 33.72 43.12 -24.12
C7 NAG S . 29.96 37.56 -25.72
C8 NAG S . 29.79 36.10 -25.94
N2 NAG S . 31.10 38.04 -25.16
O3 NAG S . 31.20 40.10 -27.30
O4 NAG S . 33.08 42.22 -26.96
O5 NAG S . 32.67 41.05 -23.41
O6 NAG S . 34.88 43.14 -23.28
O7 NAG S . 29.04 38.34 -26.04
C1 NAG T . 33.71 34.97 -3.82
C2 NAG T . 34.63 33.89 -3.09
C3 NAG T . 35.58 34.67 -2.12
C4 NAG T . 36.43 35.72 -2.92
C5 NAG T . 35.46 36.70 -3.66
C6 NAG T . 36.18 37.69 -4.58
C7 NAG T . 33.33 31.79 -2.76
C8 NAG T . 32.39 30.96 -1.91
N2 NAG T . 33.74 32.98 -2.32
O3 NAG T . 36.47 33.72 -1.49
O4 NAG T . 37.17 36.55 -1.98
O5 NAG T . 34.56 35.93 -4.53
O6 NAG T . 35.31 38.74 -5.00
O7 NAG T . 33.68 31.35 -3.86
C1 NAG T . 38.67 36.38 -1.94
C2 NAG T . 39.31 37.71 -1.40
C3 NAG T . 40.87 37.51 -1.33
C4 NAG T . 41.20 36.28 -0.40
C5 NAG T . 40.51 35.00 -0.99
C6 NAG T . 40.67 33.76 -0.11
C7 NAG T . 38.36 39.95 -1.98
C8 NAG T . 38.07 41.01 -3.01
N2 NAG T . 38.99 38.82 -2.34
O3 NAG T . 41.48 38.70 -0.79
O4 NAG T . 42.61 36.08 -0.37
O5 NAG T . 39.04 35.24 -1.11
O6 NAG T . 40.03 33.90 1.17
O7 NAG T . 38.00 40.15 -0.80
C1 NAG U . 39.51 -2.44 -14.80
C2 NAG U . 39.93 -3.27 -16.09
C3 NAG U . 41.43 -3.67 -15.91
C4 NAG U . 42.33 -2.38 -15.73
C5 NAG U . 41.80 -1.55 -14.50
C6 NAG U . 42.49 -0.19 -14.37
C7 NAG U . 38.20 -4.73 -17.18
C8 NAG U . 37.86 -3.85 -18.38
N2 NAG U . 39.08 -4.48 -16.21
O3 NAG U . 41.87 -4.41 -17.06
O4 NAG U . 43.78 -2.69 -15.62
O5 NAG U . 40.35 -1.24 -14.67
O6 NAG U . 42.25 0.67 -15.49
O7 NAG U . 37.62 -5.81 -17.07
C1 NAG U . 44.29 -3.59 -14.50
C2 NAG U . 45.24 -4.73 -15.09
C3 NAG U . 45.67 -5.66 -13.90
C4 NAG U . 46.40 -4.81 -12.80
C5 NAG U . 45.44 -3.68 -12.29
C6 NAG U . 46.08 -2.74 -11.28
C7 NAG U . 45.14 -6.11 -17.17
C8 NAG U . 44.33 -6.84 -18.20
N2 NAG U . 44.52 -5.48 -16.16
O3 NAG U . 46.56 -6.70 -14.37
O4 NAG U . 46.78 -5.67 -11.72
O5 NAG U . 44.99 -2.84 -13.45
O6 NAG U . 46.24 -3.32 -9.99
O7 NAG U . 46.38 -6.11 -17.27
C1 NAG V . 12.68 32.98 -15.68
C2 NAG V . 13.21 31.48 -15.74
C3 NAG V . 14.02 31.28 -17.07
C4 NAG V . 13.11 31.61 -18.30
C5 NAG V . 12.57 33.08 -18.14
C6 NAG V . 11.55 33.50 -19.21
C7 NAG V . 14.82 30.67 -13.66
C8 NAG V . 15.39 29.28 -13.77
N2 NAG V . 14.03 31.25 -14.55
O3 NAG V . 14.47 29.90 -17.10
O4 NAG V . 13.96 31.61 -19.50
O5 NAG V . 11.87 33.24 -16.85
O6 NAG V . 10.53 32.54 -19.47
O7 NAG V . 15.10 31.34 -12.67
C1 NAG V . 13.57 30.70 -20.64
C2 NAG V . 14.10 31.34 -21.99
C3 NAG V . 13.67 30.40 -23.16
C4 NAG V . 14.29 28.96 -22.94
C5 NAG V . 13.77 28.42 -21.57
C6 NAG V . 14.38 27.07 -21.21
C7 NAG V . 14.30 33.81 -22.23
C8 NAG V . 13.69 35.17 -22.42
N2 NAG V . 13.53 32.71 -22.18
O3 NAG V . 14.14 30.96 -24.40
O4 NAG V . 13.85 28.06 -24.01
O5 NAG V . 14.12 29.36 -20.48
O6 NAG V . 15.82 27.10 -21.17
O7 NAG V . 15.54 33.75 -22.13
C1 BMA V . 14.93 27.56 -24.96
C2 BMA V . 14.62 26.10 -25.36
C3 BMA V . 15.78 25.59 -26.23
C4 BMA V . 15.87 26.51 -27.43
C5 BMA V . 16.13 27.95 -26.97
C6 BMA V . 16.14 28.89 -28.17
O2 BMA V . 13.42 26.05 -26.12
O3 BMA V . 15.51 24.25 -26.73
O4 BMA V . 16.94 26.06 -28.24
O5 BMA V . 15.05 28.39 -26.12
O6 BMA V . 17.25 28.64 -29.03
C1 MAN V . 15.98 23.10 -25.85
C2 MAN V . 16.14 21.79 -26.73
C3 MAN V . 14.71 21.32 -27.19
C4 MAN V . 13.79 21.10 -25.94
C5 MAN V . 13.71 22.43 -25.11
C6 MAN V . 12.92 22.30 -23.81
O2 MAN V . 16.82 20.78 -26.00
O3 MAN V . 14.84 20.12 -27.97
O4 MAN V . 12.49 20.69 -26.39
O5 MAN V . 15.07 22.87 -24.72
O6 MAN V . 11.52 22.15 -24.02
C1 NAG W . 22.26 -30.45 -25.99
C2 NAG W . 21.84 -31.97 -26.15
C3 NAG W . 22.12 -32.69 -24.79
C4 NAG W . 23.63 -32.52 -24.38
C5 NAG W . 23.98 -31.00 -24.31
C6 NAG W . 25.45 -30.72 -24.00
C7 NAG W . 19.93 -32.21 -27.73
C8 NAG W . 18.45 -32.27 -27.99
N2 NAG W . 20.39 -32.04 -26.48
O3 NAG W . 21.84 -34.09 -24.96
O4 NAG W . 23.79 -33.01 -23.02
O5 NAG W . 23.66 -30.35 -25.60
O6 NAG W . 26.33 -31.31 -24.96
O7 NAG W . 20.73 -32.32 -28.67
C1 NAG W . 24.58 -34.27 -22.83
C2 NAG W . 24.85 -34.42 -21.29
C3 NAG W . 25.68 -35.73 -21.08
C4 NAG W . 24.89 -36.96 -21.66
C5 NAG W . 24.62 -36.72 -23.19
C6 NAG W . 23.76 -37.82 -23.82
C7 NAG W . 25.11 -32.35 -19.91
C8 NAG W . 25.93 -31.16 -19.50
N2 NAG W . 25.61 -33.23 -20.82
O3 NAG W . 25.88 -35.93 -19.66
O4 NAG W . 25.67 -38.16 -21.48
O5 NAG W . 23.88 -35.45 -23.36
O6 NAG W . 23.65 -37.66 -25.23
O7 NAG W . 23.99 -32.50 -19.41
C1 NAG X . -2.84 -31.94 -41.33
C2 NAG X . -2.79 -32.65 -39.91
C3 NAG X . -1.68 -33.72 -39.92
C4 NAG X . -1.90 -34.79 -41.07
C5 NAG X . -1.98 -34.00 -42.44
C6 NAG X . -2.31 -34.84 -43.66
C7 NAG X . -3.41 -31.13 -38.04
C8 NAG X . -3.08 -30.06 -37.05
N2 NAG X . -2.50 -31.59 -38.91
O3 NAG X . -1.68 -34.36 -38.63
O4 NAG X . -0.71 -35.65 -41.03
O5 NAG X . -3.05 -32.96 -42.37
O6 NAG X . -3.54 -35.56 -43.54
O7 NAG X . -4.57 -31.58 -38.03
C1 NAG X . -0.86 -37.15 -41.18
C2 NAG X . -1.68 -37.84 -40.00
C3 NAG X . -1.65 -39.39 -40.24
C4 NAG X . -2.26 -39.73 -41.65
C5 NAG X . -1.43 -38.99 -42.75
C6 NAG X . -2.01 -39.16 -44.15
C7 NAG X . -1.75 -37.39 -37.55
C8 NAG X . -1.05 -37.07 -36.26
N2 NAG X . -1.04 -37.52 -38.69
O3 NAG X . -2.42 -40.07 -39.23
O4 NAG X . -2.19 -41.15 -41.88
O5 NAG X . -1.42 -37.52 -42.47
O6 NAG X . -3.35 -38.66 -44.27
O7 NAG X . -2.99 -37.50 -37.54
C1 NAG Y . 21.38 -4.67 -31.41
C2 NAG Y . 20.36 -5.89 -31.58
C3 NAG Y . 20.07 -6.05 -33.11
C4 NAG Y . 19.43 -4.71 -33.66
C5 NAG Y . 20.41 -3.52 -33.39
C6 NAG Y . 19.78 -2.16 -33.72
C7 NAG Y . 20.60 -7.58 -29.75
C8 NAG Y . 21.15 -8.84 -29.18
N2 NAG Y . 20.92 -7.15 -31.00
O3 NAG Y . 19.17 -7.16 -33.32
O4 NAG Y . 18.99 -4.81 -35.06
O5 NAG Y . 20.75 -3.44 -31.94
O6 NAG Y . 20.66 -1.08 -33.45
O7 NAG Y . 19.85 -6.92 -29.03
C1 NAG Y . 20.01 -5.04 -36.18
C2 NAG Y . 19.38 -6.03 -37.24
C3 NAG Y . 20.42 -6.24 -38.39
C4 NAG Y . 20.81 -4.87 -39.04
C5 NAG Y . 21.40 -3.95 -37.91
C6 NAG Y . 21.75 -2.54 -38.40
C7 NAG Y . 17.94 -8.02 -36.73
C8 NAG Y . 17.75 -9.34 -36.02
N2 NAG Y . 19.10 -7.35 -36.60
O3 NAG Y . 19.84 -7.09 -39.42
O4 NAG Y . 21.79 -5.09 -40.07
O5 NAG Y . 20.40 -3.79 -36.83
O6 NAG Y . 22.94 -2.53 -39.21
O7 NAG Y . 17.01 -7.58 -37.41
C1 NAG Z . 5.88 -18.62 -47.47
C2 NAG Z . 7.20 -17.75 -47.28
C3 NAG Z . 7.72 -17.36 -48.70
C4 NAG Z . 7.98 -18.65 -49.57
C5 NAG Z . 6.64 -19.46 -49.66
C6 NAG Z . 6.77 -20.78 -50.42
C7 NAG Z . 6.89 -16.38 -45.20
C8 NAG Z . 6.46 -15.08 -44.57
N2 NAG Z . 6.83 -16.51 -46.54
O3 NAG Z . 8.94 -16.61 -48.54
O4 NAG Z . 8.28 -18.23 -50.95
O5 NAG Z . 6.16 -19.78 -48.30
O6 NAG Z . 5.50 -21.27 -50.82
O7 NAG Z . 7.28 -17.31 -44.47
C1 NAG Z . 9.73 -18.24 -51.41
C2 NAG Z . 9.72 -18.43 -52.98
C3 NAG Z . 11.19 -18.39 -53.49
C4 NAG Z . 11.86 -17.02 -53.09
C5 NAG Z . 11.82 -16.88 -51.52
C6 NAG Z . 12.38 -15.53 -51.05
C7 NAG Z . 8.24 -19.97 -54.25
C8 NAG Z . 7.67 -21.35 -54.47
N2 NAG Z . 9.12 -19.76 -53.27
O3 NAG Z . 11.21 -18.51 -54.94
O4 NAG Z . 13.21 -16.98 -53.56
O5 NAG Z . 10.42 -16.99 -51.04
O6 NAG Z . 12.42 -15.43 -49.63
O7 NAG Z . 7.87 -19.05 -55.00
C1 NAG AA . -10.68 -20.80 -29.95
C2 NAG AA . -9.29 -20.73 -29.17
C3 NAG AA . -8.88 -22.18 -28.76
C4 NAG AA . -9.99 -22.85 -27.89
C5 NAG AA . -11.32 -22.85 -28.70
C6 NAG AA . -12.50 -23.43 -27.92
C7 NAG AA . -7.64 -19.03 -30.00
C8 NAG AA . -7.90 -17.97 -28.96
N2 NAG AA . -8.24 -20.21 -30.09
O3 NAG AA . -7.67 -22.11 -27.98
O4 NAG AA . -9.60 -24.24 -27.69
O5 NAG AA . -11.67 -21.46 -29.10
O6 NAG AA . -12.77 -22.77 -26.69
O7 NAG AA . -6.79 -18.81 -30.85
C1 NAG AA . -9.31 -24.67 -26.29
C2 NAG AA . -9.50 -26.24 -26.21
C3 NAG AA . -9.20 -26.69 -24.74
C4 NAG AA . -7.75 -26.28 -24.32
C5 NAG AA . -7.63 -24.71 -24.48
C6 NAG AA . -6.23 -24.17 -24.19
C7 NAG AA . -11.27 -27.40 -27.54
C8 NAG AA . -12.72 -27.66 -27.83
N2 NAG AA . -10.91 -26.55 -26.57
O3 NAG AA . -9.35 -28.12 -24.67
O4 NAG AA . -7.58 -26.63 -22.91
O5 NAG AA . -7.96 -24.31 -25.87
O6 NAG AA . -5.21 -24.75 -25.02
O7 NAG AA . -10.41 -28.01 -28.21
C1 BMA AA . -6.40 -27.50 -22.59
C2 BMA AA . -6.25 -27.62 -21.04
C3 BMA AA . -4.95 -28.38 -20.77
C4 BMA AA . -5.08 -29.74 -21.43
C5 BMA AA . -5.28 -29.54 -22.94
C6 BMA AA . -5.41 -30.87 -23.63
O2 BMA AA . -7.34 -28.34 -20.50
O3 BMA AA . -4.75 -28.53 -19.33
O4 BMA AA . -3.89 -30.48 -21.21
O5 BMA AA . -6.48 -28.79 -23.20
O6 BMA AA . -4.18 -31.58 -23.61
C1 MAN AA . -3.42 -28.00 -18.80
C2 MAN AA . -3.22 -28.39 -17.29
C3 MAN AA . -4.25 -27.59 -16.42
C4 MAN AA . -4.06 -26.06 -16.64
C5 MAN AA . -4.28 -25.75 -18.18
C6 MAN AA . -4.06 -24.27 -18.53
O2 MAN AA . -1.87 -28.16 -16.88
O3 MAN AA . -4.06 -27.93 -15.03
O4 MAN AA . -5.02 -25.33 -15.86
O5 MAN AA . -3.31 -26.54 -18.98
O6 MAN AA . -4.48 -23.99 -19.87
C1 NAG BA . -17.34 -22.65 -34.54
C2 NAG BA . -17.46 -22.54 -32.96
C3 NAG BA . -18.48 -23.61 -32.44
C4 NAG BA . -19.88 -23.37 -33.12
C5 NAG BA . -19.70 -23.45 -34.67
C6 NAG BA . -20.97 -23.13 -35.47
C7 NAG BA . -15.48 -21.84 -31.66
C8 NAG BA . -14.11 -22.13 -31.14
N2 NAG BA . -16.11 -22.77 -32.38
O3 NAG BA . -18.59 -23.51 -31.01
O4 NAG BA . -20.76 -24.45 -32.68
O5 NAG BA . -18.68 -22.45 -35.11
O6 NAG BA . -21.49 -21.84 -35.19
O7 NAG BA . -15.99 -20.73 -31.43
C1 NAG BA . -22.13 -24.02 -32.18
C2 NAG BA . -23.10 -25.26 -32.28
C3 NAG BA . -24.52 -24.81 -31.77
C4 NAG BA . -24.41 -24.26 -30.31
C5 NAG BA . -23.40 -23.05 -30.29
C6 NAG BA . -23.16 -22.50 -28.88
C7 NAG BA . -22.51 -26.71 -34.25
C8 NAG BA . -21.47 -27.57 -33.56
N2 NAG BA . -23.22 -25.72 -33.69
O3 NAG BA . -25.41 -25.94 -31.79
O4 NAG BA . -25.71 -23.82 -29.87
O5 NAG BA . -22.08 -23.51 -30.81
O6 NAG BA . -22.45 -21.26 -28.91
O7 NAG BA . -22.75 -26.93 -35.44
C1 NAG CA . 7.59 -35.81 34.31
C2 NAG CA . 9.12 -35.35 34.43
C3 NAG CA . 9.99 -36.62 34.76
C4 NAG CA . 9.48 -37.25 36.11
C5 NAG CA . 7.97 -37.63 35.97
C6 NAG CA . 7.37 -38.16 37.26
C7 NAG CA . 9.83 -33.48 32.93
C8 NAG CA . 10.19 -32.97 31.56
N2 NAG CA . 9.51 -34.78 33.11
O3 NAG CA . 11.37 -36.22 34.90
O4 NAG CA . 10.25 -38.42 36.40
O5 NAG CA . 7.18 -36.42 35.60
O6 NAG CA . 6.03 -38.61 37.08
O7 NAG CA . 9.82 -32.68 33.88
C1 NAG DA . -38.88 -5.01 28.77
C2 NAG DA . -39.62 -3.74 28.15
C3 NAG DA . -40.23 -2.89 29.34
C4 NAG DA . -41.23 -3.78 30.14
C5 NAG DA . -40.49 -5.05 30.69
C6 NAG DA . -41.42 -6.02 31.41
C7 NAG DA . -37.77 -2.12 27.52
C8 NAG DA . -36.94 -1.53 26.41
N2 NAG DA . -38.70 -3.04 27.21
O3 NAG DA . -40.90 -1.74 28.80
O4 NAG DA . -41.77 -3.02 31.24
O5 NAG DA . -39.87 -5.80 29.54
O6 NAG DA . -40.70 -7.10 32.01
O7 NAG DA . -37.57 -1.76 28.68
C1 NAG EA . -23.60 -22.86 24.61
C2 NAG EA . -23.39 -24.25 23.85
C3 NAG EA . -24.63 -24.49 22.94
C4 NAG EA . -25.94 -24.51 23.79
C5 NAG EA . -26.06 -23.13 24.56
C6 NAG EA . -27.29 -23.07 25.48
C7 NAG EA . -21.00 -24.76 23.30
C8 NAG EA . -19.81 -24.54 22.41
N2 NAG EA . -22.15 -24.13 23.03
O3 NAG EA . -24.49 -25.76 22.26
O4 NAG EA . -27.06 -24.68 22.93
O5 NAG EA . -24.85 -22.92 25.40
O6 NAG EA . -27.56 -21.73 25.89
O7 NAG EA . -20.90 -25.52 24.28
C1 NAG FA . -18.75 -32.16 15.49
C2 NAG FA . -20.15 -31.61 15.02
C3 NAG FA . -21.09 -32.82 14.74
C4 NAG FA . -20.45 -33.76 13.66
C5 NAG FA . -19.04 -34.25 14.17
C6 NAG FA . -18.31 -35.10 13.14
C7 NAG FA . -21.21 -29.55 15.95
C8 NAG FA . -21.69 -28.77 17.14
N2 NAG FA . -20.67 -30.76 16.13
O3 NAG FA . -22.36 -32.33 14.27
O4 NAG FA . -21.31 -34.88 13.45
O5 NAG FA . -18.18 -33.05 14.45
O6 NAG FA . -18.89 -36.40 12.99
O7 NAG FA . -21.33 -29.05 14.81
C1 NAG GA . 9.51 -11.31 37.79
C2 NAG GA . 9.20 -12.34 38.97
C3 NAG GA . 8.61 -11.55 40.18
C4 NAG GA . 9.60 -10.44 40.64
C5 NAG GA . 9.88 -9.48 39.44
C6 NAG GA . 10.91 -8.39 39.75
C7 NAG GA . 8.40 -14.63 38.38
C8 NAG GA . 7.33 -15.50 37.81
N2 NAG GA . 8.20 -13.31 38.46
O3 NAG GA . 8.38 -12.47 41.27
O4 NAG GA . 9.05 -9.70 41.73
O5 NAG GA . 10.42 -10.27 38.29
O6 NAG GA . 11.02 -7.45 38.68
O7 NAG GA . 9.47 -15.14 38.74
C1 NAG HA . -17.79 -33.36 40.27
C2 NAG HA . -19.39 -33.26 40.28
C3 NAG HA . -19.79 -31.86 40.88
C4 NAG HA . -19.19 -31.69 42.31
C5 NAG HA . -17.63 -31.84 42.24
C6 NAG HA . -16.96 -31.76 43.62
C7 NAG HA . -20.48 -34.43 38.35
C8 NAG HA . -20.91 -34.42 36.92
N2 NAG HA . -19.88 -33.35 38.88
O3 NAG HA . -21.23 -31.77 40.94
O4 NAG HA . -19.52 -30.39 42.82
O5 NAG HA . -17.29 -33.16 41.65
O6 NAG HA . -15.54 -31.69 43.51
O7 NAG HA . -20.68 -35.45 39.04
C1 NAG IA . -9.27 -48.62 21.65
C2 NAG IA . -9.55 -47.43 20.63
C3 NAG IA . -8.48 -47.48 19.48
C4 NAG IA . -7.05 -47.35 20.12
C5 NAG IA . -6.82 -48.50 21.16
C6 NAG IA . -5.49 -48.39 21.91
C7 NAG IA . -11.79 -46.56 19.94
C8 NAG IA . -13.18 -46.83 19.43
N2 NAG IA . -10.95 -47.59 20.11
O3 NAG IA . -8.69 -46.41 18.55
O4 NAG IA . -6.06 -47.43 19.08
O5 NAG IA . -7.90 -48.47 22.20
O6 NAG IA . -5.20 -49.57 22.67
O7 NAG IA . -11.45 -45.40 20.18
C1 NAG JA . 26.99 -5.17 29.76
C2 NAG JA . 27.46 -3.84 29.00
C3 NAG JA . 27.21 -2.62 29.97
C4 NAG JA . 25.71 -2.57 30.37
C5 NAG JA . 25.30 -3.91 31.07
C6 NAG JA . 23.82 -4.00 31.42
C7 NAG JA . 29.47 -3.32 27.64
C8 NAG JA . 30.94 -3.45 27.37
N2 NAG JA . 28.90 -3.94 28.69
O3 NAG JA . 27.59 -1.39 29.34
O4 NAG JA . 25.50 -1.48 31.27
O5 NAG JA . 25.59 -5.05 30.16
O6 NAG JA . 23.53 -5.16 32.18
O7 NAG JA . 28.79 -2.63 26.85
C1 NAG KA . -1.08 -28.91 43.13
C2 NAG KA . -0.01 -29.45 44.19
C3 NAG KA . -0.63 -30.68 44.93
C4 NAG KA . -1.97 -30.28 45.63
C5 NAG KA . -2.96 -29.72 44.55
C6 NAG KA . -4.29 -29.22 45.13
C7 NAG KA . 2.40 -29.22 43.63
C8 NAG KA . 3.60 -29.68 42.86
N2 NAG KA . 1.23 -29.85 43.47
O3 NAG KA . 0.31 -31.16 45.93
O4 NAG KA . -2.54 -31.42 46.28
O5 NAG KA . -2.32 -28.58 43.84
O6 NAG KA . -5.22 -28.88 44.11
O7 NAG KA . 2.53 -28.26 44.39
C1 NAG LA . 8.37 -34.71 24.62
C2 NAG LA . 9.63 -34.38 23.73
C3 NAG LA . 10.35 -35.72 23.34
C4 NAG LA . 10.76 -36.49 24.63
C5 NAG LA . 9.47 -36.75 25.50
C6 NAG LA . 9.80 -37.41 26.84
C7 NAG LA . 9.21 -32.33 22.40
C8 NAG LA . 8.74 -31.69 21.14
N2 NAG LA . 9.19 -33.66 22.51
O3 NAG LA . 11.53 -35.41 22.58
O4 NAG LA . 11.35 -37.74 24.25
O5 NAG LA . 8.80 -35.45 25.81
O6 NAG LA . 8.62 -37.80 27.54
O7 NAG LA . 9.62 -31.61 23.31
C1 NAG MA . 41.85 24.21 -29.03
C2 NAG MA . 40.75 23.70 -30.06
C3 NAG MA . 41.35 23.70 -31.50
C4 NAG MA . 41.82 25.15 -31.87
C5 NAG MA . 42.89 25.63 -30.81
C6 NAG MA . 43.35 27.07 -31.02
C7 NAG MA . 38.99 21.95 -29.68
C8 NAG MA . 38.57 20.57 -29.26
N2 NAG MA . 40.29 22.33 -29.66
O3 NAG MA . 40.35 23.27 -32.45
O4 NAG MA . 42.41 25.15 -33.17
O5 NAG MA . 42.29 25.55 -29.45
O6 NAG MA . 42.29 28.02 -31.06
O7 NAG MA . 38.11 22.75 -30.04
C1 NAG NA . 45.07 18.65 -11.10
C2 NAG NA . 46.07 17.55 -10.51
C3 NAG NA . 46.32 17.90 -9.00
C4 NAG NA . 46.91 19.35 -8.87
C5 NAG NA . 45.90 20.36 -9.50
C6 NAG NA . 46.40 21.81 -9.53
C7 NAG NA . 46.06 15.07 -10.92
C8 NAG NA . 45.33 13.76 -11.01
N2 NAG NA . 45.41 16.21 -10.62
O3 NAG NA . 47.26 16.95 -8.44
O4 NAG NA . 47.12 19.66 -7.49
O5 NAG NA . 45.65 19.99 -10.92
O6 NAG NA . 46.44 22.42 -8.25
O7 NAG NA . 47.29 15.08 -11.11
C1 NAG OA . 32.98 36.76 2.32
C2 NAG OA . 33.69 35.37 2.04
C3 NAG OA . 35.02 35.32 2.86
C4 NAG OA . 35.94 36.51 2.44
C5 NAG OA . 35.18 37.87 2.69
C6 NAG OA . 35.97 39.08 2.18
C7 NAG OA . 32.24 33.40 1.62
C8 NAG OA . 31.32 32.34 2.13
N2 NAG OA . 32.77 34.29 2.46
O3 NAG OA . 35.72 34.09 2.60
O4 NAG OA . 37.13 36.49 3.23
O5 NAG OA . 33.89 37.85 1.94
O6 NAG OA . 35.36 40.32 2.54
O7 NAG OA . 32.48 33.43 0.40
C1 NAG PA . 34.11 45.87 -1.40
C2 NAG PA . 35.10 45.01 -2.30
C3 NAG PA . 36.55 45.60 -2.18
C4 NAG PA . 36.55 47.11 -2.62
C5 NAG PA . 35.54 47.90 -1.71
C6 NAG PA . 35.38 49.37 -2.12
C7 NAG PA . 34.66 42.57 -2.57
C8 NAG PA . 34.66 41.17 -2.00
N2 NAG PA . 35.08 43.60 -1.82
O3 NAG PA . 37.46 44.87 -3.02
O4 NAG PA . 37.86 47.66 -2.46
O5 NAG PA . 34.19 47.28 -1.83
O6 NAG PA . 34.51 50.07 -1.23
O7 NAG PA . 34.26 42.73 -3.73
C1 NAG QA . -21.43 49.03 2.88
C2 NAG QA . -22.88 48.41 2.68
C3 NAG QA . -23.75 49.37 1.79
C4 NAG QA . -23.84 50.76 2.48
C5 NAG QA . -22.38 51.33 2.69
C6 NAG QA . -22.37 52.67 3.44
C7 NAG QA . -22.55 46.58 0.94
C8 NAG QA . -22.41 45.11 0.66
N2 NAG QA . -22.73 46.99 2.21
O3 NAG QA . -25.06 48.81 1.62
O4 NAG QA . -24.61 51.65 1.66
O5 NAG QA . -21.58 50.37 3.51
O6 NAG QA . -21.09 53.30 3.36
O7 NAG QA . -22.47 47.38 -0.01
C1 NAG RA . 1.19 44.93 10.42
C2 NAG RA . 2.11 45.10 11.71
C3 NAG RA . 1.21 44.84 12.97
C4 NAG RA . 0.02 45.85 13.00
C5 NAG RA . -0.82 45.69 11.68
C6 NAG RA . -1.95 46.73 11.60
C7 NAG RA . 4.30 43.43 11.38
C8 NAG RA . 4.90 43.38 9.99
N2 NAG RA . 3.25 44.16 11.73
O3 NAG RA . 2.00 45.00 14.17
O4 NAG RA . -0.81 45.57 14.13
O5 NAG RA . 0.07 45.89 10.50
O6 NAG RA . -2.65 46.66 10.37
O7 NAG RA . 4.80 42.75 12.27
C1 NAG SA . 9.66 38.70 18.92
C2 NAG SA . 8.88 37.59 19.75
C3 NAG SA . 8.85 38.01 21.25
C4 NAG SA . 10.31 38.19 21.79
C5 NAG SA . 11.04 39.27 20.92
C6 NAG SA . 12.50 39.48 21.28
C7 NAG SA . 7.01 36.53 18.46
C8 NAG SA . 5.60 36.57 17.99
N2 NAG SA . 7.49 37.52 19.23
O3 NAG SA . 8.19 36.98 22.02
O4 NAG SA . 10.28 38.60 23.15
O5 NAG SA . 11.01 38.86 19.50
O6 NAG SA . 13.29 38.30 21.13
O7 NAG SA . 7.74 35.57 18.13
C1 NAG TA . 20.80 40.59 -21.34
C2 NAG TA . 21.43 42.02 -21.01
C3 NAG TA . 20.61 43.12 -21.74
C4 NAG TA . 20.58 42.85 -23.28
C5 NAG TA . 19.96 41.43 -23.53
C6 NAG TA . 19.92 41.03 -25.00
C7 NAG TA . 22.34 42.40 -18.72
C8 NAG TA . 22.12 42.55 -17.25
N2 NAG TA . 21.31 42.21 -19.54
O3 NAG TA . 21.22 44.40 -21.50
O4 NAG TA . 19.80 43.86 -23.93
O5 NAG TA . 20.77 40.40 -22.80
O6 NAG TA . 18.91 41.73 -25.72
O7 NAG TA . 23.52 42.45 -19.14
C1 NAG UA . 13.84 59.56 7.14
C2 NAG UA . 12.51 60.15 7.79
C3 NAG UA . 11.41 60.24 6.67
C4 NAG UA . 11.92 61.15 5.50
C5 NAG UA . 13.25 60.56 4.94
C6 NAG UA . 13.88 61.44 3.84
C7 NAG UA . 11.86 59.58 10.13
C8 NAG UA . 11.43 58.53 11.13
N2 NAG UA . 12.06 59.22 8.86
O3 NAG UA . 10.20 60.79 7.23
O4 NAG UA . 10.92 61.20 4.47
O5 NAG UA . 14.26 60.45 6.04
O6 NAG UA . 15.01 60.81 3.24
O7 NAG UA . 12.02 60.75 10.51
C1 NAG VA . 29.35 25.21 -30.88
C2 NAG VA . 28.77 24.03 -31.80
C3 NAG VA . 27.91 24.69 -32.94
C4 NAG VA . 26.77 25.55 -32.32
C5 NAG VA . 27.40 26.66 -31.41
C6 NAG VA . 26.35 27.49 -30.66
C7 NAG VA . 29.81 21.97 -32.73
C8 NAG VA . 30.96 21.25 -33.39
N2 NAG VA . 29.89 23.28 -32.43
O3 NAG VA . 27.33 23.68 -33.79
O4 NAG VA . 26.02 26.17 -33.38
O5 NAG VA . 28.24 26.02 -30.37
O6 NAG VA . 26.93 28.61 -30.00
O7 NAG VA . 28.78 21.31 -32.49
C1 NAG WA . 10.72 41.04 -16.21
C2 NAG WA . 10.20 39.93 -17.23
C3 NAG WA . 9.61 40.65 -18.49
C4 NAG WA . 8.45 41.59 -18.07
C5 NAG WA . 9.00 42.65 -17.04
C6 NAG WA . 7.90 43.56 -16.48
C7 NAG WA . 11.38 37.76 -17.51
C8 NAG WA . 12.61 36.99 -17.91
N2 NAG WA . 11.36 39.10 -17.62
O3 NAG WA . 9.11 39.65 -19.41
O4 NAG WA . 7.94 42.26 -19.24
O5 NAG WA . 9.58 41.94 -15.88
O6 NAG WA . 7.41 44.50 -17.44
O7 NAG WA . 10.38 37.15 -17.08
C1 NAG XA . 26.13 52.67 -5.36
C2 NAG XA . 26.90 53.75 -6.25
C3 NAG XA . 28.24 54.12 -5.53
C4 NAG XA . 27.93 54.68 -4.08
C5 NAG XA . 27.15 53.58 -3.27
C6 NAG XA . 26.70 54.04 -1.88
C7 NAG XA . 26.44 53.37 -8.69
C8 NAG XA . 26.75 52.68 -9.99
N2 NAG XA . 27.18 53.13 -7.58
O3 NAG XA . 28.91 55.15 -6.30
O4 NAG XA . 29.17 54.97 -3.43
O5 NAG XA . 25.90 53.22 -4.01
O6 NAG XA . 27.78 54.09 -0.95
O7 NAG XA . 25.47 54.16 -8.65
C1 NAG YA . 15.54 -40.44 -31.95
C2 NAG YA . 14.86 -40.76 -30.54
C3 NAG YA . 15.14 -42.26 -30.18
C4 NAG YA . 14.57 -43.19 -31.32
C5 NAG YA . 15.23 -42.81 -32.68
C6 NAG YA . 14.64 -43.56 -33.87
C7 NAG YA . 14.68 -39.41 -28.44
C8 NAG YA . 15.27 -38.48 -27.42
N2 NAG YA . 15.40 -39.84 -29.50
O3 NAG YA . 14.53 -42.59 -28.93
O4 NAG YA . 14.86 -44.55 -30.99
O5 NAG YA . 14.99 -41.37 -32.96
O6 NAG YA . 14.98 -44.94 -33.88
O7 NAG YA . 13.50 -39.78 -28.28
C1 NAG ZA . 23.85 -24.89 -37.64
C2 NAG ZA . 25.37 -24.55 -37.90
C3 NAG ZA . 25.43 -23.36 -38.93
C4 NAG ZA . 24.70 -23.77 -40.25
C5 NAG ZA . 23.21 -24.15 -39.92
C6 NAG ZA . 22.45 -24.71 -41.14
C7 NAG ZA . 27.30 -24.49 -36.32
C8 NAG ZA . 27.92 -24.10 -35.01
N2 NAG ZA . 26.02 -24.18 -36.62
O3 NAG ZA . 26.79 -23.02 -39.22
O4 NAG ZA . 24.73 -22.67 -41.16
O5 NAG ZA . 23.20 -25.24 -38.91
O6 NAG ZA . 22.16 -23.70 -42.11
O7 NAG ZA . 28.00 -25.12 -37.13
C1 NAG AB . 4.88 -13.78 -51.45
C2 NAG AB . 6.22 -13.67 -50.61
C3 NAG AB . 7.40 -13.38 -51.59
C4 NAG AB . 7.52 -14.55 -52.62
C5 NAG AB . 6.16 -14.69 -53.40
C6 NAG AB . 6.17 -15.92 -54.32
C7 NAG AB . 5.98 -12.84 -48.28
C8 NAG AB . 5.88 -11.71 -47.30
N2 NAG AB . 6.11 -12.59 -49.60
O3 NAG AB . 8.63 -13.24 -50.85
O4 NAG AB . 8.58 -14.25 -53.53
O5 NAG AB . 5.04 -14.89 -52.43
O6 NAG AB . 5.04 -15.96 -55.17
O7 NAG AB . 5.94 -13.99 -47.84
C1 NAG BB . -44.91 3.64 -32.60
C2 NAG BB . -45.61 4.20 -31.29
C3 NAG BB . -46.97 3.44 -31.07
C4 NAG BB . -47.89 3.66 -32.33
C5 NAG BB . -47.14 3.14 -33.61
C6 NAG BB . -47.93 3.38 -34.90
C7 NAG BB . -44.35 3.09 -29.37
C8 NAG BB . -43.31 3.24 -28.29
N2 NAG BB . -44.62 4.15 -30.16
O3 NAG BB . -47.61 3.96 -29.90
O4 NAG BB . -49.12 2.95 -32.15
O5 NAG BB . -45.83 3.83 -33.75
O6 NAG BB . -47.35 2.72 -36.01
O7 NAG BB . -44.91 2.00 -29.51
C1 NAG CB . -23.42 2.85 -44.75
C2 NAG CB . -22.23 3.36 -45.66
C3 NAG CB . -22.27 4.93 -45.66
C4 NAG CB . -23.66 5.44 -46.16
C5 NAG CB . -24.80 4.83 -45.25
C6 NAG CB . -26.21 5.22 -45.68
C7 NAG CB . -20.27 1.81 -45.49
C8 NAG CB . -19.01 1.40 -44.78
N2 NAG CB . -20.95 2.89 -45.06
O3 NAG CB . -21.24 5.44 -46.52
O4 NAG CB . -23.70 6.87 -46.10
O5 NAG CB . -24.71 3.34 -45.26
O6 NAG CB . -27.15 5.03 -44.62
O7 NAG CB . -20.68 1.14 -46.46
C1 NAG DB . -12.76 9.19 -47.54
C2 NAG DB . -13.35 10.41 -46.71
C3 NAG DB . -13.61 11.60 -47.70
C4 NAG DB . -12.27 11.98 -48.42
C5 NAG DB . -11.69 10.74 -49.18
C6 NAG DB . -10.34 11.00 -49.82
C7 NAG DB . -14.71 9.78 -44.72
C8 NAG DB . -16.01 9.31 -44.12
N2 NAG DB . -14.60 9.96 -46.05
O3 NAG DB . -14.11 12.72 -46.96
O4 NAG DB . -12.51 13.04 -49.34
O5 NAG DB . -11.51 9.63 -48.21
O6 NAG DB . -9.91 9.90 -50.63
O7 NAG DB . -13.75 10.00 -43.95
C1 NAG EB . -10.03 -30.92 -37.08
C2 NAG EB . -10.45 -31.30 -38.58
C3 NAG EB . -11.86 -31.96 -38.56
C4 NAG EB . -11.84 -33.24 -37.63
C5 NAG EB . -11.42 -32.79 -36.19
C6 NAG EB . -11.31 -33.95 -35.19
C7 NAG EB . -9.64 -29.72 -40.32
C8 NAG EB . -9.76 -28.40 -41.03
N2 NAG EB . -10.50 -30.04 -39.35
O3 NAG EB . -12.22 -32.35 -39.90
O4 NAG EB . -13.14 -33.84 -37.60
O5 NAG EB . -10.08 -32.13 -36.25
O6 NAG EB . -11.11 -33.46 -33.86
O7 NAG EB . -8.75 -30.50 -40.66
C1 NAG FB . 5.80 -38.26 -25.18
C2 NAG FB . 5.94 -38.07 -23.59
C3 NAG FB . 5.04 -39.18 -22.90
C4 NAG FB . 3.56 -39.00 -23.36
C5 NAG FB . 3.49 -39.14 -24.91
C6 NAG FB . 2.10 -38.87 -25.48
C7 NAG FB . 7.92 -37.55 -22.17
C8 NAG FB . 9.35 -37.77 -21.76
N2 NAG FB . 7.36 -38.26 -23.18
O3 NAG FB . 5.12 -39.04 -21.46
O4 NAG FB . 2.76 -40.02 -22.75
O5 NAG FB . 4.39 -38.14 -25.55
O6 NAG FB . 2.05 -39.05 -26.89
O7 NAG FB . 7.26 -36.71 -21.55
C1 NAG GB . 32.23 -20.77 -18.23
C2 NAG GB . 33.17 -19.99 -19.16
C3 NAG GB . 34.35 -20.88 -19.52
C4 NAG GB . 35.05 -21.33 -18.23
C5 NAG GB . 34.03 -22.05 -17.35
C6 NAG GB . 34.62 -22.46 -16.02
C7 NAG GB . 31.93 -20.25 -21.27
C8 NAG GB . 31.30 -19.52 -22.41
N2 NAG GB . 32.51 -19.49 -20.34
O3 NAG GB . 35.24 -20.13 -20.34
O4 NAG GB . 36.07 -22.24 -18.58
O5 NAG GB . 32.92 -21.18 -17.07
O6 NAG GB . 33.81 -23.42 -15.35
O7 NAG GB . 31.92 -21.47 -21.20
#